data_9BSV
#
_entry.id   9BSV
#
_cell.length_a   1.00
_cell.length_b   1.00
_cell.length_c   1.00
_cell.angle_alpha   90.00
_cell.angle_beta   90.00
_cell.angle_gamma   90.00
#
_symmetry.space_group_name_H-M   'P 1'
#
loop_
_entity.id
_entity.type
_entity.pdbx_description
1 polymer Nanosota-EB2
2 polymer 'Envelope glycoprotein'
3 branched alpha-D-mannopyranose-(1-4)-[alpha-D-mannopyranose-(1-6)]alpha-D-mannopyranose-(1-6)-[alpha-D-mannopyranose-(1-3)]alpha-D-mannopyranose-(1-4)-2-acetamido-2-deoxy-beta-D-glucopyranose-(1-4)-2-acetamido-2-deoxy-beta-D-glucopyranose
4 branched alpha-D-mannopyranose-(1-2)-[beta-D-mannopyranose-(1-6)]alpha-D-mannopyranose-(1-6)-[alpha-D-mannopyranose-(1-3)]beta-D-mannopyranose-(1-4)-2-acetamido-2-deoxy-beta-D-glucopyranose-(1-4)-2-acetamido-2-deoxy-beta-D-glucopyranose
5 branched alpha-D-mannopyranose-(1-3)-alpha-D-mannopyranose-(1-6)-[alpha-D-mannopyranose-(1-3)]beta-D-mannopyranose-(1-4)-2-acetamido-2-deoxy-beta-D-glucopyranose-(1-4)-2-acetamido-2-deoxy-beta-D-glucopyranose
6 non-polymer alpha-D-mannopyranose
#
loop_
_entity_poly.entity_id
_entity_poly.type
_entity_poly.pdbx_seq_one_letter_code
_entity_poly.pdbx_strand_id
1 'polypeptide(L)'
;QVQLQESGGGVVQAGGSLRLSCSASGRTFSNYAMAWFRQAPGKDREFAAGINYNGERTAYADSVKGRFTISRDDAKNTVY
LQMNSLKPEDTAVYSCAARPWSIANLAYTYDSWGQGTQVTVSSGGQHHHHHHGAYPYDVPDYAS
;
D,E,F
2 'polypeptide(L)'
;MGVTGILQLPRDRFKRTSFFLWVIILFQRTFSIPLGVIHNSTLQVSDVDKLVCRDKLSSTNQLRSVGLNLEGNGVATDVP
SATKRWGFRSGVPPKVVNYEAGEWAENCYNLEIKKPDGSECLPAAPDGIRGFPRCRYVHKVSGTGPCAGDFAFHKEGAFF
LYDRLASTVIYRGTTFAEGVVAFLILPQAKKDFFSSHPLREPVNATEDPSSGYYSTTIRYQATGFGTNETEYLFEVDNLT
YVQLESRFTPQFLLQLNETIYTSGKRSNTTGKLIWKVNPEIDTTIGEWAFWETKKNLTRKIRSEELSFTVVSNGAKNISG
QSPARTSSDPGTNTTTEDHKIMASENSSAMVQVHSQGREAAVSHLTTLATISTSPQSLTTKPGPDNSTHNTPVYKLDISE
ATQVEQHHRRTDNDSTASDTPSATTAAGPPKAENTNTSKSTDFLDPATTTSPQNHSETAGNNNTHHQDTGEESASSGKLG
LITNTIAGVAGLITGGRRTRREAIVNAQPKCNPNLHYWTTQDEGAAIGLAWIPYFGPAAEGIYIEGLMHNQDGLICGLRQ
LANETTQALQLFLRATTELRTFSILNRKAIDFLLQRWGGTCHILGPDCCIEPHDWTKNITDKIDQIIHDFVDKTLPDQGD
NDNWWTGWRQWIPAGIGVTGVIIAVIALFCICKFVFGSGYIPEAPRDGQAYVRKDGEWVLLSTFLG
;
A,B,C
#
loop_
_chem_comp.id
_chem_comp.type
_chem_comp.name
_chem_comp.formula
BMA D-saccharide, beta linking beta-D-mannopyranose 'C6 H12 O6'
MAN D-saccharide, alpha linking alpha-D-mannopyranose 'C6 H12 O6'
NAG D-saccharide, beta linking 2-acetamido-2-deoxy-beta-D-glucopyranose 'C8 H15 N O6'
#
# COMPACT_ATOMS: atom_id res chain seq x y z
N GLN A 1 -18.46 -28.06 18.89
CA GLN A 1 -19.17 -29.20 19.45
C GLN A 1 -19.54 -30.19 18.36
N VAL A 2 -19.96 -31.40 18.77
CA VAL A 2 -20.48 -32.50 17.95
C VAL A 2 -19.32 -33.43 17.60
N GLN A 3 -19.46 -34.71 17.93
CA GLN A 3 -18.44 -35.71 17.66
C GLN A 3 -18.92 -36.63 16.55
N LEU A 4 -18.00 -37.00 15.66
CA LEU A 4 -18.32 -37.83 14.50
C LEU A 4 -17.54 -39.13 14.56
N GLN A 5 -18.12 -40.18 13.98
CA GLN A 5 -17.56 -41.53 14.08
C GLN A 5 -17.88 -42.27 12.79
N GLU A 6 -16.87 -42.44 11.94
CA GLU A 6 -17.08 -43.18 10.70
C GLU A 6 -16.94 -44.68 10.94
N SER A 7 -17.47 -45.45 9.99
CA SER A 7 -17.37 -46.90 10.02
C SER A 7 -17.73 -47.42 8.63
N GLY A 8 -17.39 -48.69 8.40
CA GLY A 8 -17.73 -49.35 7.15
C GLY A 8 -16.61 -49.44 6.13
N GLY A 9 -15.46 -48.85 6.40
CA GLY A 9 -14.34 -48.95 5.48
C GLY A 9 -13.76 -50.35 5.41
N GLY A 10 -12.99 -50.59 4.36
CA GLY A 10 -12.40 -51.90 4.18
C GLY A 10 -11.79 -52.04 2.80
N VAL A 11 -11.64 -53.29 2.36
CA VAL A 11 -11.02 -53.61 1.08
C VAL A 11 -12.08 -54.29 0.21
N VAL A 12 -12.25 -53.80 -1.01
CA VAL A 12 -13.23 -54.31 -1.95
C VAL A 12 -12.58 -54.45 -3.31
N GLN A 13 -13.16 -55.33 -4.14
CA GLN A 13 -12.67 -55.51 -5.50
C GLN A 13 -13.17 -54.39 -6.40
N ALA A 14 -12.53 -54.25 -7.56
CA ALA A 14 -12.94 -53.25 -8.53
C ALA A 14 -14.33 -53.57 -9.06
N GLY A 15 -15.15 -52.53 -9.21
CA GLY A 15 -16.51 -52.70 -9.65
C GLY A 15 -17.49 -53.11 -8.57
N GLY A 16 -17.04 -53.25 -7.33
CA GLY A 16 -17.90 -53.62 -6.22
C GLY A 16 -18.62 -52.44 -5.61
N SER A 17 -19.30 -52.71 -4.50
CA SER A 17 -20.07 -51.70 -3.80
C SER A 17 -19.64 -51.63 -2.34
N LEU A 18 -19.74 -50.43 -1.78
CA LEU A 18 -19.36 -50.21 -0.39
C LEU A 18 -20.20 -49.07 0.17
N ARG A 19 -20.56 -49.16 1.44
CA ARG A 19 -21.39 -48.16 2.11
C ARG A 19 -20.72 -47.74 3.40
N LEU A 20 -20.63 -46.43 3.61
CA LEU A 20 -20.03 -45.87 4.81
C LEU A 20 -21.11 -45.29 5.72
N SER A 21 -20.71 -44.97 6.95
CA SER A 21 -21.62 -44.40 7.93
C SER A 21 -20.89 -43.34 8.74
N CYS A 22 -21.67 -42.46 9.37
CA CYS A 22 -21.09 -41.38 10.19
C CYS A 22 -22.14 -40.98 11.22
N SER A 23 -21.97 -41.43 12.45
CA SER A 23 -22.87 -41.12 13.54
C SER A 23 -22.39 -39.90 14.30
N ALA A 24 -23.30 -38.98 14.57
CA ALA A 24 -22.97 -37.72 15.25
C ALA A 24 -23.64 -37.67 16.61
N SER A 25 -22.93 -37.14 17.59
CA SER A 25 -23.45 -36.98 18.94
C SER A 25 -24.31 -35.72 19.01
N GLY A 26 -24.73 -35.34 20.21
CA GLY A 26 -25.56 -34.18 20.38
C GLY A 26 -27.02 -34.46 20.04
N ARG A 27 -27.84 -33.43 20.21
CA ARG A 27 -29.27 -33.52 19.93
C ARG A 27 -29.74 -32.46 18.94
N THR A 28 -28.81 -31.78 18.26
CA THR A 28 -29.14 -30.78 17.24
C THR A 28 -28.61 -31.21 15.88
N PHE A 29 -28.77 -32.49 15.57
CA PHE A 29 -28.25 -33.02 14.31
C PHE A 29 -28.99 -32.43 13.11
N SER A 30 -30.29 -32.17 13.27
CA SER A 30 -31.09 -31.67 12.16
C SER A 30 -30.73 -30.23 11.78
N ASN A 31 -29.92 -29.55 12.57
CA ASN A 31 -29.49 -28.19 12.26
C ASN A 31 -28.15 -28.14 11.55
N TYR A 32 -27.52 -29.29 11.28
CA TYR A 32 -26.17 -29.34 10.74
C TYR A 32 -26.18 -29.98 9.36
N ALA A 33 -25.27 -29.52 8.51
CA ALA A 33 -25.02 -30.14 7.22
C ALA A 33 -23.82 -31.08 7.31
N MET A 34 -23.86 -32.14 6.52
CA MET A 34 -22.83 -33.15 6.56
C MET A 34 -22.25 -33.35 5.17
N ALA A 35 -20.93 -33.53 5.11
CA ALA A 35 -20.23 -33.70 3.84
C ALA A 35 -19.13 -34.73 4.03
N TRP A 36 -18.71 -35.33 2.91
CA TRP A 36 -17.67 -36.34 2.91
C TRP A 36 -16.47 -35.82 2.14
N PHE A 37 -15.28 -35.96 2.73
CA PHE A 37 -14.04 -35.56 2.09
C PHE A 37 -13.14 -36.78 1.96
N ARG A 38 -12.39 -36.83 0.87
CA ARG A 38 -11.45 -37.92 0.63
C ARG A 38 -10.08 -37.34 0.31
N GLN A 39 -9.04 -38.05 0.75
CA GLN A 39 -7.65 -37.61 0.58
C GLN A 39 -6.87 -38.75 -0.05
N ALA A 40 -6.53 -38.60 -1.32
CA ALA A 40 -5.71 -39.60 -1.99
C ALA A 40 -4.28 -39.56 -1.45
N PRO A 41 -3.57 -40.68 -1.50
CA PRO A 41 -2.18 -40.70 -1.01
C PRO A 41 -1.32 -39.68 -1.77
N GLY A 42 -0.64 -38.82 -1.02
CA GLY A 42 0.19 -37.80 -1.61
C GLY A 42 -0.56 -36.63 -2.19
N LYS A 43 -1.81 -36.42 -1.81
CA LYS A 43 -2.62 -35.33 -2.32
C LYS A 43 -3.35 -34.65 -1.16
N ASP A 44 -4.01 -33.54 -1.47
CA ASP A 44 -4.73 -32.77 -0.48
C ASP A 44 -6.18 -33.26 -0.33
N ARG A 45 -6.82 -32.80 0.73
CA ARG A 45 -8.21 -33.15 0.98
C ARG A 45 -9.12 -32.46 -0.03
N GLU A 46 -10.13 -33.20 -0.50
CA GLU A 46 -11.02 -32.67 -1.52
C GLU A 46 -12.46 -33.07 -1.23
N PHE A 47 -13.38 -32.30 -1.80
CA PHE A 47 -14.81 -32.50 -1.57
C PHE A 47 -15.34 -33.67 -2.39
N ALA A 48 -16.23 -34.45 -1.78
CA ALA A 48 -16.85 -35.59 -2.45
C ALA A 48 -18.36 -35.46 -2.57
N ALA A 49 -19.07 -35.22 -1.47
CA ALA A 49 -20.53 -35.16 -1.49
C ALA A 49 -21.01 -34.38 -0.28
N GLY A 50 -22.28 -34.01 -0.28
CA GLY A 50 -22.84 -33.26 0.82
C GLY A 50 -24.36 -33.30 0.82
N ILE A 51 -24.93 -32.75 1.90
CA ILE A 51 -26.38 -32.68 2.08
C ILE A 51 -26.69 -31.55 3.04
N ASN A 52 -27.93 -31.05 2.98
CA ASN A 52 -28.36 -29.94 3.82
C ASN A 52 -28.79 -30.42 5.19
N TYR A 53 -29.46 -29.54 5.93
CA TYR A 53 -30.08 -29.84 7.19
C TYR A 53 -31.45 -30.49 7.06
N ASN A 54 -32.01 -30.52 5.85
CA ASN A 54 -33.32 -31.14 5.64
C ASN A 54 -33.35 -31.94 4.35
N GLY A 55 -32.20 -32.47 3.92
CA GLY A 55 -32.13 -33.16 2.65
C GLY A 55 -32.23 -32.20 1.48
N GLU A 56 -33.26 -32.36 0.67
CA GLU A 56 -33.53 -31.46 -0.46
C GLU A 56 -32.35 -31.38 -1.43
N ARG A 57 -31.50 -30.38 -1.26
CA ARG A 57 -30.40 -30.14 -2.17
C ARG A 57 -29.20 -31.01 -1.78
N THR A 58 -28.63 -31.69 -2.76
CA THR A 58 -27.42 -32.49 -2.59
C THR A 58 -26.44 -32.14 -3.69
N ALA A 59 -25.15 -32.08 -3.34
CA ALA A 59 -24.10 -31.71 -4.27
C ALA A 59 -23.08 -32.83 -4.36
N TYR A 60 -22.61 -33.10 -5.57
CA TYR A 60 -21.62 -34.13 -5.82
C TYR A 60 -20.47 -33.56 -6.64
N ALA A 61 -19.28 -34.09 -6.40
CA ALA A 61 -18.13 -33.72 -7.23
C ALA A 61 -18.28 -34.35 -8.61
N ASP A 62 -17.59 -33.74 -9.59
CA ASP A 62 -17.69 -34.21 -10.96
C ASP A 62 -17.13 -35.62 -11.11
N SER A 63 -16.07 -35.95 -10.35
CA SER A 63 -15.45 -37.26 -10.48
C SER A 63 -16.40 -38.37 -10.04
N VAL A 64 -17.17 -38.13 -8.98
CA VAL A 64 -18.01 -39.16 -8.38
C VAL A 64 -19.48 -38.99 -8.71
N LYS A 65 -19.83 -38.04 -9.57
CA LYS A 65 -21.22 -37.79 -9.87
C LYS A 65 -21.84 -38.96 -10.63
N GLY A 66 -23.00 -39.41 -10.16
CA GLY A 66 -23.70 -40.53 -10.76
C GLY A 66 -23.38 -41.88 -10.14
N ARG A 67 -22.23 -42.00 -9.48
CA ARG A 67 -21.86 -43.25 -8.84
C ARG A 67 -22.11 -43.24 -7.34
N PHE A 68 -22.00 -42.09 -6.68
CA PHE A 68 -22.18 -41.97 -5.25
C PHE A 68 -23.53 -41.33 -4.94
N THR A 69 -24.19 -41.85 -3.91
CA THR A 69 -25.41 -41.25 -3.39
C THR A 69 -25.28 -41.06 -1.89
N ILE A 70 -25.75 -39.92 -1.40
CA ILE A 70 -25.63 -39.55 0.00
C ILE A 70 -27.03 -39.34 0.57
N SER A 71 -27.23 -39.84 1.79
CA SER A 71 -28.51 -39.71 2.47
C SER A 71 -28.28 -39.58 3.96
N ARG A 72 -29.30 -39.09 4.66
CA ARG A 72 -29.22 -38.89 6.10
C ARG A 72 -30.48 -39.41 6.76
N ASP A 73 -30.36 -39.77 8.04
CA ASP A 73 -31.47 -40.28 8.84
C ASP A 73 -31.46 -39.48 10.14
N ASP A 74 -32.36 -38.49 10.24
CA ASP A 74 -32.37 -37.63 11.41
C ASP A 74 -32.79 -38.36 12.68
N ALA A 75 -33.52 -39.46 12.56
CA ALA A 75 -33.93 -40.23 13.73
C ALA A 75 -32.81 -41.07 14.31
N LYS A 76 -31.71 -41.26 13.59
CA LYS A 76 -30.58 -42.04 14.06
C LYS A 76 -29.29 -41.25 14.16
N ASN A 77 -29.30 -39.97 13.79
CA ASN A 77 -28.11 -39.11 13.85
C ASN A 77 -26.96 -39.70 13.05
N THR A 78 -27.27 -40.25 11.88
CA THR A 78 -26.27 -40.85 11.00
C THR A 78 -26.47 -40.38 9.58
N VAL A 79 -25.38 -40.39 8.82
CA VAL A 79 -25.41 -40.15 7.38
C VAL A 79 -24.71 -41.32 6.69
N TYR A 80 -25.04 -41.50 5.42
CA TYR A 80 -24.53 -42.63 4.65
C TYR A 80 -24.00 -42.15 3.32
N LEU A 81 -23.03 -42.89 2.78
CA LEU A 81 -22.48 -42.65 1.47
C LEU A 81 -22.41 -43.97 0.72
N GLN A 82 -23.37 -44.20 -0.17
CA GLN A 82 -23.42 -45.43 -0.95
C GLN A 82 -22.53 -45.29 -2.17
N MET A 83 -21.59 -46.21 -2.32
CA MET A 83 -20.62 -46.18 -3.41
C MET A 83 -20.85 -47.35 -4.34
N ASN A 84 -20.98 -47.08 -5.63
CA ASN A 84 -21.21 -48.10 -6.64
C ASN A 84 -20.23 -47.92 -7.78
N SER A 85 -19.89 -49.03 -8.42
CA SER A 85 -18.97 -49.06 -9.56
C SER A 85 -17.64 -48.40 -9.21
N LEU A 86 -17.02 -48.93 -8.16
CA LEU A 86 -15.76 -48.38 -7.68
C LEU A 86 -14.64 -48.61 -8.69
N LYS A 87 -13.68 -47.70 -8.69
CA LYS A 87 -12.56 -47.70 -9.62
C LYS A 87 -11.26 -47.58 -8.84
N PRO A 88 -10.14 -48.04 -9.42
CA PRO A 88 -8.88 -48.09 -8.65
C PRO A 88 -8.40 -46.74 -8.15
N GLU A 89 -8.83 -45.63 -8.76
CA GLU A 89 -8.41 -44.31 -8.32
C GLU A 89 -9.28 -43.75 -7.19
N ASP A 90 -10.19 -44.54 -6.65
CA ASP A 90 -10.99 -44.14 -5.51
C ASP A 90 -10.34 -44.46 -4.17
N THR A 91 -9.14 -45.03 -4.18
CA THR A 91 -8.44 -45.34 -2.93
C THR A 91 -8.03 -44.04 -2.24
N ALA A 92 -8.55 -43.84 -1.03
CA ALA A 92 -8.27 -42.63 -0.26
C ALA A 92 -8.75 -42.85 1.15
N VAL A 93 -8.54 -41.85 2.01
CA VAL A 93 -9.04 -41.84 3.38
C VAL A 93 -10.27 -40.94 3.39
N TYR A 94 -11.43 -41.53 3.65
CA TYR A 94 -12.69 -40.81 3.58
C TYR A 94 -13.01 -40.23 4.96
N SER A 95 -13.24 -38.92 5.01
CA SER A 95 -13.45 -38.20 6.25
C SER A 95 -14.86 -37.62 6.29
N CYS A 96 -15.40 -37.52 7.49
CA CYS A 96 -16.74 -37.01 7.73
C CYS A 96 -16.66 -35.63 8.37
N ALA A 97 -17.44 -34.68 7.85
CA ALA A 97 -17.41 -33.31 8.33
C ALA A 97 -18.82 -32.82 8.58
N ALA A 98 -18.94 -31.87 9.51
CA ALA A 98 -20.22 -31.29 9.86
C ALA A 98 -20.07 -29.77 9.94
N ARG A 99 -21.15 -29.05 9.65
CA ARG A 99 -21.11 -27.57 9.57
C ARG A 99 -22.51 -26.99 9.79
N PRO A 100 -22.68 -25.72 10.21
CA PRO A 100 -24.01 -25.14 10.34
C PRO A 100 -24.88 -25.17 9.09
N TRP A 101 -26.20 -25.07 9.25
CA TRP A 101 -27.15 -25.18 8.10
C TRP A 101 -26.61 -24.53 6.85
N SER A 102 -26.37 -25.32 5.79
CA SER A 102 -25.90 -24.81 4.47
C SER A 102 -25.21 -25.95 3.74
N ILE A 103 -24.32 -25.63 2.79
CA ILE A 103 -23.52 -26.67 2.09
C ILE A 103 -22.31 -25.92 1.52
N ALA A 104 -21.13 -26.48 1.62
CA ALA A 104 -19.89 -25.81 1.27
C ALA A 104 -18.91 -26.79 0.65
N ASN A 105 -17.98 -26.24 -0.13
CA ASN A 105 -16.94 -27.01 -0.81
C ASN A 105 -15.58 -26.92 -0.12
N LEU A 106 -15.16 -25.71 0.27
CA LEU A 106 -13.87 -25.54 0.90
C LEU A 106 -13.86 -26.15 2.29
N ALA A 107 -12.72 -26.76 2.65
CA ALA A 107 -12.62 -27.51 3.88
C ALA A 107 -12.42 -26.64 5.12
N TYR A 108 -12.11 -25.36 4.93
CA TYR A 108 -11.80 -24.47 6.08
C TYR A 108 -13.08 -23.95 6.70
N THR A 109 -14.22 -24.21 6.09
CA THR A 109 -15.48 -23.62 6.59
C THR A 109 -16.23 -24.61 7.44
N TYR A 110 -15.70 -25.81 7.63
CA TYR A 110 -16.39 -26.85 8.42
C TYR A 110 -15.94 -26.75 9.87
N ASP A 111 -16.77 -27.19 10.82
CA ASP A 111 -16.45 -27.01 12.26
C ASP A 111 -15.97 -28.33 12.89
N SER A 112 -16.70 -29.41 12.69
CA SER A 112 -16.39 -30.70 13.29
C SER A 112 -15.88 -31.66 12.22
N TRP A 113 -14.85 -32.42 12.58
CA TRP A 113 -14.25 -33.40 11.69
C TRP A 113 -14.14 -34.75 12.40
N GLY A 114 -14.21 -35.82 11.61
CA GLY A 114 -13.93 -37.14 12.12
C GLY A 114 -12.52 -37.59 11.75
N GLN A 115 -12.09 -38.68 12.38
CA GLN A 115 -10.74 -39.18 12.14
C GLN A 115 -10.60 -39.84 10.77
N GLY A 116 -11.69 -40.26 10.16
CA GLY A 116 -11.60 -40.82 8.83
C GLY A 116 -11.45 -42.33 8.83
N THR A 117 -11.82 -42.94 7.70
CA THR A 117 -11.71 -44.37 7.51
C THR A 117 -10.99 -44.65 6.20
N GLN A 118 -10.37 -45.83 6.12
CA GLN A 118 -9.57 -46.21 4.97
C GLN A 118 -10.39 -47.07 4.02
N VAL A 119 -10.40 -46.70 2.75
CA VAL A 119 -11.06 -47.46 1.70
C VAL A 119 -10.01 -47.79 0.64
N THR A 120 -9.77 -49.08 0.42
CA THR A 120 -8.80 -49.54 -0.55
C THR A 120 -9.49 -50.50 -1.51
N VAL A 121 -9.41 -50.22 -2.81
CA VAL A 121 -9.99 -51.06 -3.85
C VAL A 121 -8.84 -51.65 -4.66
N SER A 122 -8.90 -52.95 -4.90
CA SER A 122 -7.83 -53.67 -5.57
C SER A 122 -8.20 -53.97 -7.01
N SER A 123 -7.24 -53.79 -7.91
CA SER A 123 -7.46 -54.06 -9.33
C SER A 123 -7.62 -55.56 -9.59
N SER B 32 -5.45 -15.59 4.20
CA SER B 32 -5.94 -16.93 3.94
C SER B 32 -7.20 -16.89 3.09
N ILE B 33 -7.43 -15.76 2.42
CA ILE B 33 -8.61 -15.58 1.58
C ILE B 33 -8.45 -16.41 0.31
N PRO B 34 -9.38 -17.31 0.02
CA PRO B 34 -9.27 -18.10 -1.21
C PRO B 34 -9.41 -17.22 -2.45
N LEU B 35 -8.74 -17.64 -3.52
CA LEU B 35 -8.79 -16.93 -4.78
C LEU B 35 -8.79 -17.95 -5.93
N GLY B 36 -9.63 -17.71 -6.91
CA GLY B 36 -9.83 -18.64 -8.01
C GLY B 36 -9.04 -18.25 -9.25
N VAL B 37 -8.70 -19.27 -10.05
CA VAL B 37 -7.93 -19.11 -11.27
C VAL B 37 -8.77 -19.60 -12.44
N ILE B 38 -8.89 -18.78 -13.47
CA ILE B 38 -9.66 -19.11 -14.67
C ILE B 38 -8.72 -19.62 -15.74
N HIS B 39 -9.03 -20.77 -16.31
CA HIS B 39 -8.28 -21.33 -17.43
C HIS B 39 -9.24 -22.07 -18.34
N ASN B 40 -9.33 -21.62 -19.59
CA ASN B 40 -10.22 -22.22 -20.59
C ASN B 40 -11.67 -22.27 -20.09
N SER B 41 -12.13 -21.15 -19.52
CA SER B 41 -13.48 -21.02 -18.99
C SER B 41 -13.78 -22.09 -17.94
N THR B 42 -12.77 -22.40 -17.11
CA THR B 42 -12.91 -23.31 -15.99
C THR B 42 -12.37 -22.63 -14.74
N LEU B 43 -13.07 -22.80 -13.63
CA LEU B 43 -12.69 -22.16 -12.37
C LEU B 43 -12.07 -23.18 -11.44
N GLN B 44 -10.88 -22.88 -10.94
CA GLN B 44 -10.20 -23.72 -9.96
C GLN B 44 -9.80 -22.85 -8.77
N VAL B 45 -10.10 -23.32 -7.57
CA VAL B 45 -9.79 -22.59 -6.35
C VAL B 45 -8.48 -23.11 -5.79
N SER B 46 -7.53 -22.20 -5.57
CA SER B 46 -6.23 -22.57 -5.03
C SER B 46 -5.60 -21.35 -4.40
N ASP B 47 -5.07 -21.51 -3.20
CA ASP B 47 -4.43 -20.40 -2.51
C ASP B 47 -3.14 -20.01 -3.23
N VAL B 48 -2.66 -18.81 -2.94
CA VAL B 48 -1.52 -18.26 -3.66
C VAL B 48 -0.23 -18.99 -3.33
N ASP B 49 -0.15 -19.65 -2.19
CA ASP B 49 1.09 -20.25 -1.74
C ASP B 49 1.51 -21.48 -2.55
N LYS B 50 0.64 -22.03 -3.39
CA LYS B 50 0.98 -23.19 -4.20
C LYS B 50 -0.07 -23.35 -5.29
N LEU B 51 0.17 -24.32 -6.19
CA LEU B 51 -0.70 -24.58 -7.34
C LEU B 51 -0.87 -23.36 -8.24
N VAL B 52 0.16 -22.53 -8.34
CA VAL B 52 0.16 -21.46 -9.33
C VAL B 52 1.44 -21.53 -10.15
N CYS B 53 2.02 -22.73 -10.24
CA CYS B 53 3.24 -22.93 -11.03
C CYS B 53 2.94 -22.84 -12.52
N ARG B 54 2.05 -23.70 -13.02
CA ARG B 54 1.61 -23.62 -14.41
C ARG B 54 0.72 -22.42 -14.68
N ASP B 55 0.30 -21.70 -13.64
CA ASP B 55 -0.56 -20.54 -13.78
C ASP B 55 0.31 -19.30 -13.94
N LYS B 56 0.24 -18.67 -15.11
CA LYS B 56 1.09 -17.53 -15.43
C LYS B 56 0.52 -16.25 -14.84
N LEU B 57 1.27 -15.64 -13.94
CA LEU B 57 0.99 -14.30 -13.43
C LEU B 57 2.07 -13.36 -13.93
N SER B 58 1.66 -12.35 -14.69
CA SER B 58 2.62 -11.44 -15.33
C SER B 58 2.48 -9.99 -14.91
N SER B 59 1.32 -9.57 -14.43
CA SER B 59 1.13 -8.19 -14.00
C SER B 59 -0.05 -8.13 -13.04
N THR B 60 -0.15 -7.01 -12.34
CA THR B 60 -1.27 -6.82 -11.42
C THR B 60 -2.59 -6.59 -12.13
N ASN B 61 -2.58 -6.41 -13.45
CA ASN B 61 -3.83 -6.30 -14.19
C ASN B 61 -4.62 -7.60 -14.18
N GLN B 62 -3.99 -8.72 -13.85
CA GLN B 62 -4.67 -10.01 -13.82
C GLN B 62 -5.39 -10.26 -12.49
N LEU B 63 -5.18 -9.42 -11.49
CA LEU B 63 -5.81 -9.58 -10.19
C LEU B 63 -7.07 -8.72 -10.16
N ARG B 64 -8.22 -9.36 -9.96
CA ARG B 64 -9.50 -8.68 -9.99
C ARG B 64 -10.35 -9.15 -8.82
N SER B 65 -11.22 -8.24 -8.35
CA SER B 65 -12.17 -8.54 -7.29
C SER B 65 -13.56 -8.21 -7.78
N VAL B 66 -14.50 -9.14 -7.60
CA VAL B 66 -15.84 -9.03 -8.16
C VAL B 66 -16.86 -9.12 -7.03
N GLY B 67 -17.84 -8.22 -7.06
CA GLY B 67 -18.92 -8.25 -6.09
C GLY B 67 -20.23 -8.73 -6.70
N LEU B 68 -20.75 -9.85 -6.22
CA LEU B 68 -21.92 -10.49 -6.79
C LEU B 68 -23.11 -10.36 -5.84
N ASN B 69 -24.27 -10.04 -6.39
CA ASN B 69 -25.47 -9.81 -5.60
C ASN B 69 -26.04 -11.15 -5.10
N LEU B 70 -26.77 -11.07 -3.98
CA LEU B 70 -27.41 -12.25 -3.43
C LEU B 70 -28.67 -12.64 -4.17
N GLU B 71 -29.34 -11.70 -4.82
CA GLU B 71 -30.60 -12.01 -5.48
C GLU B 71 -30.41 -13.00 -6.62
N GLY B 72 -29.20 -13.15 -7.13
CA GLY B 72 -28.92 -14.19 -8.11
C GLY B 72 -28.83 -15.57 -7.53
N ASN B 73 -28.83 -15.70 -6.21
CA ASN B 73 -28.82 -16.99 -5.54
C ASN B 73 -30.21 -17.49 -5.19
N GLY B 74 -31.25 -16.73 -5.51
CA GLY B 74 -32.62 -17.16 -5.27
C GLY B 74 -33.24 -16.68 -3.98
N VAL B 75 -32.63 -15.73 -3.28
CA VAL B 75 -33.19 -15.26 -2.02
C VAL B 75 -34.40 -14.36 -2.29
N ALA B 76 -35.34 -14.36 -1.34
CA ALA B 76 -36.48 -13.46 -1.43
C ALA B 76 -36.03 -12.01 -1.35
N THR B 77 -36.66 -11.15 -2.15
CA THR B 77 -36.17 -9.80 -2.35
C THR B 77 -37.17 -8.71 -2.02
N ASP B 78 -38.41 -9.04 -1.67
CA ASP B 78 -39.36 -8.01 -1.30
C ASP B 78 -39.00 -7.40 0.05
N VAL B 79 -39.57 -6.22 0.31
CA VAL B 79 -39.19 -5.46 1.51
C VAL B 79 -39.48 -6.21 2.81
N PRO B 80 -40.66 -6.81 3.01
CA PRO B 80 -40.90 -7.50 4.30
C PRO B 80 -39.90 -8.61 4.59
N SER B 81 -39.44 -9.33 3.59
CA SER B 81 -38.49 -10.41 3.83
C SER B 81 -37.05 -9.93 3.92
N ALA B 82 -36.69 -8.89 3.16
CA ALA B 82 -35.33 -8.37 3.22
C ALA B 82 -35.07 -7.64 4.53
N THR B 83 -36.11 -7.07 5.14
CA THR B 83 -35.93 -6.36 6.40
C THR B 83 -35.48 -7.30 7.52
N LYS B 84 -36.01 -8.52 7.54
CA LYS B 84 -35.70 -9.46 8.60
C LYS B 84 -34.26 -9.92 8.59
N ARG B 85 -33.50 -9.64 7.53
CA ARG B 85 -32.11 -10.06 7.45
C ARG B 85 -31.13 -9.06 8.03
N TRP B 86 -31.60 -7.89 8.47
CA TRP B 86 -30.74 -6.84 9.01
C TRP B 86 -31.11 -6.60 10.48
N GLY B 87 -30.08 -6.52 11.33
CA GLY B 87 -30.30 -6.30 12.74
C GLY B 87 -29.34 -5.26 13.27
N PHE B 88 -29.63 -4.79 14.49
CA PHE B 88 -28.87 -3.72 15.13
C PHE B 88 -27.99 -4.28 16.23
N ARG B 89 -26.73 -3.87 16.23
CA ARG B 89 -25.76 -4.26 17.25
C ARG B 89 -24.95 -3.05 17.67
N SER B 90 -24.51 -3.06 18.93
CA SER B 90 -23.64 -2.04 19.47
C SER B 90 -22.38 -2.69 20.03
N GLY B 91 -21.23 -2.10 19.73
CA GLY B 91 -19.96 -2.58 20.22
C GLY B 91 -19.02 -3.17 19.20
N VAL B 92 -19.33 -3.08 17.91
CA VAL B 92 -18.48 -3.61 16.86
C VAL B 92 -18.20 -2.49 15.86
N PRO B 93 -16.94 -2.09 15.66
CA PRO B 93 -16.66 -1.03 14.68
C PRO B 93 -16.89 -1.53 13.26
N PRO B 94 -17.26 -0.64 12.35
CA PRO B 94 -17.49 -1.05 10.96
C PRO B 94 -16.24 -0.95 10.09
N LYS B 95 -16.19 -1.81 9.08
CA LYS B 95 -15.09 -1.86 8.13
C LYS B 95 -15.66 -1.94 6.71
N VAL B 96 -14.86 -1.51 5.74
CA VAL B 96 -15.26 -1.55 4.33
C VAL B 96 -14.13 -2.14 3.50
N VAL B 97 -14.51 -2.68 2.34
CA VAL B 97 -13.56 -3.17 1.34
C VAL B 97 -13.99 -2.60 0.00
N ASN B 98 -13.04 -2.52 -0.93
CA ASN B 98 -13.33 -2.08 -2.28
C ASN B 98 -13.34 -3.28 -3.23
N TYR B 99 -14.24 -3.22 -4.21
CA TYR B 99 -14.30 -4.20 -5.28
C TYR B 99 -14.34 -3.46 -6.61
N GLU B 100 -13.78 -4.08 -7.64
CA GLU B 100 -13.51 -3.37 -8.89
C GLU B 100 -14.52 -3.65 -9.99
N ALA B 101 -15.26 -4.76 -9.92
CA ALA B 101 -16.29 -5.08 -10.89
C ALA B 101 -17.55 -5.49 -10.16
N GLY B 102 -18.70 -5.17 -10.76
CA GLY B 102 -19.97 -5.46 -10.13
C GLY B 102 -20.94 -6.19 -11.02
N GLU B 103 -22.24 -6.07 -10.71
CA GLU B 103 -23.28 -6.75 -11.46
C GLU B 103 -24.56 -5.94 -11.38
N TRP B 104 -25.34 -5.99 -12.46
CA TRP B 104 -26.64 -5.31 -12.48
C TRP B 104 -27.56 -5.91 -11.42
N ALA B 105 -28.25 -5.03 -10.70
CA ALA B 105 -29.11 -5.44 -9.59
C ALA B 105 -30.57 -5.16 -9.94
N GLU B 106 -31.42 -6.16 -9.76
CA GLU B 106 -32.85 -5.97 -10.00
C GLU B 106 -33.51 -5.14 -8.91
N ASN B 107 -33.08 -5.29 -7.66
CA ASN B 107 -33.69 -4.60 -6.54
C ASN B 107 -32.61 -3.96 -5.68
N CYS B 108 -32.84 -2.72 -5.26
CA CYS B 108 -31.94 -2.00 -4.39
C CYS B 108 -32.77 -1.28 -3.34
N TYR B 109 -32.14 -0.94 -2.22
CA TYR B 109 -32.84 -0.41 -1.06
C TYR B 109 -32.25 0.92 -0.62
N ASN B 110 -33.05 1.68 0.11
CA ASN B 110 -32.65 3.02 0.58
C ASN B 110 -33.41 3.30 1.87
N LEU B 111 -32.72 3.27 3.00
CA LEU B 111 -33.35 3.32 4.31
C LEU B 111 -33.30 4.73 4.88
N GLU B 112 -34.38 5.14 5.55
CA GLU B 112 -34.47 6.42 6.23
C GLU B 112 -35.15 6.25 7.58
N ILE B 113 -34.74 5.24 8.33
CA ILE B 113 -35.39 4.90 9.60
C ILE B 113 -35.13 5.99 10.63
N LYS B 114 -36.08 6.15 11.56
CA LYS B 114 -35.99 7.14 12.62
C LYS B 114 -36.44 6.50 13.93
N LYS B 115 -35.90 7.02 15.03
CA LYS B 115 -36.34 6.58 16.35
C LYS B 115 -37.72 7.17 16.67
N PRO B 116 -38.44 6.57 17.62
CA PRO B 116 -39.76 7.10 17.96
C PRO B 116 -39.74 8.54 18.44
N ASP B 117 -38.69 8.96 19.15
CA ASP B 117 -38.62 10.34 19.62
C ASP B 117 -38.30 11.30 18.48
N GLY B 118 -37.61 10.83 17.44
CA GLY B 118 -37.27 11.67 16.31
C GLY B 118 -35.81 11.61 15.91
N SER B 119 -35.01 10.91 16.71
CA SER B 119 -33.58 10.82 16.44
C SER B 119 -33.31 9.87 15.28
N GLU B 120 -32.18 10.08 14.62
CA GLU B 120 -31.76 9.20 13.53
C GLU B 120 -31.25 7.88 14.08
N CYS B 121 -31.45 6.81 13.32
CA CYS B 121 -30.86 5.52 13.64
C CYS B 121 -29.60 5.21 12.84
N LEU B 122 -29.50 5.69 11.61
CA LEU B 122 -28.40 5.31 10.74
C LEU B 122 -27.40 6.45 10.62
N PRO B 123 -26.11 6.15 10.65
CA PRO B 123 -25.11 7.21 10.49
C PRO B 123 -25.10 7.77 9.07
N ALA B 124 -24.70 9.03 8.96
CA ALA B 124 -24.55 9.64 7.65
C ALA B 124 -23.38 9.00 6.91
N ALA B 125 -23.53 8.88 5.60
CA ALA B 125 -22.52 8.22 4.80
C ALA B 125 -21.25 9.05 4.76
N PRO B 126 -20.07 8.42 4.81
CA PRO B 126 -18.82 9.17 4.68
C PRO B 126 -18.68 9.84 3.32
N ASP B 127 -17.62 10.63 3.14
CA ASP B 127 -17.48 11.42 1.92
C ASP B 127 -17.30 10.55 0.69
N GLY B 128 -16.54 9.47 0.80
CA GLY B 128 -16.25 8.65 -0.36
C GLY B 128 -17.28 7.62 -0.73
N ILE B 129 -18.40 7.55 -0.02
CA ILE B 129 -19.42 6.53 -0.24
C ILE B 129 -20.51 7.11 -1.12
N ARG B 130 -20.88 6.38 -2.16
CA ARG B 130 -21.97 6.75 -3.06
C ARG B 130 -22.87 5.56 -3.29
N GLY B 131 -24.07 5.83 -3.79
CA GLY B 131 -25.05 4.79 -3.99
C GLY B 131 -24.63 3.80 -5.07
N PHE B 132 -25.33 2.66 -5.08
CA PHE B 132 -25.02 1.61 -6.03
C PHE B 132 -25.24 2.12 -7.46
N PRO B 133 -24.33 1.84 -8.38
CA PRO B 133 -24.42 2.44 -9.72
C PRO B 133 -25.62 1.99 -10.54
N ARG B 134 -25.85 0.69 -10.62
CA ARG B 134 -26.79 0.13 -11.59
C ARG B 134 -27.90 -0.61 -10.85
N CYS B 135 -29.07 0.01 -10.79
CA CYS B 135 -30.24 -0.60 -10.18
C CYS B 135 -31.44 -0.43 -11.09
N ARG B 136 -32.39 -1.36 -11.00
CA ARG B 136 -33.62 -1.29 -11.78
C ARG B 136 -34.79 -0.76 -10.97
N TYR B 137 -34.97 -1.27 -9.75
CA TYR B 137 -35.93 -0.73 -8.80
C TYR B 137 -35.20 -0.34 -7.52
N VAL B 138 -35.61 0.78 -6.93
CA VAL B 138 -35.06 1.25 -5.67
C VAL B 138 -36.20 1.32 -4.67
N HIS B 139 -36.16 0.47 -3.67
CA HIS B 139 -37.18 0.43 -2.63
C HIS B 139 -36.79 1.40 -1.52
N LYS B 140 -37.48 2.54 -1.47
CA LYS B 140 -37.24 3.52 -0.41
C LYS B 140 -38.09 3.17 0.79
N VAL B 141 -37.44 2.82 1.90
CA VAL B 141 -38.11 2.47 3.14
C VAL B 141 -37.90 3.59 4.14
N SER B 142 -39.00 4.11 4.68
CA SER B 142 -38.94 5.21 5.64
C SER B 142 -40.00 4.98 6.70
N GLY B 143 -39.63 5.12 7.96
CA GLY B 143 -40.57 4.93 9.05
C GLY B 143 -39.87 4.97 10.38
N THR B 144 -40.61 4.60 11.41
CA THR B 144 -40.12 4.60 12.78
C THR B 144 -40.09 3.19 13.34
N GLY B 145 -39.15 2.94 14.23
CA GLY B 145 -39.01 1.65 14.88
C GLY B 145 -37.95 1.67 15.94
N PRO B 146 -37.89 0.63 16.75
CA PRO B 146 -36.84 0.56 17.78
C PRO B 146 -35.48 0.36 17.15
N CYS B 147 -34.46 0.94 17.80
CA CYS B 147 -33.10 0.91 17.28
C CYS B 147 -32.18 0.61 18.46
N ALA B 148 -31.89 -0.67 18.68
CA ALA B 148 -31.16 -1.07 19.87
C ALA B 148 -29.69 -0.64 19.80
N GLY B 149 -28.97 -1.13 18.79
CA GLY B 149 -27.54 -0.89 18.69
C GLY B 149 -27.21 0.42 18.00
N ASP B 150 -25.92 0.59 17.71
CA ASP B 150 -25.43 1.78 17.03
C ASP B 150 -25.41 1.63 15.52
N PHE B 151 -25.19 0.42 15.01
CA PHE B 151 -25.08 0.17 13.58
C PHE B 151 -25.95 -1.01 13.20
N ALA B 152 -26.33 -1.05 11.93
CA ALA B 152 -27.15 -2.12 11.38
C ALA B 152 -26.26 -3.08 10.60
N PHE B 153 -26.26 -4.34 10.99
CA PHE B 153 -25.45 -5.37 10.35
C PHE B 153 -26.32 -6.35 9.59
N HIS B 154 -25.67 -7.22 8.83
CA HIS B 154 -26.34 -8.29 8.10
C HIS B 154 -26.33 -9.54 8.96
N LYS B 155 -27.51 -10.09 9.23
CA LYS B 155 -27.62 -11.26 10.10
C LYS B 155 -27.03 -12.52 9.48
N GLU B 156 -26.75 -12.51 8.17
CA GLU B 156 -26.23 -13.69 7.49
C GLU B 156 -24.76 -13.59 7.14
N GLY B 157 -24.12 -12.43 7.35
CA GLY B 157 -22.71 -12.27 7.11
C GLY B 157 -22.36 -11.58 5.81
N ALA B 158 -23.33 -11.30 4.95
CA ALA B 158 -23.05 -10.68 3.67
C ALA B 158 -22.72 -9.19 3.85
N PHE B 159 -22.33 -8.56 2.76
CA PHE B 159 -21.96 -7.14 2.76
C PHE B 159 -23.06 -6.30 2.14
N PHE B 160 -22.92 -4.99 2.31
CA PHE B 160 -23.71 -4.00 1.60
C PHE B 160 -22.80 -3.26 0.63
N LEU B 161 -23.19 -3.24 -0.65
CA LEU B 161 -22.33 -2.72 -1.71
C LEU B 161 -22.72 -1.30 -2.07
N TYR B 162 -21.78 -0.37 -1.95
CA TYR B 162 -21.96 1.03 -2.32
C TYR B 162 -20.89 1.45 -3.31
N ASP B 163 -21.14 1.24 -4.60
CA ASP B 163 -20.35 1.84 -5.68
C ASP B 163 -18.86 1.55 -5.49
N ARG B 164 -18.54 0.26 -5.64
CA ARG B 164 -17.15 -0.22 -5.56
C ARG B 164 -16.59 -0.06 -4.15
N LEU B 165 -17.46 -0.13 -3.14
CA LEU B 165 -17.03 -0.06 -1.74
C LEU B 165 -18.00 -0.90 -0.94
N ALA B 166 -17.58 -2.11 -0.56
CA ALA B 166 -18.42 -3.04 0.17
C ALA B 166 -18.24 -2.81 1.66
N SER B 167 -19.32 -2.42 2.33
CA SER B 167 -19.32 -2.16 3.76
C SER B 167 -20.06 -3.27 4.50
N THR B 168 -19.96 -3.23 5.83
CA THR B 168 -20.68 -4.17 6.68
C THR B 168 -21.82 -3.51 7.45
N VAL B 169 -22.08 -2.22 7.23
CA VAL B 169 -23.14 -1.50 7.92
C VAL B 169 -23.94 -0.72 6.91
N ILE B 170 -25.15 -0.32 7.31
CA ILE B 170 -26.05 0.45 6.47
C ILE B 170 -25.88 1.92 6.78
N TYR B 171 -25.70 2.74 5.76
CA TYR B 171 -25.61 4.18 5.89
C TYR B 171 -26.93 4.82 5.50
N ARG B 172 -27.15 6.02 6.02
CA ARG B 172 -28.45 6.68 5.88
C ARG B 172 -28.60 7.28 4.50
N GLY B 173 -29.68 6.91 3.81
CA GLY B 173 -30.06 7.57 2.58
C GLY B 173 -29.20 7.28 1.38
N THR B 174 -28.48 6.16 1.36
CA THR B 174 -27.66 5.78 0.22
C THR B 174 -28.15 4.45 -0.32
N THR B 175 -28.31 4.38 -1.63
CA THR B 175 -28.79 3.15 -2.27
C THR B 175 -27.72 2.06 -2.20
N PHE B 176 -28.15 0.86 -1.81
CA PHE B 176 -27.23 -0.26 -1.69
C PHE B 176 -27.89 -1.53 -2.21
N ALA B 177 -27.05 -2.47 -2.62
CA ALA B 177 -27.49 -3.81 -2.99
C ALA B 177 -26.64 -4.80 -2.21
N GLU B 178 -27.29 -5.73 -1.52
CA GLU B 178 -26.59 -6.66 -0.64
C GLU B 178 -25.99 -7.81 -1.46
N GLY B 179 -24.74 -8.14 -1.15
CA GLY B 179 -24.04 -9.16 -1.90
C GLY B 179 -22.75 -9.56 -1.22
N VAL B 180 -21.94 -10.31 -1.96
CA VAL B 180 -20.67 -10.83 -1.45
C VAL B 180 -19.58 -10.56 -2.48
N VAL B 181 -18.33 -10.70 -2.03
CA VAL B 181 -17.16 -10.31 -2.80
C VAL B 181 -16.25 -11.52 -3.00
N ALA B 182 -15.68 -11.65 -4.20
CA ALA B 182 -14.78 -12.74 -4.54
C ALA B 182 -13.51 -12.18 -5.18
N PHE B 183 -12.39 -12.85 -4.91
CA PHE B 183 -11.08 -12.46 -5.44
C PHE B 183 -10.66 -13.47 -6.49
N LEU B 184 -9.99 -13.00 -7.53
CA LEU B 184 -9.90 -13.78 -8.76
C LEU B 184 -8.63 -13.42 -9.52
N ILE B 185 -8.12 -14.41 -10.27
CA ILE B 185 -6.98 -14.23 -11.17
C ILE B 185 -7.47 -14.53 -12.59
N LEU B 186 -7.11 -13.66 -13.52
CA LEU B 186 -7.68 -13.71 -14.86
C LEU B 186 -6.74 -14.38 -15.85
N PRO B 187 -7.23 -14.76 -17.03
CA PRO B 187 -6.32 -15.20 -18.09
C PRO B 187 -5.34 -14.11 -18.48
N GLN B 188 -4.38 -14.48 -19.33
CA GLN B 188 -3.16 -13.69 -19.49
C GLN B 188 -3.45 -12.25 -19.88
N ALA B 189 -3.87 -12.02 -21.13
CA ALA B 189 -4.49 -10.73 -21.45
C ALA B 189 -5.84 -10.93 -22.13
N LYS B 190 -5.81 -11.60 -23.28
CA LYS B 190 -6.98 -11.91 -24.11
C LYS B 190 -7.79 -10.68 -24.49
N LYS B 191 -7.33 -9.48 -24.12
CA LYS B 191 -8.03 -8.22 -24.36
C LYS B 191 -9.54 -8.31 -24.11
N ASP B 192 -9.96 -9.14 -23.15
CA ASP B 192 -11.36 -9.51 -23.01
C ASP B 192 -11.66 -9.70 -21.52
N PHE B 193 -12.78 -10.38 -21.25
CA PHE B 193 -13.19 -10.76 -19.90
C PHE B 193 -13.38 -9.52 -19.04
N PHE B 194 -14.54 -8.87 -19.17
CA PHE B 194 -14.84 -7.50 -18.74
C PHE B 194 -14.32 -6.49 -19.74
N SER B 195 -14.43 -6.83 -21.02
CA SER B 195 -14.36 -5.84 -22.10
C SER B 195 -15.73 -5.17 -22.20
N SER B 196 -15.95 -4.42 -23.28
CA SER B 196 -17.20 -3.68 -23.47
C SER B 196 -18.12 -4.45 -24.40
N HIS B 197 -19.28 -4.86 -23.88
CA HIS B 197 -20.33 -5.59 -24.61
C HIS B 197 -19.78 -6.78 -25.39
N PRO B 198 -19.32 -7.84 -24.73
CA PRO B 198 -18.92 -9.03 -25.49
C PRO B 198 -20.10 -9.81 -26.04
N LEU B 199 -21.15 -10.01 -25.24
CA LEU B 199 -22.31 -10.81 -25.62
C LEU B 199 -21.91 -12.17 -26.16
N GLY B 212 -30.28 0.37 -22.38
CA GLY B 212 -30.58 1.62 -21.71
C GLY B 212 -30.72 1.47 -20.21
N TYR B 213 -30.38 2.53 -19.47
CA TYR B 213 -30.46 2.54 -18.03
C TYR B 213 -31.69 3.34 -17.59
N TYR B 214 -32.55 2.71 -16.80
CA TYR B 214 -33.77 3.36 -16.32
C TYR B 214 -34.18 2.71 -15.01
N SER B 215 -34.17 3.47 -13.93
CA SER B 215 -34.53 2.98 -12.60
C SER B 215 -35.77 3.69 -12.11
N THR B 216 -36.72 2.93 -11.60
CA THR B 216 -37.95 3.45 -11.03
C THR B 216 -37.88 3.42 -9.51
N THR B 217 -38.65 4.30 -8.89
CA THR B 217 -38.68 4.44 -7.44
C THR B 217 -40.00 3.90 -6.89
N ILE B 218 -39.90 3.04 -5.88
CA ILE B 218 -41.07 2.49 -5.20
C ILE B 218 -40.94 2.84 -3.73
N ARG B 219 -41.90 3.61 -3.22
CA ARG B 219 -41.82 4.16 -1.87
C ARG B 219 -42.69 3.35 -0.92
N TYR B 220 -42.18 3.09 0.28
CA TYR B 220 -42.87 2.32 1.30
C TYR B 220 -42.99 3.15 2.57
N GLN B 221 -43.56 2.54 3.60
CA GLN B 221 -43.64 3.15 4.93
C GLN B 221 -43.89 2.04 5.94
N ALA B 222 -43.04 1.93 6.95
CA ALA B 222 -43.10 0.85 7.91
C ALA B 222 -43.10 1.41 9.33
N THR B 223 -43.71 0.66 10.25
CA THR B 223 -43.71 0.99 11.66
C THR B 223 -43.32 -0.26 12.45
N GLY B 224 -42.69 -0.04 13.60
CA GLY B 224 -42.17 -1.16 14.38
C GLY B 224 -41.08 -1.92 13.66
N PHE B 225 -40.15 -1.20 13.04
CA PHE B 225 -39.08 -1.80 12.24
C PHE B 225 -38.23 -2.74 13.08
N ALA B 503 -12.17 -28.03 -8.86
CA ALA B 503 -13.42 -27.54 -9.44
C ALA B 503 -14.54 -27.58 -8.41
N ILE B 504 -15.07 -26.41 -8.07
CA ILE B 504 -16.13 -26.32 -7.09
C ILE B 504 -17.49 -26.46 -7.76
N VAL B 505 -18.46 -26.94 -6.99
CA VAL B 505 -19.80 -27.23 -7.50
C VAL B 505 -20.77 -26.22 -6.91
N ASN B 506 -21.60 -25.62 -7.77
CA ASN B 506 -22.63 -24.72 -7.28
C ASN B 506 -23.61 -25.47 -6.41
N ALA B 507 -24.01 -24.84 -5.30
CA ALA B 507 -24.84 -25.52 -4.31
C ALA B 507 -25.92 -24.64 -3.73
N GLN B 508 -26.16 -23.46 -4.30
CA GLN B 508 -27.26 -22.60 -3.87
C GLN B 508 -28.57 -23.12 -4.43
N PRO B 509 -29.71 -22.69 -3.88
CA PRO B 509 -30.99 -23.10 -4.45
C PRO B 509 -31.14 -22.75 -5.92
N LYS B 510 -30.63 -21.59 -6.34
CA LYS B 510 -30.65 -21.18 -7.73
C LYS B 510 -29.37 -20.42 -8.04
N CYS B 511 -28.91 -20.50 -9.28
CA CYS B 511 -27.85 -19.63 -9.76
C CYS B 511 -28.26 -19.07 -11.11
N ASN B 512 -28.13 -17.76 -11.27
CA ASN B 512 -28.48 -17.10 -12.53
C ASN B 512 -27.47 -17.48 -13.60
N PRO B 513 -27.89 -18.01 -14.75
CA PRO B 513 -26.95 -18.42 -15.78
C PRO B 513 -26.42 -17.28 -16.65
N ASN B 514 -26.78 -16.03 -16.35
CA ASN B 514 -26.27 -14.87 -17.07
C ASN B 514 -25.66 -13.89 -16.08
N LEU B 515 -24.55 -13.28 -16.47
CA LEU B 515 -23.84 -12.31 -15.65
C LEU B 515 -23.73 -11.02 -16.46
N HIS B 516 -24.62 -10.08 -16.19
CA HIS B 516 -24.68 -8.82 -16.92
C HIS B 516 -24.00 -7.76 -16.06
N TYR B 517 -22.70 -7.58 -16.27
CA TYR B 517 -21.83 -6.87 -15.35
C TYR B 517 -21.64 -5.41 -15.75
N TRP B 518 -21.05 -4.65 -14.82
CA TRP B 518 -20.56 -3.31 -15.07
C TRP B 518 -19.21 -3.16 -14.39
N THR B 519 -18.34 -2.35 -14.99
CA THR B 519 -17.03 -2.10 -14.41
C THR B 519 -16.52 -0.76 -14.88
N THR B 520 -15.63 -0.16 -14.08
CA THR B 520 -15.03 1.11 -14.46
C THR B 520 -14.07 0.91 -15.63
N GLN B 521 -14.08 1.86 -16.56
CA GLN B 521 -13.24 1.76 -17.75
C GLN B 521 -11.77 1.73 -17.34
N ASP B 522 -11.03 0.80 -17.92
CA ASP B 522 -9.63 0.62 -17.54
C ASP B 522 -8.74 1.77 -18.01
N GLU B 523 -8.49 2.70 -17.09
CA GLU B 523 -7.65 3.88 -17.35
C GLU B 523 -8.04 4.60 -18.63
N GLY B 524 -7.59 4.09 -19.78
CA GLY B 524 -7.91 4.73 -21.05
C GLY B 524 -9.41 4.83 -21.29
N ALA B 525 -9.95 6.04 -21.16
CA ALA B 525 -11.40 6.23 -21.16
C ALA B 525 -11.89 7.11 -22.31
N ALA B 526 -11.33 8.30 -22.50
CA ALA B 526 -11.94 9.29 -23.39
C ALA B 526 -10.87 10.05 -24.17
N ILE B 527 -11.30 10.68 -25.26
CA ILE B 527 -10.44 11.42 -26.17
C ILE B 527 -11.05 12.81 -26.38
N GLY B 528 -10.34 13.62 -27.15
CA GLY B 528 -10.81 14.96 -27.47
C GLY B 528 -10.87 15.91 -26.29
N LEU B 529 -9.86 15.88 -25.43
CA LEU B 529 -9.84 16.67 -24.19
C LEU B 529 -11.06 16.37 -23.32
N ALA B 530 -11.52 15.13 -23.33
CA ALA B 530 -12.52 14.67 -22.37
C ALA B 530 -11.89 14.03 -21.15
N TRP B 531 -10.56 13.92 -21.12
CA TRP B 531 -9.85 13.49 -19.93
C TRP B 531 -9.73 14.59 -18.89
N ILE B 532 -9.92 15.84 -19.29
CA ILE B 532 -9.91 16.95 -18.33
C ILE B 532 -11.12 16.81 -17.40
N PRO B 533 -10.93 16.87 -16.08
CA PRO B 533 -12.08 16.74 -15.18
C PRO B 533 -13.14 17.79 -15.40
N TYR B 534 -12.75 18.99 -15.86
CA TYR B 534 -13.73 20.04 -16.10
C TYR B 534 -14.67 19.67 -17.25
N PHE B 535 -14.14 19.04 -18.30
CA PHE B 535 -14.92 18.66 -19.45
C PHE B 535 -15.30 17.19 -19.47
N GLY B 536 -14.92 16.42 -18.45
CA GLY B 536 -15.16 15.00 -18.45
C GLY B 536 -16.57 14.66 -18.07
N PRO B 537 -16.89 13.37 -18.15
CA PRO B 537 -18.22 12.91 -17.77
C PRO B 537 -18.44 12.99 -16.26
N ALA B 538 -19.70 12.94 -15.88
CA ALA B 538 -20.09 13.04 -14.48
C ALA B 538 -19.69 11.75 -13.76
N ALA B 539 -20.01 11.68 -12.46
CA ALA B 539 -19.59 10.55 -11.64
C ALA B 539 -20.30 9.26 -11.98
N GLU B 540 -21.40 9.31 -12.74
CA GLU B 540 -22.16 8.11 -13.10
C GLU B 540 -22.07 7.79 -14.58
N GLY B 541 -21.14 8.41 -15.31
CA GLY B 541 -21.00 8.12 -16.72
C GLY B 541 -19.63 7.57 -17.08
N ILE B 542 -18.99 6.89 -16.14
CA ILE B 542 -17.64 6.36 -16.33
C ILE B 542 -17.61 4.85 -16.41
N TYR B 543 -18.76 4.18 -16.37
CA TYR B 543 -18.80 2.73 -16.33
C TYR B 543 -18.94 2.15 -17.74
N ILE B 544 -18.56 0.88 -17.87
CA ILE B 544 -18.77 0.10 -19.08
C ILE B 544 -19.71 -1.05 -18.78
N GLU B 545 -20.17 -1.71 -19.84
CA GLU B 545 -21.19 -2.74 -19.73
C GLU B 545 -20.69 -4.01 -20.43
N GLY B 546 -21.37 -5.11 -20.14
CA GLY B 546 -21.01 -6.37 -20.77
C GLY B 546 -22.06 -7.42 -20.55
N LEU B 547 -21.74 -8.64 -20.99
CA LEU B 547 -22.64 -9.77 -20.85
C LEU B 547 -21.86 -11.05 -21.09
N MET B 548 -22.09 -12.06 -20.27
CA MET B 548 -21.36 -13.32 -20.31
C MET B 548 -22.31 -14.51 -20.20
N HIS B 549 -23.38 -14.50 -21.01
CA HIS B 549 -24.36 -15.56 -20.96
C HIS B 549 -23.89 -16.86 -21.60
N ASN B 550 -22.77 -16.84 -22.31
CA ASN B 550 -22.35 -18.01 -23.09
C ASN B 550 -22.04 -19.20 -22.19
N GLN B 551 -21.36 -18.96 -21.07
CA GLN B 551 -20.93 -20.02 -20.17
C GLN B 551 -21.81 -20.04 -18.93
N ASP B 552 -22.27 -21.24 -18.55
CA ASP B 552 -23.14 -21.41 -17.40
C ASP B 552 -22.42 -21.97 -16.17
N GLY B 553 -21.51 -22.92 -16.37
CA GLY B 553 -20.81 -23.51 -15.23
C GLY B 553 -19.88 -22.51 -14.55
N LEU B 554 -19.17 -21.70 -15.35
CA LEU B 554 -18.16 -20.83 -14.78
C LEU B 554 -18.76 -19.80 -13.83
N ILE B 555 -19.90 -19.20 -14.21
CA ILE B 555 -20.41 -18.10 -13.39
C ILE B 555 -21.16 -18.63 -12.16
N CYS B 556 -21.83 -19.77 -12.25
CA CYS B 556 -22.36 -20.38 -11.04
C CYS B 556 -21.23 -20.81 -10.11
N GLY B 557 -20.12 -21.28 -10.68
CA GLY B 557 -18.94 -21.52 -9.86
C GLY B 557 -18.43 -20.26 -9.18
N LEU B 558 -18.44 -19.13 -9.91
CA LEU B 558 -18.04 -17.87 -9.30
C LEU B 558 -18.95 -17.48 -8.15
N ARG B 559 -20.26 -17.65 -8.34
CA ARG B 559 -21.20 -17.33 -7.26
C ARG B 559 -20.95 -18.18 -6.03
N GLN B 560 -20.74 -19.48 -6.23
CA GLN B 560 -20.44 -20.36 -5.10
C GLN B 560 -19.11 -19.98 -4.46
N LEU B 561 -18.11 -19.62 -5.27
CA LEU B 561 -16.82 -19.23 -4.72
C LEU B 561 -16.94 -18.00 -3.83
N ALA B 562 -17.72 -17.01 -4.27
CA ALA B 562 -17.91 -15.82 -3.44
C ALA B 562 -18.62 -16.18 -2.14
N ASN B 563 -19.68 -16.99 -2.23
CA ASN B 563 -20.38 -17.43 -1.03
C ASN B 563 -19.45 -18.17 -0.08
N GLU B 564 -18.47 -18.90 -0.61
CA GLU B 564 -17.52 -19.61 0.24
C GLU B 564 -16.52 -18.66 0.87
N THR B 565 -16.01 -17.72 0.09
CA THR B 565 -14.93 -16.84 0.55
C THR B 565 -15.42 -15.69 1.41
N THR B 566 -16.69 -15.64 1.80
CA THR B 566 -17.11 -14.54 2.70
C THR B 566 -16.55 -14.72 4.09
N GLN B 567 -16.38 -15.95 4.57
CA GLN B 567 -15.96 -16.16 5.98
C GLN B 567 -14.55 -15.61 6.22
N ALA B 568 -13.59 -15.93 5.37
CA ALA B 568 -12.20 -15.50 5.58
C ALA B 568 -12.11 -13.97 5.49
N LEU B 569 -12.78 -13.38 4.50
CA LEU B 569 -12.74 -11.93 4.34
C LEU B 569 -13.25 -11.22 5.59
N GLN B 570 -14.34 -11.71 6.17
CA GLN B 570 -14.86 -11.10 7.37
C GLN B 570 -13.89 -11.24 8.53
N LEU B 571 -13.27 -12.41 8.67
CA LEU B 571 -12.29 -12.58 9.74
C LEU B 571 -11.10 -11.67 9.57
N PHE B 572 -10.59 -11.54 8.33
CA PHE B 572 -9.48 -10.64 8.06
C PHE B 572 -9.85 -9.20 8.34
N LEU B 573 -11.07 -8.80 7.98
CA LEU B 573 -11.52 -7.45 8.29
C LEU B 573 -11.58 -7.20 9.79
N ARG B 574 -12.07 -8.18 10.55
CA ARG B 574 -12.15 -8.00 11.99
C ARG B 574 -10.77 -7.91 12.61
N ALA B 575 -9.80 -8.65 12.05
CA ALA B 575 -8.44 -8.58 12.57
C ALA B 575 -7.81 -7.21 12.34
N THR B 576 -8.01 -6.63 11.16
CA THR B 576 -7.29 -5.43 10.78
C THR B 576 -7.83 -4.20 11.54
N THR B 577 -7.10 -3.10 11.42
CA THR B 577 -7.48 -1.84 12.04
C THR B 577 -7.65 -0.70 11.04
N GLU B 578 -7.48 -0.95 9.75
CA GLU B 578 -7.72 0.07 8.74
C GLU B 578 -9.20 0.34 8.58
N LEU B 579 -9.56 1.61 8.40
CA LEU B 579 -10.95 1.96 8.14
C LEU B 579 -11.37 1.51 6.75
N ARG B 580 -10.53 1.77 5.75
CA ARG B 580 -10.78 1.36 4.38
C ARG B 580 -9.59 0.53 3.91
N THR B 581 -9.88 -0.64 3.32
CA THR B 581 -8.85 -1.58 2.90
C THR B 581 -8.80 -1.62 1.39
N PHE B 582 -7.61 -1.38 0.84
CA PHE B 582 -7.40 -1.38 -0.60
C PHE B 582 -6.25 -2.28 -1.04
N SER B 583 -5.58 -2.95 -0.12
CA SER B 583 -4.29 -3.58 -0.40
C SER B 583 -4.32 -5.07 -0.11
N ILE B 584 -5.36 -5.77 -0.55
CA ILE B 584 -5.36 -7.22 -0.40
C ILE B 584 -4.65 -7.89 -1.57
N LEU B 585 -4.94 -7.44 -2.79
CA LEU B 585 -4.34 -8.06 -3.97
C LEU B 585 -2.85 -7.78 -4.05
N ASN B 586 -2.43 -6.57 -3.65
CA ASN B 586 -1.01 -6.26 -3.61
C ASN B 586 -0.28 -7.16 -2.62
N ARG B 587 -0.89 -7.39 -1.45
CA ARG B 587 -0.30 -8.31 -0.48
C ARG B 587 -0.24 -9.73 -1.04
N LYS B 588 -1.27 -10.15 -1.78
CA LYS B 588 -1.23 -11.46 -2.41
C LYS B 588 -0.08 -11.58 -3.40
N ALA B 589 0.11 -10.55 -4.22
CA ALA B 589 1.21 -10.57 -5.19
C ALA B 589 2.57 -10.61 -4.49
N ILE B 590 2.72 -9.81 -3.42
CA ILE B 590 3.97 -9.82 -2.67
C ILE B 590 4.22 -11.19 -2.05
N ASP B 591 3.17 -11.81 -1.51
CA ASP B 591 3.30 -13.15 -0.95
C ASP B 591 3.72 -14.15 -2.02
N PHE B 592 3.13 -14.08 -3.21
CA PHE B 592 3.50 -14.99 -4.29
C PHE B 592 4.97 -14.82 -4.65
N LEU B 593 5.40 -13.57 -4.82
CA LEU B 593 6.80 -13.30 -5.19
C LEU B 593 7.75 -13.80 -4.11
N LEU B 594 7.39 -13.60 -2.84
CA LEU B 594 8.25 -14.02 -1.75
C LEU B 594 8.29 -15.54 -1.62
N GLN B 595 7.16 -16.22 -1.89
CA GLN B 595 7.15 -17.67 -1.87
C GLN B 595 8.06 -18.25 -2.94
N ARG B 596 7.96 -17.75 -4.17
CA ARG B 596 8.55 -18.50 -5.27
C ARG B 596 9.97 -18.06 -5.64
N TRP B 597 10.33 -16.81 -5.42
CA TRP B 597 11.73 -16.40 -5.48
C TRP B 597 12.26 -15.98 -4.12
N GLY B 598 11.90 -16.73 -3.07
CA GLY B 598 12.32 -16.35 -1.72
C GLY B 598 13.83 -16.41 -1.52
N GLY B 599 14.46 -17.50 -1.96
CA GLY B 599 15.88 -17.63 -1.79
C GLY B 599 16.43 -19.03 -1.98
N THR B 600 17.57 -19.13 -2.67
CA THR B 600 18.31 -20.37 -2.82
C THR B 600 17.45 -21.51 -3.36
N CYS B 601 16.63 -21.22 -4.37
CA CYS B 601 15.79 -22.26 -4.94
C CYS B 601 16.61 -23.14 -5.88
N HIS B 602 16.34 -24.45 -5.84
CA HIS B 602 17.11 -25.40 -6.62
C HIS B 602 16.80 -25.28 -8.11
N ILE B 603 17.80 -25.61 -8.94
CA ILE B 603 17.61 -25.56 -10.38
C ILE B 603 16.68 -26.67 -10.87
N LEU B 604 16.51 -27.75 -10.09
CA LEU B 604 15.60 -28.84 -10.43
C LEU B 604 14.88 -29.26 -9.16
N GLY B 605 13.72 -28.66 -8.92
CA GLY B 605 12.92 -28.96 -7.77
C GLY B 605 11.54 -28.34 -7.84
N PRO B 606 10.58 -28.94 -7.13
CA PRO B 606 9.22 -28.39 -7.13
C PRO B 606 9.14 -26.98 -6.57
N ASP B 607 10.00 -26.64 -5.61
CA ASP B 607 9.92 -25.33 -4.97
C ASP B 607 10.22 -24.20 -5.96
N CYS B 608 11.24 -24.37 -6.80
CA CYS B 608 11.67 -23.32 -7.73
C CYS B 608 11.28 -23.76 -9.13
N CYS B 609 10.37 -23.00 -9.75
CA CYS B 609 9.76 -23.44 -11.01
C CYS B 609 10.59 -23.12 -12.24
N ILE B 610 11.74 -22.46 -12.08
CA ILE B 610 12.62 -22.21 -13.21
C ILE B 610 13.21 -23.54 -13.68
N GLU B 611 13.15 -23.78 -14.99
CA GLU B 611 13.61 -25.04 -15.55
C GLU B 611 14.59 -24.78 -16.68
N PRO B 612 15.56 -25.67 -16.87
CA PRO B 612 16.49 -25.51 -18.00
C PRO B 612 15.79 -25.73 -19.33
N HIS B 613 16.27 -25.00 -20.34
CA HIS B 613 15.74 -25.08 -21.70
C HIS B 613 14.22 -24.93 -21.74
N SER C 32 -0.46 2.52 -17.00
CA SER C 32 -0.16 3.08 -18.31
C SER C 32 0.49 4.45 -18.18
N ILE C 33 0.84 4.83 -16.95
CA ILE C 33 1.45 6.13 -16.69
C ILE C 33 2.90 6.08 -17.14
N PRO C 34 3.32 6.95 -18.07
CA PRO C 34 4.70 6.93 -18.53
C PRO C 34 5.67 7.34 -17.43
N LEU C 35 6.86 6.75 -17.48
CA LEU C 35 7.94 7.11 -16.56
C LEU C 35 9.24 7.19 -17.35
N GLY C 36 10.08 8.15 -16.99
CA GLY C 36 11.35 8.39 -17.67
C GLY C 36 12.51 7.91 -16.83
N VAL C 37 13.51 7.35 -17.50
CA VAL C 37 14.74 6.88 -16.86
C VAL C 37 15.88 7.80 -17.26
N ILE C 38 16.81 8.00 -16.33
CA ILE C 38 17.91 8.94 -16.53
C ILE C 38 19.23 8.17 -16.49
N HIS C 39 20.02 8.30 -17.55
CA HIS C 39 21.36 7.75 -17.59
C HIS C 39 22.28 8.76 -18.28
N ASN C 40 23.40 9.06 -17.64
CA ASN C 40 24.39 10.00 -18.17
C ASN C 40 23.74 11.35 -18.49
N SER C 41 22.87 11.82 -17.60
CA SER C 41 22.16 13.09 -17.75
C SER C 41 21.39 13.15 -19.06
N THR C 42 20.76 12.03 -19.44
CA THR C 42 19.89 11.96 -20.60
C THR C 42 18.58 11.32 -20.20
N LEU C 43 17.48 11.83 -20.75
CA LEU C 43 16.14 11.38 -20.38
C LEU C 43 15.53 10.58 -21.53
N GLN C 44 15.03 9.40 -21.21
CA GLN C 44 14.32 8.55 -22.16
C GLN C 44 13.06 8.01 -21.50
N VAL C 45 11.98 7.97 -22.26
CA VAL C 45 10.69 7.54 -21.74
C VAL C 45 10.47 6.08 -22.10
N SER C 46 10.12 5.27 -21.11
CA SER C 46 9.84 3.86 -21.30
C SER C 46 8.79 3.45 -20.29
N ASP C 47 8.62 2.15 -20.08
CA ASP C 47 7.70 1.63 -19.10
C ASP C 47 8.24 0.32 -18.55
N VAL C 48 7.58 -0.19 -17.51
CA VAL C 48 8.04 -1.42 -16.87
C VAL C 48 7.95 -2.59 -17.84
N ASP C 49 6.93 -2.59 -18.71
CA ASP C 49 6.77 -3.68 -19.65
C ASP C 49 7.91 -3.73 -20.67
N LYS C 50 8.36 -2.57 -21.17
CA LYS C 50 9.56 -2.56 -21.98
C LYS C 50 10.76 -3.00 -21.16
N LEU C 51 11.57 -3.87 -21.75
CA LEU C 51 12.67 -4.52 -21.05
C LEU C 51 13.70 -3.51 -20.57
N VAL C 52 13.81 -3.35 -19.25
CA VAL C 52 14.83 -2.49 -18.67
C VAL C 52 15.85 -3.36 -17.94
N CYS C 53 16.93 -3.71 -18.63
CA CYS C 53 17.94 -4.61 -18.07
C CYS C 53 19.22 -3.86 -17.71
N ARG C 54 19.74 -3.07 -18.65
CA ARG C 54 20.81 -2.14 -18.30
C ARG C 54 20.31 -1.08 -17.32
N ASP C 55 19.02 -0.75 -17.38
CA ASP C 55 18.41 0.19 -16.46
C ASP C 55 18.30 -0.48 -15.10
N LYS C 56 19.26 -0.22 -14.23
CA LYS C 56 19.39 -0.97 -12.98
C LYS C 56 18.45 -0.38 -11.94
N LEU C 57 17.34 -1.07 -11.69
CA LEU C 57 16.41 -0.74 -10.62
C LEU C 57 16.68 -1.70 -9.47
N SER C 58 17.40 -1.23 -8.45
CA SER C 58 17.76 -2.08 -7.32
C SER C 58 16.99 -1.77 -6.05
N SER C 59 16.57 -0.52 -5.85
CA SER C 59 15.85 -0.16 -4.63
C SER C 59 14.77 0.85 -4.97
N THR C 60 13.78 0.94 -4.08
CA THR C 60 12.69 1.89 -4.26
C THR C 60 13.12 3.33 -4.04
N ASN C 61 14.33 3.57 -3.54
CA ASN C 61 14.84 4.93 -3.42
C ASN C 61 15.06 5.57 -4.78
N GLN C 62 15.19 4.77 -5.84
CA GLN C 62 15.36 5.31 -7.18
C GLN C 62 14.04 5.75 -7.81
N LEU C 63 12.91 5.38 -7.21
CA LEU C 63 11.60 5.76 -7.72
C LEU C 63 11.17 7.06 -7.05
N ARG C 64 11.09 8.13 -7.82
CA ARG C 64 10.72 9.44 -7.29
C ARG C 64 9.77 10.13 -8.25
N SER C 65 8.90 10.96 -7.69
CA SER C 65 7.95 11.75 -8.47
C SER C 65 8.18 13.22 -8.15
N VAL C 66 8.21 14.05 -9.19
CA VAL C 66 8.53 15.46 -9.06
C VAL C 66 7.40 16.27 -9.68
N GLY C 67 7.05 17.38 -9.03
CA GLY C 67 6.01 18.26 -9.55
C GLY C 67 6.55 19.58 -10.02
N LEU C 68 6.49 19.83 -11.33
CA LEU C 68 7.07 21.01 -11.95
C LEU C 68 6.01 22.07 -12.16
N ASN C 69 6.38 23.32 -11.86
CA ASN C 69 5.44 24.43 -11.97
C ASN C 69 5.06 24.67 -13.43
N LEU C 70 3.85 25.18 -13.61
CA LEU C 70 3.34 25.47 -14.94
C LEU C 70 3.82 26.81 -15.48
N GLU C 71 4.36 27.68 -14.63
CA GLU C 71 4.85 28.98 -15.07
C GLU C 71 6.21 28.89 -15.74
N GLY C 72 6.91 27.77 -15.61
CA GLY C 72 8.17 27.60 -16.31
C GLY C 72 8.03 27.35 -17.79
N ASN C 73 6.81 27.11 -18.27
CA ASN C 73 6.54 26.91 -19.69
C ASN C 73 6.17 28.20 -20.41
N GLY C 74 6.16 29.33 -19.72
CA GLY C 74 5.92 30.60 -20.35
C GLY C 74 4.50 31.13 -20.28
N VAL C 75 3.63 30.51 -19.48
CA VAL C 75 2.26 30.98 -19.37
C VAL C 75 2.21 32.29 -18.59
N ALA C 76 1.16 33.08 -18.85
CA ALA C 76 0.97 34.33 -18.13
C ALA C 76 0.60 34.05 -16.68
N THR C 77 1.15 34.84 -15.77
CA THR C 77 0.99 34.60 -14.34
C THR C 77 0.21 35.68 -13.60
N ASP C 78 -0.11 36.81 -14.23
CA ASP C 78 -0.86 37.84 -13.54
C ASP C 78 -2.29 37.37 -13.27
N VAL C 79 -2.94 38.01 -12.30
CA VAL C 79 -4.23 37.54 -11.82
C VAL C 79 -5.31 37.54 -12.90
N PRO C 80 -5.49 38.60 -13.70
CA PRO C 80 -6.57 38.56 -14.71
C PRO C 80 -6.43 37.41 -15.69
N SER C 81 -5.22 37.08 -16.11
CA SER C 81 -5.05 35.98 -17.05
C SER C 81 -5.11 34.62 -16.36
N ALA C 82 -4.61 34.54 -15.12
CA ALA C 82 -4.63 33.27 -14.41
C ALA C 82 -6.04 32.88 -13.99
N THR C 83 -6.91 33.86 -13.73
CA THR C 83 -8.27 33.56 -13.33
C THR C 83 -9.05 32.84 -14.43
N LYS C 84 -8.78 33.19 -15.69
CA LYS C 84 -9.53 32.61 -16.80
C LYS C 84 -9.32 31.12 -16.97
N ARG C 85 -8.31 30.54 -16.33
CA ARG C 85 -8.01 29.12 -16.48
C ARG C 85 -8.73 28.24 -15.46
N TRP C 86 -9.49 28.83 -14.53
CA TRP C 86 -10.19 28.08 -13.50
C TRP C 86 -11.69 28.27 -13.66
N GLY C 87 -12.44 27.17 -13.60
CA GLY C 87 -13.87 27.22 -13.74
C GLY C 87 -14.55 26.30 -12.74
N PHE C 88 -15.85 26.48 -12.59
CA PHE C 88 -16.64 25.76 -11.60
C PHE C 88 -17.45 24.65 -12.26
N ARG C 89 -17.52 23.51 -11.59
CA ARG C 89 -18.29 22.36 -12.06
C ARG C 89 -18.87 21.63 -10.88
N SER C 90 -20.01 20.96 -11.10
CA SER C 90 -20.65 20.13 -10.09
C SER C 90 -20.91 18.75 -10.69
N GLY C 91 -20.67 17.71 -9.89
CA GLY C 91 -20.90 16.34 -10.31
C GLY C 91 -19.65 15.51 -10.49
N VAL C 92 -18.47 16.04 -10.20
CA VAL C 92 -17.22 15.32 -10.32
C VAL C 92 -16.53 15.34 -8.96
N PRO C 93 -16.30 14.20 -8.31
CA PRO C 93 -15.62 14.21 -7.02
C PRO C 93 -14.15 14.58 -7.19
N PRO C 94 -13.57 15.27 -6.21
CA PRO C 94 -12.15 15.64 -6.30
C PRO C 94 -11.24 14.48 -5.93
N LYS C 95 -10.02 14.54 -6.46
CA LYS C 95 -9.01 13.52 -6.21
C LYS C 95 -7.68 14.18 -5.88
N VAL C 96 -6.86 13.47 -5.11
CA VAL C 96 -5.58 13.99 -4.62
C VAL C 96 -4.50 12.95 -4.82
N VAL C 97 -3.35 13.38 -5.33
CA VAL C 97 -2.16 12.54 -5.46
C VAL C 97 -0.98 13.33 -4.93
N ASN C 98 0.05 12.62 -4.48
CA ASN C 98 1.21 13.25 -3.87
C ASN C 98 2.36 13.37 -4.85
N TYR C 99 3.34 14.21 -4.48
CA TYR C 99 4.62 14.30 -5.15
C TYR C 99 5.68 14.58 -4.10
N GLU C 100 6.91 14.15 -4.39
CA GLU C 100 7.97 14.17 -3.38
C GLU C 100 8.97 15.31 -3.55
N ALA C 101 9.13 15.84 -4.75
CA ALA C 101 10.03 16.96 -4.98
C ALA C 101 9.30 18.03 -5.77
N GLY C 102 9.63 19.29 -5.50
CA GLY C 102 8.96 20.42 -6.10
C GLY C 102 9.96 21.35 -6.78
N GLU C 103 9.56 22.61 -6.86
CA GLU C 103 10.36 23.63 -7.53
C GLU C 103 9.94 24.99 -7.00
N TRP C 104 10.92 25.89 -6.88
CA TRP C 104 10.63 27.24 -6.40
C TRP C 104 9.64 27.93 -7.33
N ALA C 105 8.65 28.58 -6.75
CA ALA C 105 7.58 29.22 -7.50
C ALA C 105 7.69 30.73 -7.38
N GLU C 106 7.69 31.42 -8.52
CA GLU C 106 7.75 32.87 -8.53
C GLU C 106 6.40 33.50 -8.17
N ASN C 107 5.30 32.85 -8.55
CA ASN C 107 3.96 33.38 -8.29
C ASN C 107 3.10 32.29 -7.68
N CYS C 108 2.39 32.64 -6.61
CA CYS C 108 1.45 31.73 -5.98
C CYS C 108 0.16 32.50 -5.67
N TYR C 109 -0.93 31.77 -5.51
CA TYR C 109 -2.24 32.36 -5.39
C TYR C 109 -2.93 31.89 -4.11
N ASN C 110 -3.87 32.70 -3.65
CA ASN C 110 -4.61 32.41 -2.42
C ASN C 110 -6.01 32.99 -2.57
N LEU C 111 -7.01 32.12 -2.71
CA LEU C 111 -8.37 32.53 -3.03
C LEU C 111 -9.24 32.58 -1.79
N GLU C 112 -10.03 33.65 -1.68
CA GLU C 112 -11.00 33.81 -0.59
C GLU C 112 -12.30 34.38 -1.13
N ILE C 113 -12.77 33.86 -2.26
CA ILE C 113 -13.97 34.40 -2.88
C ILE C 113 -15.21 33.86 -2.18
N LYS C 114 -16.34 34.52 -2.41
CA LYS C 114 -17.59 34.15 -1.78
C LYS C 114 -18.77 34.57 -2.66
N LYS C 115 -19.91 33.95 -2.41
CA LYS C 115 -21.11 34.20 -3.20
C LYS C 115 -21.67 35.59 -2.90
N PRO C 116 -22.50 36.12 -3.79
CA PRO C 116 -23.09 37.46 -3.54
C PRO C 116 -23.90 37.55 -2.27
N ASP C 117 -24.54 36.47 -1.84
CA ASP C 117 -25.33 36.48 -0.62
C ASP C 117 -24.50 36.25 0.64
N GLY C 118 -23.19 36.06 0.51
CA GLY C 118 -22.31 35.89 1.64
C GLY C 118 -21.85 34.47 1.89
N SER C 119 -22.47 33.48 1.27
CA SER C 119 -22.04 32.10 1.45
C SER C 119 -20.72 31.85 0.74
N GLU C 120 -19.93 30.94 1.31
CA GLU C 120 -18.63 30.60 0.74
C GLU C 120 -18.81 29.79 -0.54
N CYS C 121 -17.83 29.92 -1.44
CA CYS C 121 -17.79 29.12 -2.66
C CYS C 121 -16.79 27.99 -2.62
N LEU C 122 -15.71 28.14 -1.87
CA LEU C 122 -14.67 27.14 -1.89
C LEU C 122 -14.69 26.30 -0.60
N PRO C 123 -14.52 24.99 -0.70
CA PRO C 123 -14.52 24.15 0.49
C PRO C 123 -13.30 24.40 1.35
N ALA C 124 -13.46 24.17 2.65
CA ALA C 124 -12.33 24.28 3.57
C ALA C 124 -11.32 23.17 3.31
N ALA C 125 -10.05 23.49 3.51
CA ALA C 125 -8.99 22.54 3.24
C ALA C 125 -9.04 21.39 4.24
N PRO C 126 -8.79 20.16 3.81
CA PRO C 126 -8.72 19.05 4.76
C PRO C 126 -7.57 19.17 5.73
N ASP C 127 -7.46 18.23 6.66
CA ASP C 127 -6.47 18.35 7.73
C ASP C 127 -5.04 18.25 7.19
N GLY C 128 -4.81 17.35 6.26
CA GLY C 128 -3.46 17.12 5.76
C GLY C 128 -2.97 18.10 4.71
N ILE C 129 -3.79 19.05 4.29
CA ILE C 129 -3.44 19.98 3.23
C ILE C 129 -2.81 21.22 3.84
N ARG C 130 -1.67 21.63 3.31
CA ARG C 130 -0.98 22.84 3.74
C ARG C 130 -0.58 23.65 2.52
N GLY C 131 -0.25 24.92 2.74
CA GLY C 131 0.10 25.79 1.65
C GLY C 131 1.40 25.41 0.97
N PHE C 132 1.51 25.79 -0.29
CA PHE C 132 2.69 25.48 -1.08
C PHE C 132 3.90 26.22 -0.51
N PRO C 133 4.98 25.51 -0.18
CA PRO C 133 6.18 26.20 0.33
C PRO C 133 6.98 26.82 -0.79
N ARG C 134 7.87 27.73 -0.40
CA ARG C 134 8.83 28.38 -1.30
C ARG C 134 8.09 29.13 -2.43
N CYS C 135 7.33 30.14 -2.01
CA CYS C 135 6.67 31.07 -2.92
C CYS C 135 7.33 32.43 -2.80
N ARG C 136 7.78 32.98 -3.93
CA ARG C 136 8.38 34.31 -3.90
C ARG C 136 7.32 35.39 -3.71
N TYR C 137 6.22 35.30 -4.44
CA TYR C 137 5.09 36.20 -4.28
C TYR C 137 3.82 35.39 -4.07
N VAL C 138 2.89 35.96 -3.30
CA VAL C 138 1.60 35.35 -3.06
C VAL C 138 0.52 36.37 -3.41
N HIS C 139 -0.29 36.07 -4.42
CA HIS C 139 -1.38 36.95 -4.81
C HIS C 139 -2.65 36.53 -4.07
N LYS C 140 -3.13 37.39 -3.18
CA LYS C 140 -4.36 37.14 -2.44
C LYS C 140 -5.53 37.75 -3.21
N VAL C 141 -6.45 36.90 -3.65
CA VAL C 141 -7.61 37.31 -4.41
C VAL C 141 -8.84 37.11 -3.54
N SER C 142 -9.63 38.18 -3.38
CA SER C 142 -10.85 38.12 -2.59
C SER C 142 -11.91 38.98 -3.24
N GLY C 143 -13.14 38.51 -3.22
CA GLY C 143 -14.23 39.24 -3.82
C GLY C 143 -15.46 38.38 -3.97
N THR C 144 -16.44 38.91 -4.69
CA THR C 144 -17.71 38.25 -4.93
C THR C 144 -17.85 37.91 -6.40
N GLY C 145 -18.43 36.74 -6.69
CA GLY C 145 -18.67 36.33 -8.05
C GLY C 145 -19.59 35.13 -8.11
N PRO C 146 -20.20 34.91 -9.28
CA PRO C 146 -21.06 33.73 -9.44
C PRO C 146 -20.27 32.45 -9.27
N CYS C 147 -20.91 31.46 -8.65
CA CYS C 147 -20.28 30.18 -8.35
C CYS C 147 -21.24 29.08 -8.80
N ALA C 148 -21.12 28.67 -10.06
CA ALA C 148 -22.08 27.75 -10.64
C ALA C 148 -21.99 26.36 -10.02
N GLY C 149 -20.77 25.83 -9.88
CA GLY C 149 -20.56 24.46 -9.46
C GLY C 149 -20.14 24.33 -8.00
N ASP C 150 -19.97 23.07 -7.60
CA ASP C 150 -19.54 22.77 -6.25
C ASP C 150 -18.05 23.04 -6.05
N PHE C 151 -17.22 22.68 -7.04
CA PHE C 151 -15.78 22.80 -6.92
C PHE C 151 -15.23 23.57 -8.10
N ALA C 152 -13.99 24.05 -7.95
CA ALA C 152 -13.29 24.79 -8.98
C ALA C 152 -12.20 23.93 -9.57
N PHE C 153 -12.25 23.70 -10.87
CA PHE C 153 -11.29 22.85 -11.57
C PHE C 153 -10.40 23.70 -12.47
N HIS C 154 -9.38 23.05 -13.03
CA HIS C 154 -8.48 23.69 -13.98
C HIS C 154 -8.98 23.40 -15.39
N LYS C 155 -9.21 24.46 -16.17
CA LYS C 155 -9.77 24.30 -17.50
C LYS C 155 -8.81 23.62 -18.47
N GLU C 156 -7.51 23.63 -18.17
CA GLU C 156 -6.52 23.04 -19.06
C GLU C 156 -6.05 21.67 -18.60
N GLY C 157 -6.60 21.14 -17.51
CA GLY C 157 -6.27 19.80 -17.06
C GLY C 157 -5.12 19.72 -16.07
N ALA C 158 -4.47 20.83 -15.73
CA ALA C 158 -3.34 20.81 -14.82
C ALA C 158 -3.83 20.59 -13.39
N PHE C 159 -2.87 20.52 -12.47
CA PHE C 159 -3.14 20.28 -11.05
C PHE C 159 -2.90 21.55 -10.25
N PHE C 160 -3.35 21.51 -9.00
CA PHE C 160 -3.02 22.51 -8.00
C PHE C 160 -2.13 21.86 -6.94
N LEU C 161 -0.97 22.45 -6.69
CA LEU C 161 0.04 21.85 -5.84
C LEU C 161 -0.07 22.41 -4.42
N TYR C 162 -0.26 21.51 -3.44
CA TYR C 162 -0.41 21.88 -2.03
C TYR C 162 0.59 21.08 -1.21
N ASP C 163 1.82 21.58 -1.11
CA ASP C 163 2.82 21.08 -0.17
C ASP C 163 2.93 19.56 -0.24
N ARG C 164 3.43 19.09 -1.38
CA ARG C 164 3.63 17.67 -1.65
C ARG C 164 2.32 16.90 -1.74
N LEU C 165 1.26 17.57 -2.20
CA LEU C 165 -0.04 16.94 -2.39
C LEU C 165 -0.75 17.67 -3.52
N ALA C 166 -0.76 17.08 -4.71
CA ALA C 166 -1.39 17.69 -5.87
C ALA C 166 -2.88 17.34 -5.89
N SER C 167 -3.71 18.37 -6.01
CA SER C 167 -5.15 18.20 -6.03
C SER C 167 -5.73 18.81 -7.29
N THR C 168 -6.92 18.34 -7.67
CA THR C 168 -7.61 18.82 -8.86
C THR C 168 -8.59 19.94 -8.58
N VAL C 169 -8.72 20.37 -7.32
CA VAL C 169 -9.66 21.42 -6.94
C VAL C 169 -8.94 22.45 -6.09
N ILE C 170 -9.57 23.62 -5.96
CA ILE C 170 -9.04 24.73 -5.18
C ILE C 170 -9.70 24.70 -3.81
N TYR C 171 -8.88 24.81 -2.76
CA TYR C 171 -9.37 24.86 -1.39
C TYR C 171 -9.30 26.28 -0.85
N ARG C 172 -10.19 26.60 0.07
CA ARG C 172 -10.33 27.98 0.54
C ARG C 172 -9.14 28.38 1.39
N GLY C 173 -8.57 29.55 1.08
CA GLY C 173 -7.57 30.15 1.92
C GLY C 173 -6.25 29.42 1.99
N THR C 174 -5.93 28.59 1.00
CA THR C 174 -4.69 27.82 0.98
C THR C 174 -3.87 28.21 -0.24
N THR C 175 -2.59 28.49 -0.02
CA THR C 175 -1.70 28.89 -1.10
C THR C 175 -1.38 27.70 -1.99
N PHE C 176 -1.44 27.91 -3.31
CA PHE C 176 -1.15 26.85 -4.28
C PHE C 176 -0.37 27.44 -5.45
N ALA C 177 0.04 26.56 -6.35
CA ALA C 177 0.72 26.95 -7.58
C ALA C 177 0.42 25.91 -8.65
N GLU C 178 -0.02 26.38 -9.81
CA GLU C 178 -0.39 25.47 -10.88
C GLU C 178 0.83 24.72 -11.41
N GLY C 179 0.66 23.42 -11.63
CA GLY C 179 1.76 22.61 -12.11
C GLY C 179 1.29 21.22 -12.46
N VAL C 180 2.26 20.40 -12.90
CA VAL C 180 2.00 19.02 -13.30
C VAL C 180 3.04 18.11 -12.66
N VAL C 181 2.74 16.82 -12.64
CA VAL C 181 3.52 15.83 -11.91
C VAL C 181 4.11 14.83 -12.89
N ALA C 182 5.39 14.49 -12.69
CA ALA C 182 6.09 13.52 -13.52
C ALA C 182 6.74 12.47 -12.63
N PHE C 183 6.89 11.26 -13.19
CA PHE C 183 7.46 10.13 -12.47
C PHE C 183 8.78 9.72 -13.11
N LEU C 184 9.79 9.49 -12.29
CA LEU C 184 11.15 9.27 -12.75
C LEU C 184 11.76 8.03 -12.10
N ILE C 185 12.79 7.50 -12.74
CA ILE C 185 13.64 6.46 -12.17
C ILE C 185 15.05 7.05 -12.12
N LEU C 186 15.49 7.42 -10.92
CA LEU C 186 16.78 8.07 -10.77
C LEU C 186 17.92 7.09 -11.04
N PRO C 187 19.06 7.59 -11.50
CA PRO C 187 20.21 6.71 -11.75
C PRO C 187 20.68 6.01 -10.47
N GLN C 188 21.26 4.84 -10.66
CA GLN C 188 21.59 3.93 -9.57
C GLN C 188 22.59 4.51 -8.58
N ALA C 189 22.11 4.77 -7.37
CA ALA C 189 22.95 5.06 -6.20
C ALA C 189 24.00 6.13 -6.50
N LYS C 190 23.53 7.27 -6.99
CA LYS C 190 24.42 8.40 -7.26
C LYS C 190 24.36 9.45 -6.18
N LYS C 191 23.20 9.61 -5.53
CA LYS C 191 22.98 10.41 -4.32
C LYS C 191 23.11 11.91 -4.52
N ASP C 192 23.46 12.38 -5.72
CA ASP C 192 23.57 13.82 -5.92
C ASP C 192 22.29 14.44 -6.46
N PHE C 193 21.45 13.64 -7.12
CA PHE C 193 20.16 14.14 -7.59
C PHE C 193 19.27 14.47 -6.40
N PHE C 194 18.76 15.70 -6.37
CA PHE C 194 17.95 16.21 -5.27
C PHE C 194 18.74 16.15 -3.96
N SER C 195 19.88 16.83 -3.96
CA SER C 195 20.77 16.93 -2.82
C SER C 195 20.77 18.37 -2.31
N SER C 196 21.63 18.63 -1.33
CA SER C 196 21.69 19.94 -0.68
C SER C 196 22.68 20.82 -1.43
N HIS C 197 22.15 21.77 -2.21
CA HIS C 197 22.91 22.76 -2.96
C HIS C 197 24.01 22.14 -3.80
N PRO C 198 23.69 21.41 -4.87
CA PRO C 198 24.76 20.90 -5.75
C PRO C 198 25.40 21.99 -6.59
N LEU C 199 24.60 22.89 -7.17
CA LEU C 199 25.09 23.94 -8.06
C LEU C 199 25.96 23.38 -9.18
N GLY C 212 17.28 33.29 3.55
CA GLY C 212 17.32 33.25 2.10
C GLY C 212 15.94 33.20 1.46
N TYR C 213 14.96 32.75 2.22
CA TYR C 213 13.58 32.64 1.75
C TYR C 213 12.79 33.82 2.29
N TYR C 214 12.33 34.69 1.39
CA TYR C 214 11.50 35.83 1.75
C TYR C 214 10.28 35.86 0.84
N SER C 215 9.10 35.97 1.44
CA SER C 215 7.85 35.96 0.71
C SER C 215 7.17 37.32 0.81
N THR C 216 6.69 37.82 -0.32
CA THR C 216 5.98 39.09 -0.39
C THR C 216 4.51 38.84 -0.74
N THR C 217 3.63 39.52 -0.04
CA THR C 217 2.18 39.35 -0.22
C THR C 217 1.63 40.54 -0.98
N ILE C 218 0.86 40.25 -2.03
CA ILE C 218 0.23 41.28 -2.86
C ILE C 218 -1.27 41.01 -2.84
N ARG C 219 -2.06 42.02 -2.48
CA ARG C 219 -3.48 41.86 -2.22
C ARG C 219 -4.28 42.46 -3.37
N TYR C 220 -5.31 41.74 -3.81
CA TYR C 220 -6.20 42.19 -4.87
C TYR C 220 -7.65 42.08 -4.41
N GLN C 221 -8.53 42.78 -5.12
CA GLN C 221 -9.96 42.67 -4.93
C GLN C 221 -10.63 42.52 -6.28
N ALA C 222 -11.51 41.54 -6.42
CA ALA C 222 -12.15 41.22 -7.68
C ALA C 222 -13.65 41.23 -7.55
N THR C 223 -14.32 41.49 -8.67
CA THR C 223 -15.78 41.47 -8.74
C THR C 223 -16.19 40.75 -10.01
N GLY C 224 -17.26 39.97 -9.92
CA GLY C 224 -17.68 39.16 -11.06
C GLY C 224 -16.69 38.09 -11.44
N PHE C 225 -16.15 37.38 -10.45
CA PHE C 225 -15.16 36.34 -10.67
C PHE C 225 -15.70 35.24 -11.57
N ALA C 503 15.43 11.52 -26.29
CA ALA C 503 14.24 11.16 -27.05
C ALA C 503 13.20 12.27 -26.99
N ILE C 504 12.87 12.70 -25.76
CA ILE C 504 11.89 13.76 -25.58
C ILE C 504 12.48 15.08 -26.05
N VAL C 505 11.73 15.79 -26.88
CA VAL C 505 12.11 17.12 -27.35
C VAL C 505 11.13 18.12 -26.75
N ASN C 506 11.65 19.19 -26.18
CA ASN C 506 10.78 20.21 -25.60
C ASN C 506 9.99 20.90 -26.71
N ALA C 507 8.70 21.11 -26.46
CA ALA C 507 7.82 21.62 -27.48
C ALA C 507 6.84 22.65 -26.93
N GLN C 508 7.25 23.36 -25.89
CA GLN C 508 6.49 24.41 -25.23
C GLN C 508 6.94 25.78 -25.72
N PRO C 509 6.16 26.83 -25.46
CA PRO C 509 6.60 28.18 -25.83
C PRO C 509 8.00 28.50 -25.33
N LYS C 510 8.26 28.24 -24.05
CA LYS C 510 9.58 28.47 -23.47
C LYS C 510 9.85 27.38 -22.44
N CYS C 511 11.13 27.10 -22.22
CA CYS C 511 11.55 26.17 -21.18
C CYS C 511 12.65 26.82 -20.34
N ASN C 512 12.52 26.72 -19.03
CA ASN C 512 13.46 27.35 -18.12
C ASN C 512 14.74 26.53 -18.04
N PRO C 513 15.90 27.11 -18.35
CA PRO C 513 17.16 26.35 -18.30
C PRO C 513 17.74 26.18 -16.90
N ASN C 514 17.01 26.52 -15.85
CA ASN C 514 17.45 26.28 -14.48
C ASN C 514 16.29 25.67 -13.69
N LEU C 515 16.65 24.81 -12.74
CA LEU C 515 15.66 24.12 -11.91
C LEU C 515 16.09 24.27 -10.45
N HIS C 516 15.53 25.27 -9.78
CA HIS C 516 15.80 25.54 -8.37
C HIS C 516 14.78 24.79 -7.54
N TYR C 517 15.14 23.59 -7.10
CA TYR C 517 14.21 22.66 -6.49
C TYR C 517 14.25 22.71 -4.97
N TRP C 518 13.21 22.15 -4.37
CA TRP C 518 13.18 21.85 -2.95
C TRP C 518 12.63 20.45 -2.78
N THR C 519 13.10 19.75 -1.75
CA THR C 519 12.63 18.40 -1.49
C THR C 519 12.59 18.16 0.01
N THR C 520 11.80 17.19 0.42
CA THR C 520 11.72 16.84 1.81
C THR C 520 13.05 16.30 2.31
N GLN C 521 13.24 16.36 3.62
CA GLN C 521 14.51 16.00 4.20
C GLN C 521 14.86 14.55 3.87
N ASP C 522 16.15 14.31 3.63
CA ASP C 522 16.61 12.95 3.37
C ASP C 522 16.69 12.15 4.66
N GLU C 523 15.53 12.00 5.32
CA GLU C 523 15.45 11.38 6.64
C GLU C 523 16.39 12.06 7.64
N GLY C 524 17.59 11.53 7.82
CA GLY C 524 18.45 12.00 8.88
C GLY C 524 18.77 13.48 8.83
N ALA C 525 18.15 14.26 9.71
CA ALA C 525 18.39 15.69 9.85
C ALA C 525 18.39 16.08 11.32
N ALA C 526 19.03 15.29 12.17
CA ALA C 526 18.96 15.50 13.60
C ALA C 526 20.29 15.15 14.25
N ILE C 527 20.79 16.04 15.10
CA ILE C 527 22.07 15.81 15.78
C ILE C 527 21.91 15.86 17.29
N GLY C 528 21.46 16.98 17.84
CA GLY C 528 21.36 17.13 19.27
C GLY C 528 19.97 16.85 19.82
N LEU C 529 19.51 15.60 19.66
CA LEU C 529 18.14 15.23 19.99
C LEU C 529 17.14 16.13 19.25
N ALA C 530 17.47 16.48 18.01
CA ALA C 530 16.56 17.22 17.15
C ALA C 530 15.56 16.32 16.45
N TRP C 531 15.70 15.00 16.60
CA TRP C 531 14.72 14.07 16.06
C TRP C 531 13.46 14.01 16.89
N ILE C 532 13.53 14.41 18.16
CA ILE C 532 12.32 14.46 18.98
C ILE C 532 11.38 15.52 18.43
N PRO C 533 10.13 15.19 18.14
CA PRO C 533 9.21 16.21 17.60
C PRO C 533 9.03 17.40 18.52
N TYR C 534 9.18 17.22 19.83
CA TYR C 534 9.09 18.34 20.75
C TYR C 534 10.25 19.31 20.55
N PHE C 535 11.48 18.80 20.54
CA PHE C 535 12.67 19.61 20.25
C PHE C 535 13.02 19.56 18.78
N GLY C 536 12.06 19.88 17.92
CA GLY C 536 12.27 19.73 16.49
C GLY C 536 11.94 20.97 15.70
N PRO C 537 12.36 21.00 14.44
CA PRO C 537 11.99 22.12 13.57
C PRO C 537 10.50 22.12 13.27
N ALA C 538 9.98 23.31 12.95
CA ALA C 538 8.57 23.46 12.64
C ALA C 538 8.29 22.84 11.28
N ALA C 539 7.05 22.96 10.81
CA ALA C 539 6.65 22.36 9.55
C ALA C 539 7.32 23.00 8.34
N GLU C 540 7.99 24.14 8.51
CA GLU C 540 8.63 24.84 7.40
C GLU C 540 10.15 24.71 7.42
N GLY C 541 10.72 24.05 8.42
CA GLY C 541 12.16 23.91 8.50
C GLY C 541 12.65 22.54 8.14
N ILE C 542 11.88 21.83 7.31
CA ILE C 542 12.14 20.43 6.99
C ILE C 542 12.85 20.32 5.65
N TYR C 543 12.48 21.17 4.71
CA TYR C 543 12.85 20.97 3.32
C TYR C 543 14.34 21.21 3.09
N ILE C 544 14.88 20.53 2.08
CA ILE C 544 16.25 20.70 1.63
C ILE C 544 16.25 21.29 0.23
N GLU C 545 17.14 22.24 -0.01
CA GLU C 545 17.16 22.99 -1.25
C GLU C 545 18.39 22.65 -2.08
N GLY C 546 18.31 22.98 -3.36
CA GLY C 546 19.40 22.74 -4.29
C GLY C 546 19.23 23.55 -5.55
N LEU C 547 20.10 23.27 -6.51
CA LEU C 547 20.04 23.98 -7.79
C LEU C 547 20.75 23.14 -8.86
N MET C 548 20.15 23.05 -10.05
CA MET C 548 20.58 22.10 -11.08
C MET C 548 20.66 22.79 -12.44
N HIS C 549 21.36 23.93 -12.50
CA HIS C 549 21.41 24.71 -13.74
C HIS C 549 22.37 24.14 -14.78
N ASN C 550 23.16 23.13 -14.42
CA ASN C 550 24.26 22.70 -15.29
C ASN C 550 23.74 22.17 -16.62
N GLN C 551 22.70 21.34 -16.59
CA GLN C 551 22.16 20.72 -17.79
C GLN C 551 20.96 21.49 -18.31
N ASP C 552 20.85 21.58 -19.63
CA ASP C 552 19.76 22.28 -20.29
C ASP C 552 18.78 21.33 -20.98
N GLY C 553 19.28 20.33 -21.69
CA GLY C 553 18.39 19.38 -22.34
C GLY C 553 17.61 18.53 -21.37
N LEU C 554 18.26 18.11 -20.27
CA LEU C 554 17.63 17.20 -19.33
C LEU C 554 16.39 17.82 -18.70
N ILE C 555 16.50 19.07 -18.24
CA ILE C 555 15.38 19.64 -17.48
C ILE C 555 14.26 20.10 -18.40
N CYS C 556 14.56 20.57 -19.61
CA CYS C 556 13.48 20.91 -20.54
C CYS C 556 12.79 19.64 -21.04
N GLY C 557 13.55 18.55 -21.22
CA GLY C 557 12.92 17.28 -21.48
C GLY C 557 12.04 16.82 -20.33
N LEU C 558 12.48 17.08 -19.09
CA LEU C 558 11.66 16.77 -17.93
C LEU C 558 10.36 17.56 -17.94
N ARG C 559 10.43 18.86 -18.28
CA ARG C 559 9.23 19.68 -18.36
C ARG C 559 8.28 19.14 -19.41
N GLN C 560 8.80 18.80 -20.59
CA GLN C 560 7.93 18.25 -21.64
C GLN C 560 7.33 16.92 -21.22
N LEU C 561 8.10 16.07 -20.55
CA LEU C 561 7.58 14.79 -20.08
C LEU C 561 6.46 15.00 -19.07
N ALA C 562 6.64 15.95 -18.14
CA ALA C 562 5.57 16.26 -17.20
C ALA C 562 4.35 16.81 -17.91
N ASN C 563 4.54 17.53 -19.01
CA ASN C 563 3.42 17.97 -19.83
C ASN C 563 2.64 16.78 -20.39
N GLU C 564 3.34 15.75 -20.86
CA GLU C 564 2.68 14.64 -21.55
C GLU C 564 1.96 13.70 -20.58
N THR C 565 2.58 13.39 -19.43
CA THR C 565 2.03 12.36 -18.51
C THR C 565 0.72 12.77 -17.86
N THR C 566 0.24 13.99 -18.06
CA THR C 566 -0.97 14.42 -17.32
C THR C 566 -2.18 13.61 -17.75
N GLN C 567 -2.34 13.32 -19.05
CA GLN C 567 -3.56 12.63 -19.53
C GLN C 567 -3.72 11.30 -18.81
N ALA C 568 -2.66 10.49 -18.75
CA ALA C 568 -2.77 9.15 -18.13
C ALA C 568 -3.06 9.28 -16.64
N LEU C 569 -2.37 10.20 -15.96
CA LEU C 569 -2.57 10.36 -14.50
C LEU C 569 -4.04 10.74 -14.26
N GLN C 570 -4.56 11.69 -15.04
CA GLN C 570 -5.93 12.14 -14.80
C GLN C 570 -6.92 11.00 -15.02
N LEU C 571 -6.73 10.20 -16.06
CA LEU C 571 -7.63 9.07 -16.28
C LEU C 571 -7.53 8.05 -15.15
N PHE C 572 -6.31 7.78 -14.68
CA PHE C 572 -6.14 6.85 -13.56
C PHE C 572 -6.81 7.37 -12.30
N LEU C 573 -6.67 8.68 -12.02
CA LEU C 573 -7.33 9.25 -10.86
C LEU C 573 -8.85 9.19 -11.01
N ARG C 574 -9.36 9.37 -12.23
CA ARG C 574 -10.79 9.20 -12.46
C ARG C 574 -11.24 7.78 -12.17
N ALA C 575 -10.45 6.79 -12.58
CA ALA C 575 -10.86 5.40 -12.40
C ALA C 575 -10.89 5.00 -10.93
N THR C 576 -9.90 5.45 -10.15
CA THR C 576 -9.75 4.97 -8.78
C THR C 576 -10.84 5.56 -7.88
N THR C 577 -10.95 4.99 -6.68
CA THR C 577 -11.91 5.45 -5.68
C THR C 577 -11.26 5.91 -4.39
N GLU C 578 -9.93 5.92 -4.32
CA GLU C 578 -9.24 6.44 -3.15
C GLU C 578 -9.35 7.97 -3.11
N LEU C 579 -9.45 8.50 -1.89
CA LEU C 579 -9.45 9.96 -1.74
C LEU C 579 -8.05 10.53 -1.99
N ARG C 580 -7.03 9.90 -1.43
CA ARG C 580 -5.64 10.29 -1.66
C ARG C 580 -4.85 9.05 -2.07
N THR C 581 -4.08 9.17 -3.15
CA THR C 581 -3.33 8.06 -3.70
C THR C 581 -1.86 8.22 -3.35
N PHE C 582 -1.32 7.21 -2.65
CA PHE C 582 0.08 7.22 -2.24
C PHE C 582 0.88 6.06 -2.82
N SER C 583 0.27 5.20 -3.65
CA SER C 583 0.83 3.90 -3.96
C SER C 583 0.88 3.67 -5.47
N ILE C 584 1.41 4.64 -6.21
CA ILE C 584 1.61 4.46 -7.64
C ILE C 584 2.97 3.83 -7.92
N LEU C 585 4.02 4.35 -7.31
CA LEU C 585 5.36 3.82 -7.54
C LEU C 585 5.52 2.41 -6.99
N ASN C 586 4.86 2.11 -5.86
CA ASN C 586 4.89 0.75 -5.34
C ASN C 586 4.24 -0.22 -6.33
N ARG C 587 3.12 0.17 -6.92
CA ARG C 587 2.47 -0.67 -7.92
C ARG C 587 3.36 -0.83 -9.15
N LYS C 588 4.08 0.23 -9.54
CA LYS C 588 5.00 0.12 -10.66
C LYS C 588 6.11 -0.88 -10.35
N ALA C 589 6.67 -0.83 -9.14
CA ALA C 589 7.71 -1.77 -8.76
C ALA C 589 7.18 -3.20 -8.74
N ILE C 590 5.96 -3.38 -8.22
CA ILE C 590 5.36 -4.71 -8.21
C ILE C 590 5.16 -5.22 -9.63
N ASP C 591 4.69 -4.35 -10.54
CA ASP C 591 4.54 -4.74 -11.93
C ASP C 591 5.87 -5.15 -12.55
N PHE C 592 6.92 -4.38 -12.28
CA PHE C 592 8.24 -4.69 -12.82
C PHE C 592 8.72 -6.07 -12.33
N LEU C 593 8.58 -6.31 -11.02
CA LEU C 593 9.02 -7.58 -10.46
C LEU C 593 8.21 -8.74 -10.99
N LEU C 594 6.88 -8.59 -11.05
CA LEU C 594 6.02 -9.65 -11.56
C LEU C 594 6.20 -9.86 -13.05
N GLN C 595 6.72 -8.88 -13.77
CA GLN C 595 6.92 -9.02 -15.21
C GLN C 595 8.23 -9.73 -15.51
N ARG C 596 9.34 -9.23 -14.96
CA ARG C 596 10.64 -9.75 -15.40
C ARG C 596 10.98 -11.09 -14.76
N TRP C 597 10.55 -11.32 -13.53
CA TRP C 597 10.68 -12.63 -12.88
C TRP C 597 9.32 -13.30 -12.68
N GLY C 598 8.47 -13.23 -13.71
CA GLY C 598 7.12 -13.77 -13.58
C GLY C 598 7.11 -15.25 -13.27
N GLY C 599 7.89 -16.02 -14.01
CA GLY C 599 8.01 -17.45 -13.74
C GLY C 599 8.19 -18.26 -15.01
N THR C 600 8.83 -19.42 -14.84
CA THR C 600 9.02 -20.40 -15.91
C THR C 600 9.71 -19.79 -17.13
N CYS C 601 10.67 -18.91 -16.89
CA CYS C 601 11.40 -18.33 -18.00
C CYS C 601 12.60 -19.21 -18.33
N HIS C 602 13.45 -18.74 -19.25
CA HIS C 602 14.52 -19.56 -19.81
C HIS C 602 15.86 -18.86 -19.65
N ILE C 603 16.93 -19.67 -19.58
CA ILE C 603 18.27 -19.12 -19.49
C ILE C 603 18.60 -18.33 -20.75
N LEU C 604 18.32 -18.91 -21.92
CA LEU C 604 18.52 -18.20 -23.18
C LEU C 604 17.33 -17.32 -23.54
N GLY C 605 16.20 -17.48 -22.87
CA GLY C 605 15.04 -16.66 -23.11
C GLY C 605 15.27 -15.22 -22.74
N PRO C 606 14.82 -14.30 -23.59
CA PRO C 606 15.01 -12.86 -23.32
C PRO C 606 13.95 -12.24 -22.43
N ASP C 607 12.94 -13.00 -22.01
CA ASP C 607 11.90 -12.44 -21.15
C ASP C 607 12.46 -12.05 -19.79
N CYS C 608 13.29 -12.91 -19.19
CA CYS C 608 14.01 -12.58 -17.97
C CYS C 608 15.47 -12.31 -18.35
N CYS C 609 15.86 -11.04 -18.30
CA CYS C 609 17.22 -10.65 -18.72
C CYS C 609 18.20 -11.08 -17.64
N ILE C 610 18.62 -12.35 -17.74
CA ILE C 610 19.60 -12.93 -16.83
C ILE C 610 20.86 -13.24 -17.62
N GLU C 611 22.01 -12.85 -17.06
CA GLU C 611 23.28 -13.05 -17.73
C GLU C 611 23.92 -14.32 -17.19
N PRO C 612 24.01 -15.39 -17.99
CA PRO C 612 24.65 -16.62 -17.49
C PRO C 612 26.11 -16.42 -17.10
N HIS C 613 26.84 -15.57 -17.80
CA HIS C 613 28.24 -15.33 -17.51
C HIS C 613 28.64 -13.90 -17.90
N SER D 32 15.60 3.18 6.29
CA SER D 32 16.77 3.13 7.15
C SER D 32 16.42 2.64 8.54
N ILE D 33 15.17 2.20 8.71
CA ILE D 33 14.69 1.73 10.01
C ILE D 33 15.31 0.35 10.28
N PRO D 34 16.02 0.18 11.39
CA PRO D 34 16.61 -1.13 11.68
C PRO D 34 15.55 -2.18 11.96
N LEU D 35 15.86 -3.41 11.58
CA LEU D 35 15.00 -4.54 11.87
C LEU D 35 15.84 -5.72 12.33
N GLY D 36 15.32 -6.49 13.28
CA GLY D 36 16.04 -7.59 13.88
C GLY D 36 15.60 -8.93 13.33
N VAL D 37 16.53 -9.88 13.32
CA VAL D 37 16.29 -11.23 12.83
C VAL D 37 16.49 -12.20 13.98
N ILE D 38 15.50 -13.06 14.21
CA ILE D 38 15.52 -14.00 15.32
C ILE D 38 15.93 -15.37 14.79
N HIS D 39 16.92 -15.99 15.44
CA HIS D 39 17.40 -17.30 15.03
C HIS D 39 17.77 -18.08 16.28
N ASN D 40 17.06 -19.18 16.54
CA ASN D 40 17.29 -20.03 17.70
C ASN D 40 17.24 -19.21 18.99
N SER D 41 16.22 -18.36 19.08
CA SER D 41 16.01 -17.48 20.24
C SER D 41 17.23 -16.59 20.49
N THR D 42 17.87 -16.14 19.41
CA THR D 42 18.94 -15.17 19.48
C THR D 42 18.64 -14.03 18.53
N LEU D 43 18.77 -12.80 19.01
CA LEU D 43 18.43 -11.62 18.23
C LEU D 43 19.68 -10.99 17.64
N GLN D 44 19.66 -10.74 16.35
CA GLN D 44 20.75 -10.07 15.64
C GLN D 44 20.16 -9.01 14.73
N VAL D 45 20.53 -7.76 14.95
CA VAL D 45 20.03 -6.64 14.16
C VAL D 45 20.82 -6.55 12.87
N SER D 46 20.12 -6.36 11.76
CA SER D 46 20.75 -6.22 10.45
C SER D 46 19.73 -5.65 9.48
N ASP D 47 20.15 -4.65 8.71
CA ASP D 47 19.24 -4.05 7.76
C ASP D 47 18.93 -5.03 6.62
N VAL D 48 17.88 -4.72 5.87
CA VAL D 48 17.43 -5.60 4.80
C VAL D 48 18.48 -5.72 3.70
N ASP D 49 19.37 -4.74 3.58
CA ASP D 49 20.41 -4.79 2.55
C ASP D 49 21.42 -5.90 2.84
N LYS D 50 21.69 -6.16 4.12
CA LYS D 50 22.86 -6.95 4.50
C LYS D 50 22.70 -8.44 4.20
N LEU D 51 22.65 -8.79 2.91
CA LEU D 51 22.81 -10.16 2.42
C LEU D 51 21.95 -11.15 3.19
N VAL D 52 20.66 -10.84 3.29
CA VAL D 52 19.72 -11.65 4.06
C VAL D 52 19.16 -12.68 3.10
N CYS D 53 19.92 -13.77 2.92
CA CYS D 53 19.42 -14.90 2.13
C CYS D 53 19.61 -16.21 2.88
N ARG D 54 20.65 -16.30 3.72
CA ARG D 54 20.73 -17.41 4.66
C ARG D 54 19.63 -17.34 5.70
N ASP D 55 19.02 -16.17 5.88
CA ASP D 55 17.89 -16.00 6.78
C ASP D 55 16.62 -16.07 5.93
N LYS D 56 15.87 -17.15 6.08
CA LYS D 56 14.77 -17.43 5.16
C LYS D 56 13.62 -16.45 5.39
N LEU D 57 13.21 -15.79 4.32
CA LEU D 57 12.03 -14.92 4.31
C LEU D 57 11.11 -15.43 3.20
N SER D 58 10.13 -16.23 3.58
CA SER D 58 9.25 -16.87 2.60
C SER D 58 7.94 -16.13 2.38
N SER D 59 7.33 -15.59 3.43
CA SER D 59 6.04 -14.92 3.31
C SER D 59 6.03 -13.68 4.17
N THR D 60 5.03 -12.83 3.95
CA THR D 60 4.88 -11.61 4.74
C THR D 60 4.40 -11.88 6.16
N ASN D 61 4.00 -13.12 6.47
CA ASN D 61 3.62 -13.46 7.83
C ASN D 61 4.80 -13.41 8.79
N GLN D 62 6.03 -13.37 8.28
CA GLN D 62 7.22 -13.33 9.12
C GLN D 62 7.58 -11.92 9.56
N LEU D 63 6.91 -10.91 9.04
CA LEU D 63 7.19 -9.52 9.38
C LEU D 63 6.16 -9.00 10.37
N ARG D 64 6.62 -8.52 11.52
CA ARG D 64 5.74 -7.97 12.54
C ARG D 64 6.44 -6.85 13.28
N SER D 65 5.64 -6.05 13.97
CA SER D 65 6.11 -4.95 14.79
C SER D 65 5.52 -5.07 16.19
N VAL D 66 6.34 -4.79 17.20
CA VAL D 66 5.98 -5.04 18.59
C VAL D 66 6.01 -3.72 19.35
N GLY D 67 4.92 -3.42 20.06
CA GLY D 67 4.81 -2.22 20.85
C GLY D 67 5.23 -2.33 22.30
N LEU D 68 6.53 -2.45 22.56
CA LEU D 68 7.02 -2.55 23.93
C LEU D 68 6.88 -1.22 24.65
N ASN D 69 6.47 -1.27 25.92
CA ASN D 69 6.23 -0.07 26.69
C ASN D 69 7.39 0.25 27.62
N LEU D 70 7.45 1.52 28.05
CA LEU D 70 8.62 2.02 28.76
C LEU D 70 8.70 1.53 30.20
N GLU D 71 7.57 1.20 30.82
CA GLU D 71 7.58 0.86 32.23
C GLU D 71 8.39 -0.39 32.53
N GLY D 72 8.69 -1.20 31.52
CA GLY D 72 9.58 -2.33 31.69
C GLY D 72 11.04 -1.98 31.71
N ASN D 73 11.39 -0.73 31.47
CA ASN D 73 12.77 -0.27 31.48
C ASN D 73 13.17 0.37 32.80
N GLY D 74 12.27 0.39 33.79
CA GLY D 74 12.59 0.93 35.10
C GLY D 74 12.26 2.38 35.32
N VAL D 75 11.49 3.00 34.45
CA VAL D 75 11.12 4.41 34.61
C VAL D 75 10.05 4.54 35.67
N ALA D 76 10.02 5.68 36.34
CA ALA D 76 8.99 5.96 37.33
C ALA D 76 7.63 6.11 36.65
N THR D 77 6.60 5.59 37.31
CA THR D 77 5.28 5.52 36.70
C THR D 77 4.21 6.30 37.44
N ASP D 78 4.50 6.84 38.62
CA ASP D 78 3.51 7.61 39.35
C ASP D 78 3.19 8.91 38.61
N VAL D 79 2.01 9.46 38.90
CA VAL D 79 1.52 10.61 38.13
C VAL D 79 2.43 11.83 38.26
N PRO D 80 2.89 12.23 39.44
CA PRO D 80 3.73 13.44 39.51
C PRO D 80 4.99 13.37 38.67
N SER D 81 5.61 12.20 38.56
CA SER D 81 6.84 12.08 37.78
C SER D 81 6.58 11.75 36.32
N ALA D 82 5.46 11.11 36.00
CA ALA D 82 5.14 10.84 34.61
C ALA D 82 4.68 12.09 33.88
N THR D 83 4.06 13.03 34.59
CA THR D 83 3.60 14.27 33.96
C THR D 83 4.76 15.08 33.41
N LYS D 84 5.91 15.04 34.09
CA LYS D 84 7.05 15.85 33.70
C LYS D 84 7.63 15.48 32.34
N ARG D 85 7.25 14.33 31.78
CA ARG D 85 7.79 13.88 30.51
C ARG D 85 6.95 14.33 29.32
N TRP D 86 5.83 15.01 29.54
CA TRP D 86 4.96 15.46 28.47
C TRP D 86 4.91 16.98 28.45
N GLY D 87 5.06 17.57 27.26
CA GLY D 87 5.03 19.01 27.12
C GLY D 87 4.22 19.41 25.90
N PHE D 88 3.95 20.71 25.81
CA PHE D 88 3.10 21.26 24.77
C PHE D 88 3.94 21.98 23.73
N ARG D 89 3.59 21.80 22.46
CA ARG D 89 4.37 22.30 21.33
C ARG D 89 3.41 22.62 20.20
N SER D 90 3.59 23.79 19.60
CA SER D 90 2.72 24.25 18.53
C SER D 90 3.53 24.47 17.27
N GLY D 91 3.09 23.85 16.17
CA GLY D 91 3.75 23.98 14.89
C GLY D 91 4.19 22.66 14.26
N VAL D 92 3.92 21.53 14.87
CA VAL D 92 4.32 20.22 14.35
C VAL D 92 3.06 19.37 14.20
N PRO D 93 2.75 18.88 13.00
CA PRO D 93 1.57 18.03 12.83
C PRO D 93 1.77 16.66 13.45
N PRO D 94 0.71 16.01 13.89
CA PRO D 94 0.84 14.68 14.50
C PRO D 94 0.91 13.58 13.45
N LYS D 95 1.47 12.45 13.87
CA LYS D 95 1.61 11.27 13.02
C LYS D 95 1.21 10.03 13.80
N VAL D 96 0.82 9.00 13.07
CA VAL D 96 0.33 7.75 13.66
C VAL D 96 0.99 6.57 12.94
N VAL D 97 1.39 5.57 13.71
CA VAL D 97 2.04 4.37 13.18
C VAL D 97 1.29 3.14 13.68
N ASN D 98 1.05 2.19 12.79
CA ASN D 98 0.41 0.93 13.16
C ASN D 98 1.43 -0.04 13.74
N TYR D 99 1.05 -0.71 14.82
CA TYR D 99 1.83 -1.82 15.37
C TYR D 99 0.87 -2.96 15.66
N GLU D 100 1.40 -4.18 15.61
CA GLU D 100 0.57 -5.39 15.59
C GLU D 100 0.50 -6.13 16.91
N ALA D 101 1.60 -6.21 17.66
CA ALA D 101 1.62 -6.93 18.92
C ALA D 101 2.01 -5.99 20.04
N GLY D 102 1.52 -6.28 21.24
CA GLY D 102 1.78 -5.42 22.38
C GLY D 102 2.21 -6.15 23.63
N GLU D 103 2.08 -5.50 24.78
CA GLU D 103 2.49 -6.06 26.06
C GLU D 103 1.55 -5.56 27.14
N TRP D 104 1.38 -6.37 28.18
CA TRP D 104 0.57 -5.95 29.32
C TRP D 104 1.20 -4.76 30.01
N ALA D 105 0.37 -3.78 30.37
CA ALA D 105 0.83 -2.55 31.00
C ALA D 105 0.28 -2.49 32.41
N GLU D 106 1.17 -2.27 33.38
CA GLU D 106 0.74 -2.15 34.77
C GLU D 106 0.12 -0.79 35.06
N ASN D 107 0.55 0.26 34.37
CA ASN D 107 0.05 1.60 34.59
C ASN D 107 -0.32 2.23 33.25
N CYS D 108 -1.52 2.81 33.19
CA CYS D 108 -1.99 3.54 32.02
C CYS D 108 -2.63 4.84 32.49
N TYR D 109 -2.71 5.81 31.57
CA TYR D 109 -3.14 7.16 31.92
C TYR D 109 -4.30 7.59 31.05
N ASN D 110 -5.03 8.59 31.54
CA ASN D 110 -6.23 9.10 30.87
C ASN D 110 -6.40 10.56 31.28
N LEU D 111 -6.11 11.48 30.36
CA LEU D 111 -6.05 12.90 30.67
C LEU D 111 -7.33 13.62 30.27
N GLU D 112 -7.73 14.58 31.08
CA GLU D 112 -8.89 15.43 30.83
C GLU D 112 -8.57 16.88 31.17
N ILE D 113 -7.40 17.35 30.73
CA ILE D 113 -6.92 18.67 31.11
C ILE D 113 -7.76 19.75 30.44
N LYS D 114 -8.00 20.84 31.17
CA LYS D 114 -8.75 21.99 30.67
C LYS D 114 -7.97 23.26 30.92
N LYS D 115 -8.23 24.28 30.09
CA LYS D 115 -7.64 25.59 30.29
C LYS D 115 -8.29 26.29 31.48
N PRO D 116 -7.63 27.32 32.03
CA PRO D 116 -8.24 28.04 33.17
C PRO D 116 -9.59 28.66 32.87
N ASP D 117 -9.84 29.06 31.62
CA ASP D 117 -11.11 29.66 31.25
C ASP D 117 -12.17 28.65 30.84
N GLY D 118 -11.85 27.35 30.91
CA GLY D 118 -12.80 26.31 30.58
C GLY D 118 -12.59 25.67 29.22
N SER D 119 -11.74 26.24 28.38
CA SER D 119 -11.49 25.65 27.06
C SER D 119 -10.71 24.35 27.18
N GLU D 120 -10.91 23.48 26.21
CA GLU D 120 -10.19 22.21 26.18
C GLU D 120 -8.75 22.41 25.74
N CYS D 121 -7.87 21.52 26.20
CA CYS D 121 -6.48 21.51 25.76
C CYS D 121 -6.15 20.39 24.80
N LEU D 122 -6.81 19.24 24.91
CA LEU D 122 -6.45 18.09 24.12
C LEU D 122 -7.48 17.85 23.02
N PRO D 123 -7.04 17.54 21.80
CA PRO D 123 -7.99 17.29 20.72
C PRO D 123 -8.76 16.01 20.94
N ALA D 124 -9.99 15.99 20.42
CA ALA D 124 -10.80 14.78 20.48
C ALA D 124 -10.17 13.68 19.64
N ALA D 125 -10.25 12.46 20.14
CA ALA D 125 -9.62 11.33 19.45
C ALA D 125 -10.33 11.06 18.13
N PRO D 126 -9.58 10.84 17.04
CA PRO D 126 -10.21 10.45 15.77
C PRO D 126 -10.99 9.15 15.90
N ASP D 127 -11.75 8.81 14.86
CA ASP D 127 -12.69 7.70 14.97
C ASP D 127 -11.98 6.36 15.10
N GLY D 128 -10.83 6.20 14.46
CA GLY D 128 -10.13 4.93 14.52
C GLY D 128 -9.35 4.66 15.79
N ILE D 129 -9.26 5.65 16.69
CA ILE D 129 -8.44 5.54 17.89
C ILE D 129 -9.29 4.96 19.03
N ARG D 130 -8.76 3.96 19.71
CA ARG D 130 -9.41 3.35 20.86
C ARG D 130 -8.41 3.22 21.99
N GLY D 131 -8.93 3.01 23.19
CA GLY D 131 -8.07 2.93 24.36
C GLY D 131 -7.16 1.72 24.34
N PHE D 132 -6.04 1.85 25.04
CA PHE D 132 -5.06 0.78 25.09
C PHE D 132 -5.63 -0.42 25.84
N PRO D 133 -5.64 -1.61 25.24
CA PRO D 133 -6.16 -2.79 25.94
C PRO D 133 -5.17 -3.32 26.96
N ARG D 134 -5.70 -4.14 27.87
CA ARG D 134 -4.91 -4.87 28.85
C ARG D 134 -4.08 -3.91 29.73
N CYS D 135 -4.81 -3.10 30.49
CA CYS D 135 -4.23 -2.24 31.50
C CYS D 135 -4.60 -2.75 32.88
N ARG D 136 -3.64 -2.69 33.81
CA ARG D 136 -3.88 -3.09 35.20
C ARG D 136 -4.48 -1.95 36.00
N TYR D 137 -3.82 -0.79 36.02
CA TYR D 137 -4.34 0.41 36.65
C TYR D 137 -4.45 1.51 35.61
N VAL D 138 -5.47 2.35 35.77
CA VAL D 138 -5.70 3.47 34.87
C VAL D 138 -5.73 4.74 35.72
N HIS D 139 -4.69 5.54 35.64
CA HIS D 139 -4.61 6.81 36.37
C HIS D 139 -5.29 7.89 35.55
N LYS D 140 -6.52 8.24 35.93
CA LYS D 140 -7.24 9.32 35.26
C LYS D 140 -6.92 10.63 35.95
N VAL D 141 -6.36 11.56 35.17
CA VAL D 141 -5.92 12.86 35.68
C VAL D 141 -6.87 13.93 35.18
N SER D 142 -7.33 14.77 36.09
CA SER D 142 -8.25 15.85 35.76
C SER D 142 -7.79 17.13 36.43
N GLY D 143 -8.19 18.26 35.87
CA GLY D 143 -7.86 19.55 36.43
C GLY D 143 -7.46 20.58 35.40
N THR D 144 -7.08 21.76 35.87
CA THR D 144 -6.71 22.87 35.00
C THR D 144 -5.19 23.00 34.92
N GLY D 145 -4.74 23.80 33.95
CA GLY D 145 -3.33 24.06 33.77
C GLY D 145 -3.09 24.96 32.57
N PRO D 146 -1.89 25.54 32.51
CA PRO D 146 -1.56 26.39 31.35
C PRO D 146 -1.15 25.54 30.17
N CYS D 147 -1.88 25.69 29.07
CA CYS D 147 -1.64 24.92 27.85
C CYS D 147 -1.10 25.87 26.80
N ALA D 148 0.21 25.76 26.54
CA ALA D 148 0.93 26.71 25.71
C ALA D 148 1.15 26.22 24.28
N GLY D 149 0.46 25.17 23.86
CA GLY D 149 0.64 24.66 22.51
C GLY D 149 -0.61 23.98 22.01
N ASP D 150 -0.58 23.61 20.73
CA ASP D 150 -1.71 22.93 20.12
C ASP D 150 -1.82 21.47 20.57
N PHE D 151 -0.69 20.78 20.66
CA PHE D 151 -0.68 19.36 20.97
C PHE D 151 0.33 19.09 22.08
N ALA D 152 0.19 17.92 22.70
CA ALA D 152 1.08 17.48 23.77
C ALA D 152 1.98 16.38 23.23
N PHE D 153 3.29 16.59 23.30
CA PHE D 153 4.28 15.64 22.81
C PHE D 153 5.04 15.03 23.97
N HIS D 154 5.81 13.98 23.65
CA HIS D 154 6.65 13.31 24.62
C HIS D 154 8.04 13.94 24.60
N LYS D 155 8.47 14.47 25.74
CA LYS D 155 9.75 15.17 25.80
C LYS D 155 10.93 14.25 25.56
N GLU D 156 10.78 12.95 25.78
CA GLU D 156 11.88 12.01 25.61
C GLU D 156 11.89 11.36 24.23
N GLY D 157 10.91 11.64 23.38
CA GLY D 157 10.87 11.11 22.03
C GLY D 157 10.08 9.83 21.85
N ALA D 158 9.48 9.29 22.91
CA ALA D 158 8.74 8.05 22.80
C ALA D 158 7.37 8.29 22.19
N PHE D 159 6.58 7.21 22.09
CA PHE D 159 5.25 7.26 21.51
C PHE D 159 4.19 7.07 22.59
N PHE D 160 2.95 7.34 22.21
CA PHE D 160 1.78 6.99 23.00
C PHE D 160 1.01 5.93 22.24
N LEU D 161 0.69 4.83 22.92
CA LEU D 161 0.10 3.66 22.27
C LEU D 161 -1.40 3.60 22.55
N TYR D 162 -2.20 3.57 21.49
CA TYR D 162 -3.65 3.43 21.58
C TYR D 162 -4.10 2.26 20.71
N ASP D 163 -4.10 1.05 21.28
CA ASP D 163 -4.78 -0.10 20.68
C ASP D 163 -4.31 -0.32 19.24
N ARG D 164 -3.05 -0.70 19.12
CA ARG D 164 -2.43 -1.05 17.84
C ARG D 164 -2.27 0.16 16.93
N LEU D 165 -2.14 1.36 17.52
CA LEU D 165 -1.93 2.58 16.75
C LEU D 165 -1.10 3.52 17.60
N ALA D 166 0.21 3.54 17.36
CA ALA D 166 1.11 4.43 18.09
C ALA D 166 1.01 5.84 17.53
N SER D 167 0.96 6.82 18.42
CA SER D 167 0.82 8.22 18.04
C SER D 167 1.82 9.07 18.82
N THR D 168 2.15 10.22 18.27
CA THR D 168 3.10 11.13 18.89
C THR D 168 2.43 12.21 19.73
N VAL D 169 1.11 12.21 19.83
CA VAL D 169 0.37 13.22 20.59
C VAL D 169 -0.62 12.53 21.51
N ILE D 170 -1.10 13.29 22.49
CA ILE D 170 -2.06 12.80 23.47
C ILE D 170 -3.46 13.24 23.04
N TYR D 171 -4.39 12.30 23.01
CA TYR D 171 -5.78 12.58 22.68
C TYR D 171 -6.61 12.62 23.96
N ARG D 172 -7.72 13.36 23.89
CA ARG D 172 -8.51 13.63 25.08
C ARG D 172 -9.37 12.43 25.45
N GLY D 173 -9.21 11.96 26.68
CA GLY D 173 -10.10 10.96 27.24
C GLY D 173 -9.87 9.53 26.80
N THR D 174 -8.74 9.23 26.17
CA THR D 174 -8.44 7.87 25.74
C THR D 174 -7.26 7.32 26.51
N THR D 175 -7.40 6.08 26.99
CA THR D 175 -6.35 5.44 27.76
C THR D 175 -5.15 5.11 26.88
N PHE D 176 -3.95 5.40 27.39
CA PHE D 176 -2.73 5.14 26.64
C PHE D 176 -1.64 4.67 27.60
N ALA D 177 -0.56 4.15 27.01
CA ALA D 177 0.62 3.74 27.75
C ALA D 177 1.84 4.07 26.92
N GLU D 178 2.75 4.87 27.47
CA GLU D 178 3.90 5.31 26.70
C GLU D 178 4.86 4.17 26.43
N GLY D 179 5.34 4.09 25.19
CA GLY D 179 6.24 3.02 24.81
C GLY D 179 6.85 3.28 23.46
N VAL D 180 7.59 2.27 22.98
CA VAL D 180 8.26 2.34 21.69
C VAL D 180 7.94 1.08 20.89
N VAL D 181 8.13 1.16 19.58
CA VAL D 181 7.76 0.10 18.66
C VAL D 181 8.98 -0.32 17.86
N ALA D 182 9.16 -1.63 17.69
CA ALA D 182 10.30 -2.20 16.98
C ALA D 182 9.82 -3.17 15.92
N PHE D 183 10.57 -3.27 14.83
CA PHE D 183 10.26 -4.14 13.70
C PHE D 183 11.25 -5.30 13.66
N LEU D 184 10.75 -6.49 13.33
CA LEU D 184 11.58 -7.68 13.39
C LEU D 184 11.04 -8.75 12.46
N ILE D 185 11.90 -9.71 12.13
CA ILE D 185 11.59 -10.80 11.21
C ILE D 185 11.53 -12.09 12.01
N LEU D 186 10.38 -12.75 11.99
CA LEU D 186 10.16 -13.96 12.77
C LEU D 186 10.73 -15.18 12.06
N PRO D 187 11.06 -16.24 12.81
CA PRO D 187 11.47 -17.49 12.17
C PRO D 187 10.29 -18.18 11.51
N GLN D 188 10.60 -19.04 10.54
CA GLN D 188 9.56 -19.78 9.82
C GLN D 188 9.23 -21.04 10.61
N ALA D 189 8.07 -21.04 11.25
CA ALA D 189 7.65 -22.16 12.08
C ALA D 189 6.13 -22.13 12.20
N LYS D 190 5.59 -22.89 13.14
CA LYS D 190 4.15 -22.93 13.42
C LYS D 190 3.65 -21.67 14.12
N LYS D 191 4.45 -20.60 14.12
CA LYS D 191 4.15 -19.36 14.83
C LYS D 191 4.06 -19.61 16.33
N ASP D 192 5.14 -20.18 16.87
CA ASP D 192 5.27 -20.29 18.32
C ASP D 192 5.32 -18.91 18.96
N PHE D 193 6.04 -17.99 18.35
CA PHE D 193 6.05 -16.61 18.84
C PHE D 193 4.67 -16.00 18.63
N PHE D 194 4.15 -15.35 19.67
CA PHE D 194 2.81 -14.76 19.67
C PHE D 194 1.75 -15.82 19.37
N SER D 195 1.71 -16.83 20.22
CA SER D 195 0.69 -17.87 20.20
C SER D 195 -0.14 -17.77 21.49
N SER D 196 -1.06 -18.72 21.66
CA SER D 196 -2.01 -18.67 22.76
C SER D 196 -1.44 -19.41 23.97
N HIS D 197 -1.02 -18.64 24.98
CA HIS D 197 -0.52 -19.13 26.26
C HIS D 197 0.55 -20.20 26.10
N PRO D 198 1.76 -19.85 25.64
CA PRO D 198 2.83 -20.85 25.63
C PRO D 198 3.34 -21.19 27.02
N LEU D 199 3.52 -20.17 27.87
CA LEU D 199 4.01 -20.34 29.24
C LEU D 199 5.32 -21.12 29.26
N GLY D 212 -11.90 -12.19 33.06
CA GLY D 212 -10.56 -12.26 32.50
C GLY D 212 -9.55 -11.42 33.26
N TYR D 213 -9.62 -10.10 33.07
CA TYR D 213 -8.72 -9.17 33.74
C TYR D 213 -9.54 -8.03 34.32
N TYR D 214 -8.99 -7.39 35.35
CA TYR D 214 -9.66 -6.30 36.05
C TYR D 214 -8.77 -5.07 36.08
N SER D 215 -9.31 -3.94 35.64
CA SER D 215 -8.62 -2.66 35.70
C SER D 215 -9.35 -1.77 36.70
N THR D 216 -8.62 -1.23 37.65
CA THR D 216 -9.22 -0.45 38.74
C THR D 216 -9.26 1.03 38.39
N THR D 217 -9.95 1.78 39.24
CA THR D 217 -10.13 3.22 39.08
C THR D 217 -9.28 3.96 40.10
N ILE D 218 -8.39 4.82 39.60
CA ILE D 218 -7.58 5.70 40.44
C ILE D 218 -7.71 7.10 39.86
N ARG D 219 -8.37 7.99 40.60
CA ARG D 219 -8.66 9.34 40.13
C ARG D 219 -7.77 10.35 40.84
N TYR D 220 -7.32 11.35 40.08
CA TYR D 220 -6.47 12.41 40.61
C TYR D 220 -7.01 13.76 40.17
N GLN D 221 -6.68 14.79 40.94
CA GLN D 221 -6.99 16.17 40.61
C GLN D 221 -5.72 17.00 40.72
N ALA D 222 -5.41 17.75 39.66
CA ALA D 222 -4.17 18.50 39.60
C ALA D 222 -4.45 19.94 39.17
N THR D 223 -3.61 20.85 39.65
CA THR D 223 -3.66 22.26 39.28
C THR D 223 -2.27 22.72 38.90
N GLY D 224 -2.21 23.70 38.01
CA GLY D 224 -0.93 24.15 37.49
C GLY D 224 -0.21 23.08 36.71
N PHE D 225 -0.93 22.37 35.84
CA PHE D 225 -0.38 21.27 35.06
C PHE D 225 0.77 21.73 34.17
N ALA D 503 25.11 -8.79 17.86
CA ALA D 503 24.27 -9.12 19.00
C ALA D 503 24.05 -7.90 19.88
N ILE D 504 22.80 -7.47 19.97
CA ILE D 504 22.46 -6.30 20.79
C ILE D 504 22.57 -6.65 22.25
N VAL D 505 23.24 -5.80 23.02
CA VAL D 505 23.38 -5.96 24.46
C VAL D 505 22.50 -4.93 25.15
N ASN D 506 21.72 -5.39 26.12
CA ASN D 506 20.85 -4.48 26.86
C ASN D 506 21.67 -3.54 27.72
N ALA D 507 21.30 -2.25 27.71
CA ALA D 507 22.03 -1.25 28.46
C ALA D 507 21.11 -0.26 29.15
N GLN D 508 19.90 -0.67 29.49
CA GLN D 508 18.92 0.13 30.19
C GLN D 508 19.12 -0.03 31.70
N PRO D 509 18.54 0.88 32.51
CA PRO D 509 18.58 0.70 33.96
C PRO D 509 18.17 -0.70 34.40
N LYS D 510 16.98 -1.14 33.98
CA LYS D 510 16.50 -2.48 34.25
C LYS D 510 15.76 -3.00 33.03
N CYS D 511 15.76 -4.31 32.84
CA CYS D 511 14.94 -4.96 31.82
C CYS D 511 14.13 -6.07 32.46
N ASN D 512 12.84 -6.14 32.08
CA ASN D 512 11.94 -7.14 32.62
C ASN D 512 12.14 -8.44 31.85
N PRO D 513 12.59 -9.52 32.48
CA PRO D 513 12.82 -10.77 31.73
C PRO D 513 11.57 -11.36 31.12
N ASN D 514 10.42 -11.20 31.77
CA ASN D 514 9.18 -11.81 31.30
C ASN D 514 8.44 -10.88 30.35
N LEU D 515 7.90 -11.45 29.27
CA LEU D 515 7.13 -10.71 28.29
C LEU D 515 5.72 -11.29 28.24
N HIS D 516 4.77 -10.58 28.86
CA HIS D 516 3.37 -10.97 28.85
C HIS D 516 2.69 -10.18 27.73
N TYR D 517 2.54 -10.81 26.58
CA TYR D 517 2.11 -10.12 25.38
C TYR D 517 0.62 -10.35 25.10
N TRP D 518 0.07 -9.49 24.25
CA TRP D 518 -1.25 -9.69 23.68
C TRP D 518 -1.16 -9.36 22.20
N THR D 519 -1.97 -10.04 21.40
CA THR D 519 -1.96 -9.83 19.96
C THR D 519 -3.29 -10.24 19.37
N THR D 520 -3.54 -9.77 18.16
CA THR D 520 -4.71 -10.15 17.39
C THR D 520 -4.33 -11.27 16.43
N GLN D 521 -5.22 -12.25 16.29
CA GLN D 521 -4.96 -13.41 15.45
C GLN D 521 -5.85 -13.36 14.23
N ASP D 522 -5.24 -13.16 13.06
CA ASP D 522 -5.98 -13.30 11.82
C ASP D 522 -6.48 -14.75 11.70
N GLU D 523 -7.75 -14.89 11.32
CA GLU D 523 -8.45 -16.17 11.12
C GLU D 523 -8.39 -17.05 12.37
N GLY D 524 -8.98 -18.23 12.29
CA GLY D 524 -8.97 -19.16 13.41
C GLY D 524 -9.68 -18.67 14.65
N ALA D 525 -10.80 -17.95 14.48
CA ALA D 525 -11.57 -17.46 15.60
C ALA D 525 -13.07 -17.54 15.34
N ALA D 526 -13.51 -18.54 14.57
CA ALA D 526 -14.89 -18.65 14.15
C ALA D 526 -15.36 -20.09 14.35
N ILE D 527 -16.25 -20.31 15.32
CA ILE D 527 -16.89 -21.60 15.53
C ILE D 527 -18.39 -21.38 15.56
N GLY D 528 -19.13 -22.39 15.13
CA GLY D 528 -20.55 -22.22 14.94
C GLY D 528 -20.82 -21.23 13.83
N LEU D 529 -21.26 -20.02 14.18
CA LEU D 529 -21.41 -18.93 13.22
C LEU D 529 -20.89 -17.64 13.80
N ALA D 530 -19.73 -17.69 14.45
CA ALA D 530 -19.18 -16.54 15.15
C ALA D 530 -18.38 -15.61 14.26
N TRP D 531 -18.15 -15.96 13.00
CA TRP D 531 -17.47 -15.04 12.09
C TRP D 531 -18.37 -13.92 11.61
N ILE D 532 -19.69 -14.07 11.76
CA ILE D 532 -20.61 -13.00 11.40
C ILE D 532 -20.42 -11.83 12.36
N PRO D 533 -20.25 -10.61 11.87
CA PRO D 533 -20.07 -9.48 12.80
C PRO D 533 -21.25 -9.29 13.75
N TYR D 534 -22.46 -9.63 13.33
CA TYR D 534 -23.62 -9.51 14.20
C TYR D 534 -23.52 -10.48 15.38
N PHE D 535 -23.27 -11.76 15.09
CA PHE D 535 -23.07 -12.76 16.14
C PHE D 535 -21.60 -12.91 16.50
N GLY D 536 -20.95 -11.81 16.83
CA GLY D 536 -19.51 -11.84 17.06
C GLY D 536 -19.10 -11.21 18.37
N PRO D 537 -17.85 -11.43 18.76
CA PRO D 537 -17.34 -10.79 19.97
C PRO D 537 -17.19 -9.28 19.78
N ALA D 538 -17.23 -8.57 20.89
CA ALA D 538 -17.09 -7.12 20.86
C ALA D 538 -15.64 -6.75 20.57
N ALA D 539 -15.34 -5.46 20.61
CA ALA D 539 -13.99 -4.99 20.28
C ALA D 539 -12.95 -5.41 21.30
N GLU D 540 -13.36 -5.93 22.46
CA GLU D 540 -12.43 -6.30 23.51
C GLU D 540 -12.22 -7.81 23.63
N GLY D 541 -12.88 -8.59 22.78
CA GLY D 541 -12.74 -10.04 22.85
C GLY D 541 -11.88 -10.63 21.76
N ILE D 542 -11.34 -9.76 20.91
CA ILE D 542 -10.57 -10.23 19.76
C ILE D 542 -9.23 -10.79 20.19
N TYR D 543 -8.58 -10.16 21.17
CA TYR D 543 -7.16 -10.37 21.42
C TYR D 543 -6.87 -11.78 21.95
N ILE D 544 -5.66 -12.24 21.65
CA ILE D 544 -5.19 -13.59 22.10
C ILE D 544 -3.95 -13.36 22.97
N GLU D 545 -3.99 -13.74 24.24
CA GLU D 545 -2.90 -13.51 25.17
C GLU D 545 -1.87 -14.64 25.10
N GLY D 546 -0.73 -14.40 25.75
CA GLY D 546 0.32 -15.38 25.83
C GLY D 546 1.31 -14.99 26.90
N LEU D 547 2.42 -15.72 26.96
CA LEU D 547 3.45 -15.41 27.95
C LEU D 547 4.74 -16.09 27.52
N MET D 548 5.87 -15.39 27.69
CA MET D 548 7.16 -15.85 27.21
C MET D 548 8.22 -15.51 28.26
N HIS D 549 8.68 -16.52 29.00
CA HIS D 549 9.64 -16.27 30.08
C HIS D 549 10.85 -17.18 30.05
N ASN D 550 10.91 -18.16 29.16
CA ASN D 550 11.97 -19.16 29.21
C ASN D 550 13.34 -18.52 29.01
N GLN D 551 13.45 -17.59 28.06
CA GLN D 551 14.70 -16.91 27.77
C GLN D 551 14.58 -15.44 28.14
N ASP D 552 15.64 -14.90 28.75
CA ASP D 552 15.66 -13.51 29.17
C ASP D 552 16.65 -12.65 28.41
N GLY D 553 17.66 -13.24 27.79
CA GLY D 553 18.55 -12.45 26.94
C GLY D 553 17.85 -11.91 25.72
N LEU D 554 16.99 -12.72 25.09
CA LEU D 554 16.25 -12.27 23.92
C LEU D 554 15.30 -11.14 24.26
N ILE D 555 14.66 -11.19 25.43
CA ILE D 555 13.67 -10.18 25.78
C ILE D 555 14.35 -8.83 26.01
N CYS D 556 15.44 -8.81 26.78
CA CYS D 556 16.15 -7.56 27.00
C CYS D 556 16.80 -7.06 25.71
N GLY D 557 17.23 -7.98 24.84
CA GLY D 557 17.70 -7.56 23.54
C GLY D 557 16.62 -6.88 22.72
N LEU D 558 15.41 -7.42 22.75
CA LEU D 558 14.29 -6.80 22.05
C LEU D 558 13.98 -5.42 22.63
N ARG D 559 14.02 -5.29 23.95
CA ARG D 559 13.75 -3.99 24.56
C ARG D 559 14.79 -2.95 24.14
N GLN D 560 16.07 -3.33 24.20
CA GLN D 560 17.12 -2.41 23.79
C GLN D 560 17.00 -2.05 22.32
N LEU D 561 16.69 -3.03 21.47
CA LEU D 561 16.49 -2.74 20.05
C LEU D 561 15.33 -1.79 19.83
N ALA D 562 14.25 -1.99 20.59
CA ALA D 562 13.10 -1.10 20.48
C ALA D 562 13.47 0.33 20.88
N ASN D 563 14.34 0.51 21.87
CA ASN D 563 14.76 1.86 22.19
C ASN D 563 15.59 2.46 21.05
N GLU D 564 16.48 1.66 20.44
CA GLU D 564 17.37 2.19 19.40
C GLU D 564 16.61 2.60 18.14
N THR D 565 15.58 1.86 17.75
CA THR D 565 14.91 2.12 16.45
C THR D 565 14.03 3.36 16.48
N THR D 566 13.95 4.08 17.59
CA THR D 566 12.98 5.22 17.66
C THR D 566 13.47 6.36 16.79
N GLN D 567 14.77 6.65 16.76
CA GLN D 567 15.26 7.84 16.02
C GLN D 567 14.92 7.72 14.54
N ALA D 568 15.26 6.58 13.92
CA ALA D 568 15.03 6.41 12.47
C ALA D 568 13.54 6.50 12.16
N LEU D 569 12.70 6.02 13.08
CA LEU D 569 11.26 6.04 12.88
C LEU D 569 10.69 7.44 12.98
N GLN D 570 11.16 8.22 13.94
CA GLN D 570 10.65 9.59 14.10
C GLN D 570 11.00 10.44 12.89
N LEU D 571 12.22 10.31 12.37
CA LEU D 571 12.60 11.06 11.18
C LEU D 571 11.80 10.63 9.97
N PHE D 572 11.57 9.32 9.82
CA PHE D 572 10.76 8.84 8.71
C PHE D 572 9.34 9.38 8.80
N LEU D 573 8.77 9.42 10.00
CA LEU D 573 7.45 10.00 10.19
C LEU D 573 7.45 11.49 9.86
N ARG D 574 8.50 12.20 10.24
CA ARG D 574 8.60 13.62 9.93
C ARG D 574 8.63 13.85 8.43
N ALA D 575 9.35 13.01 7.70
CA ALA D 575 9.47 13.19 6.25
C ALA D 575 8.13 12.96 5.54
N THR D 576 7.40 11.92 5.93
CA THR D 576 6.20 11.54 5.19
C THR D 576 5.07 12.55 5.41
N THR D 577 4.08 12.50 4.52
CA THR D 577 2.92 13.37 4.59
C THR D 577 1.62 12.60 4.81
N GLU D 578 1.71 11.29 5.03
CA GLU D 578 0.53 10.49 5.29
C GLU D 578 0.13 10.58 6.75
N LEU D 579 -1.17 10.67 7.01
CA LEU D 579 -1.65 10.82 8.38
C LEU D 579 -1.41 9.54 9.18
N ARG D 580 -1.76 8.39 8.62
CA ARG D 580 -1.52 7.09 9.26
C ARG D 580 -0.73 6.22 8.30
N THR D 581 0.33 5.60 8.82
CA THR D 581 1.24 4.79 8.01
C THR D 581 1.01 3.32 8.32
N PHE D 582 0.63 2.56 7.29
CA PHE D 582 0.43 1.12 7.42
C PHE D 582 1.36 0.31 6.53
N SER D 583 2.28 0.95 5.81
CA SER D 583 3.01 0.26 4.75
C SER D 583 4.52 0.37 4.91
N ILE D 584 5.05 0.08 6.09
CA ILE D 584 6.49 0.03 6.28
C ILE D 584 7.04 -1.36 5.96
N LEU D 585 6.39 -2.40 6.48
CA LEU D 585 6.87 -3.76 6.24
C LEU D 585 6.71 -4.17 4.78
N ASN D 586 5.63 -3.73 4.13
CA ASN D 586 5.49 -4.01 2.70
C ASN D 586 6.61 -3.35 1.90
N ARG D 587 6.97 -2.11 2.29
CA ARG D 587 8.08 -1.44 1.62
C ARG D 587 9.39 -2.17 1.86
N LYS D 588 9.59 -2.69 3.08
CA LYS D 588 10.79 -3.50 3.34
C LYS D 588 10.81 -4.75 2.48
N ALA D 589 9.68 -5.42 2.33
CA ALA D 589 9.63 -6.62 1.50
C ALA D 589 9.94 -6.30 0.04
N ILE D 590 9.38 -5.20 -0.46
CA ILE D 590 9.64 -4.80 -1.84
C ILE D 590 11.11 -4.45 -2.01
N ASP D 591 11.70 -3.75 -1.03
CA ASP D 591 13.12 -3.44 -1.08
C ASP D 591 13.96 -4.71 -1.10
N PHE D 592 13.60 -5.69 -0.29
CA PHE D 592 14.35 -6.95 -0.26
C PHE D 592 14.29 -7.63 -1.62
N LEU D 593 13.09 -7.73 -2.20
CA LEU D 593 12.93 -8.38 -3.49
C LEU D 593 13.70 -7.64 -4.57
N LEU D 594 13.71 -6.31 -4.52
CA LEU D 594 14.41 -5.53 -5.54
C LEU D 594 15.92 -5.60 -5.36
N GLN D 595 16.41 -5.68 -4.13
CA GLN D 595 17.84 -5.86 -3.91
C GLN D 595 18.31 -7.21 -4.42
N ARG D 596 17.57 -8.27 -4.11
CA ARG D 596 18.14 -9.60 -4.28
C ARG D 596 18.05 -10.09 -5.73
N TRP D 597 16.83 -10.19 -6.27
CA TRP D 597 16.64 -10.54 -7.67
C TRP D 597 16.36 -9.32 -8.53
N GLY D 598 17.04 -8.21 -8.25
CA GLY D 598 16.79 -7.00 -9.01
C GLY D 598 17.15 -7.12 -10.48
N GLY D 599 18.27 -7.75 -10.78
CA GLY D 599 18.65 -7.96 -12.17
C GLY D 599 20.02 -8.55 -12.40
N THR D 600 20.09 -9.53 -13.31
CA THR D 600 21.35 -10.09 -13.79
C THR D 600 22.24 -10.54 -12.64
N CYS D 601 21.66 -11.26 -11.69
CA CYS D 601 22.44 -11.81 -10.58
C CYS D 601 23.17 -13.06 -11.05
N HIS D 602 24.43 -13.17 -10.66
CA HIS D 602 25.32 -14.22 -11.16
C HIS D 602 25.33 -15.42 -10.22
N ILE D 603 25.44 -16.60 -10.82
CA ILE D 603 25.42 -17.84 -10.05
C ILE D 603 26.65 -17.93 -9.15
N LEU D 604 27.83 -17.67 -9.71
CA LEU D 604 29.06 -17.79 -8.93
C LEU D 604 29.23 -16.63 -7.96
N GLY D 605 28.74 -15.44 -8.30
CA GLY D 605 28.86 -14.28 -7.45
C GLY D 605 28.10 -14.43 -6.15
N PRO D 606 28.66 -13.91 -5.05
CA PRO D 606 27.98 -14.01 -3.76
C PRO D 606 26.77 -13.09 -3.64
N ASP D 607 26.65 -12.09 -4.52
CA ASP D 607 25.50 -11.19 -4.48
C ASP D 607 24.20 -11.94 -4.74
N CYS D 608 24.20 -12.84 -5.73
CA CYS D 608 23.08 -13.73 -5.97
C CYS D 608 23.39 -15.06 -5.27
N CYS D 609 23.24 -15.04 -3.94
CA CYS D 609 23.61 -16.17 -3.08
C CYS D 609 22.57 -17.28 -3.23
N ILE D 610 22.71 -18.03 -4.33
CA ILE D 610 21.94 -19.24 -4.58
C ILE D 610 22.90 -20.42 -4.62
N GLU D 611 22.37 -21.63 -4.79
CA GLU D 611 23.25 -22.79 -4.78
C GLU D 611 23.12 -23.57 -6.09
N PRO D 612 24.21 -24.17 -6.57
CA PRO D 612 24.12 -25.05 -7.74
C PRO D 612 23.74 -26.47 -7.34
N HIS D 613 22.60 -26.95 -7.85
CA HIS D 613 22.10 -28.29 -7.55
C HIS D 613 21.98 -28.54 -6.05
N GLN E 1 28.69 18.82 17.19
CA GLN E 1 29.79 19.48 17.91
C GLN E 1 30.63 18.45 18.65
N VAL E 2 31.70 18.94 19.30
CA VAL E 2 32.59 18.15 20.16
C VAL E 2 33.54 17.35 19.26
N GLN E 3 34.82 17.72 19.27
CA GLN E 3 35.83 17.02 18.51
C GLN E 3 36.51 15.98 19.38
N LEU E 4 36.92 14.87 18.77
CA LEU E 4 37.53 13.76 19.48
C LEU E 4 38.90 13.45 18.88
N GLN E 5 39.78 12.90 19.71
CA GLN E 5 41.17 12.65 19.33
C GLN E 5 41.66 11.42 20.08
N GLU E 6 41.80 10.30 19.38
CA GLU E 6 42.30 9.08 19.99
C GLU E 6 43.82 9.03 19.93
N SER E 7 44.39 8.20 20.80
CA SER E 7 45.82 7.98 20.85
C SER E 7 46.09 6.70 21.62
N GLY E 8 47.32 6.21 21.50
CA GLY E 8 47.75 5.03 22.23
C GLY E 8 47.79 3.75 21.43
N GLY E 9 47.42 3.78 20.15
CA GLY E 9 47.48 2.58 19.33
C GLY E 9 48.92 2.19 19.00
N GLY E 10 49.06 0.95 18.54
CA GLY E 10 50.38 0.46 18.20
C GLY E 10 50.36 -1.03 17.94
N VAL E 11 51.52 -1.65 18.05
CA VAL E 11 51.70 -3.08 17.81
C VAL E 11 52.12 -3.74 19.12
N VAL E 12 51.42 -4.81 19.50
CA VAL E 12 51.67 -5.50 20.74
C VAL E 12 51.62 -7.01 20.48
N GLN E 13 52.40 -7.76 21.25
CA GLN E 13 52.40 -9.21 21.12
C GLN E 13 51.10 -9.79 21.67
N ALA E 14 50.82 -11.03 21.27
CA ALA E 14 49.63 -11.71 21.75
C ALA E 14 49.72 -11.95 23.25
N GLY E 15 48.59 -11.75 23.95
CA GLY E 15 48.56 -11.87 25.38
C GLY E 15 49.03 -10.66 26.15
N GLY E 16 49.42 -9.58 25.45
CA GLY E 16 49.88 -8.37 26.10
C GLY E 16 48.73 -7.46 26.48
N SER E 17 49.09 -6.25 26.93
CA SER E 17 48.13 -5.26 27.38
C SER E 17 48.32 -3.96 26.62
N LEU E 18 47.22 -3.23 26.42
CA LEU E 18 47.25 -1.96 25.72
C LEU E 18 46.16 -1.07 26.29
N ARG E 19 46.38 0.23 26.23
CA ARG E 19 45.42 1.20 26.75
C ARG E 19 45.27 2.34 25.77
N LEU E 20 44.03 2.69 25.45
CA LEU E 20 43.73 3.76 24.52
C LEU E 20 43.17 4.97 25.27
N SER E 21 43.13 6.11 24.57
CA SER E 21 42.63 7.34 25.15
C SER E 21 41.80 8.08 24.11
N CYS E 22 40.94 8.97 24.59
CA CYS E 22 40.08 9.75 23.70
C CYS E 22 39.73 11.05 24.42
N SER E 23 40.36 12.15 24.01
CA SER E 23 40.11 13.46 24.59
C SER E 23 39.09 14.22 23.77
N ALA E 24 38.14 14.85 24.45
CA ALA E 24 37.05 15.57 23.80
C ALA E 24 37.15 17.06 24.10
N SER E 25 36.89 17.88 23.09
CA SER E 25 36.89 19.33 23.26
C SER E 25 35.59 19.77 23.90
N GLY E 26 35.38 21.08 23.97
CA GLY E 26 34.18 21.62 24.58
C GLY E 26 34.24 21.60 26.10
N ARG E 27 33.14 22.05 26.71
CA ARG E 27 33.04 22.12 28.16
C ARG E 27 31.80 21.42 28.69
N THR E 28 31.07 20.69 27.85
CA THR E 28 29.91 19.91 28.27
C THR E 28 30.19 18.42 28.17
N PHE E 29 31.40 18.02 28.56
CA PHE E 29 31.80 16.62 28.45
C PHE E 29 30.93 15.73 29.34
N SER E 30 30.59 16.21 30.53
CA SER E 30 29.84 15.40 31.47
C SER E 30 28.41 15.12 31.03
N ASN E 31 27.94 15.78 29.98
CA ASN E 31 26.60 15.57 29.44
C ASN E 31 26.56 14.54 28.31
N TYR E 32 27.69 13.95 27.96
CA TYR E 32 27.79 13.07 26.80
C TYR E 32 28.20 11.66 27.23
N ALA E 33 27.72 10.69 26.47
CA ALA E 33 28.14 9.30 26.61
C ALA E 33 29.19 8.96 25.56
N MET E 34 30.12 8.10 25.94
CA MET E 34 31.21 7.70 25.06
C MET E 34 31.20 6.20 24.84
N ALA E 35 31.56 5.80 23.62
CA ALA E 35 31.60 4.40 23.25
C ALA E 35 32.76 4.18 22.31
N TRP E 36 33.23 2.93 22.24
CA TRP E 36 34.33 2.54 21.38
C TRP E 36 33.83 1.58 20.31
N PHE E 37 34.19 1.84 19.06
CA PHE E 37 33.83 0.99 17.94
C PHE E 37 35.10 0.49 17.27
N ARG E 38 35.05 -0.76 16.81
CA ARG E 38 36.17 -1.37 16.11
C ARG E 38 35.69 -1.94 14.78
N GLN E 39 36.57 -1.88 13.78
CA GLN E 39 36.26 -2.32 12.43
C GLN E 39 37.35 -3.26 11.97
N ALA E 40 37.03 -4.56 11.90
CA ALA E 40 37.99 -5.53 11.41
C ALA E 40 38.19 -5.35 9.90
N PRO E 41 39.35 -5.74 9.38
CA PRO E 41 39.58 -5.62 7.93
C PRO E 41 38.56 -6.42 7.14
N GLY E 42 37.91 -5.75 6.19
CA GLY E 42 36.87 -6.39 5.42
C GLY E 42 35.59 -6.64 6.17
N LYS E 43 35.35 -5.91 7.25
CA LYS E 43 34.17 -6.08 8.08
C LYS E 43 33.56 -4.72 8.39
N ASP E 44 32.32 -4.74 8.86
CA ASP E 44 31.62 -3.52 9.21
C ASP E 44 31.97 -3.07 10.62
N ARG E 45 31.61 -1.82 10.92
CA ARG E 45 31.85 -1.26 12.24
C ARG E 45 30.94 -1.91 13.27
N GLU E 46 31.48 -2.17 14.47
CA GLU E 46 30.73 -2.88 15.49
C GLU E 46 31.02 -2.26 16.86
N PHE E 47 30.13 -2.54 17.80
CA PHE E 47 30.18 -1.97 19.14
C PHE E 47 31.16 -2.75 20.02
N ALA E 48 31.91 -2.03 20.85
CA ALA E 48 32.86 -2.65 21.76
C ALA E 48 32.55 -2.38 23.22
N ALA E 49 32.40 -1.12 23.62
CA ALA E 49 32.18 -0.77 25.02
C ALA E 49 31.50 0.59 25.08
N GLY E 50 31.05 0.95 26.28
CA GLY E 50 30.34 2.21 26.46
C GLY E 50 30.24 2.59 27.92
N ILE E 51 29.73 3.80 28.14
CA ILE E 51 29.58 4.37 29.48
C ILE E 51 28.61 5.54 29.41
N ASN E 52 27.98 5.85 30.54
CA ASN E 52 27.00 6.93 30.58
C ASN E 52 27.67 8.30 30.67
N TYR E 53 26.85 9.30 30.96
CA TYR E 53 27.29 10.63 31.32
C TYR E 53 27.80 10.73 32.75
N ASN E 54 27.55 9.71 33.57
CA ASN E 54 28.01 9.71 34.96
C ASN E 54 28.78 8.46 35.36
N GLY E 55 29.01 7.52 34.44
CA GLY E 55 29.79 6.35 34.76
C GLY E 55 29.15 5.39 35.74
N GLU E 56 27.87 5.10 35.58
CA GLU E 56 27.18 4.15 36.45
C GLU E 56 26.55 2.99 35.70
N ARG E 57 26.75 2.91 34.38
CA ARG E 57 26.24 1.78 33.59
C ARG E 57 27.17 1.60 32.40
N THR E 58 28.02 0.58 32.47
CA THR E 58 28.94 0.24 31.38
C THR E 58 28.46 -1.03 30.71
N ALA E 59 28.46 -1.02 29.38
CA ALA E 59 28.01 -2.17 28.59
C ALA E 59 29.16 -2.64 27.70
N TYR E 60 29.32 -3.95 27.61
CA TYR E 60 30.38 -4.56 26.83
C TYR E 60 29.80 -5.58 25.86
N ALA E 61 30.46 -5.72 24.71
CA ALA E 61 30.08 -6.76 23.79
C ALA E 61 30.48 -8.13 24.33
N ASP E 62 29.81 -9.16 23.83
CA ASP E 62 30.08 -10.52 24.33
C ASP E 62 31.50 -10.97 24.00
N SER E 63 32.03 -10.54 22.86
CA SER E 63 33.37 -10.95 22.46
C SER E 63 34.43 -10.43 23.42
N VAL E 64 34.28 -9.21 23.92
CA VAL E 64 35.29 -8.55 24.74
C VAL E 64 34.91 -8.49 26.20
N LYS E 65 33.79 -9.09 26.59
CA LYS E 65 33.34 -9.01 27.97
C LYS E 65 34.32 -9.74 28.90
N GLY E 66 34.73 -9.05 29.97
CA GLY E 66 35.64 -9.60 30.94
C GLY E 66 37.10 -9.27 30.69
N ARG E 67 37.45 -8.90 29.45
CA ARG E 67 38.82 -8.54 29.12
C ARG E 67 39.03 -7.04 29.00
N PHE E 68 38.01 -6.29 28.60
CA PHE E 68 38.11 -4.85 28.41
C PHE E 68 37.39 -4.13 29.54
N THR E 69 38.00 -3.05 30.04
CA THR E 69 37.38 -2.18 31.02
C THR E 69 37.45 -0.75 30.51
N ILE E 70 36.33 -0.02 30.66
CA ILE E 70 36.22 1.34 30.16
C ILE E 70 35.95 2.26 31.34
N SER E 71 36.61 3.42 31.34
CA SER E 71 36.44 4.40 32.40
C SER E 71 36.59 5.79 31.81
N ARG E 72 36.11 6.78 32.56
CA ARG E 72 36.15 8.17 32.12
C ARG E 72 36.63 9.05 33.25
N ASP E 73 37.21 10.19 32.88
CA ASP E 73 37.72 11.19 33.83
C ASP E 73 37.16 12.54 33.41
N ASP E 74 36.11 12.99 34.10
CA ASP E 74 35.45 14.24 33.73
C ASP E 74 36.34 15.46 33.94
N ALA E 75 37.35 15.36 34.80
CA ALA E 75 38.24 16.50 35.05
C ALA E 75 39.24 16.72 33.93
N LYS E 76 39.45 15.73 33.06
CA LYS E 76 40.39 15.84 31.95
C LYS E 76 39.72 15.70 30.59
N ASN E 77 38.41 15.49 30.55
CA ASN E 77 37.67 15.34 29.29
C ASN E 77 38.23 14.19 28.44
N THR E 78 38.58 13.08 29.09
CA THR E 78 39.13 11.93 28.42
C THR E 78 38.42 10.65 28.89
N VAL E 79 38.44 9.65 28.01
CA VAL E 79 37.97 8.32 28.34
C VAL E 79 39.07 7.33 27.96
N TYR E 80 39.05 6.18 28.63
CA TYR E 80 40.08 5.17 28.46
C TYR E 80 39.46 3.81 28.20
N LEU E 81 40.21 2.96 27.52
CA LEU E 81 39.81 1.58 27.25
C LEU E 81 41.00 0.69 27.55
N GLN E 82 40.99 0.05 28.72
CA GLN E 82 42.06 -0.85 29.10
C GLN E 82 41.84 -2.22 28.47
N MET E 83 42.87 -2.73 27.78
CA MET E 83 42.79 -3.98 27.06
C MET E 83 43.73 -4.99 27.70
N ASN E 84 43.20 -6.16 28.03
CA ASN E 84 43.99 -7.22 28.66
C ASN E 84 43.73 -8.53 27.93
N SER E 85 44.76 -9.38 27.91
CA SER E 85 44.70 -10.70 27.28
C SER E 85 44.26 -10.59 25.82
N LEU E 86 45.01 -9.81 25.06
CA LEU E 86 44.70 -9.59 23.66
C LEU E 86 44.88 -10.87 22.85
N LYS E 87 44.08 -11.00 21.80
CA LYS E 87 44.03 -12.17 20.95
C LYS E 87 44.17 -11.75 19.50
N PRO E 88 44.64 -12.65 18.63
CA PRO E 88 44.92 -12.25 17.24
C PRO E 88 43.71 -11.71 16.48
N GLU E 89 42.49 -12.06 16.89
CA GLU E 89 41.31 -11.56 16.20
C GLU E 89 40.86 -10.19 16.70
N ASP E 90 41.60 -9.59 17.63
CA ASP E 90 41.29 -8.24 18.10
C ASP E 90 41.91 -7.16 17.23
N THR E 91 42.66 -7.52 16.19
CA THR E 91 43.27 -6.53 15.31
C THR E 91 42.19 -5.84 14.49
N ALA E 92 42.07 -4.53 14.65
CA ALA E 92 41.06 -3.75 13.94
C ALA E 92 41.43 -2.27 14.11
N VAL E 93 40.58 -1.39 13.61
CA VAL E 93 40.73 0.05 13.77
C VAL E 93 39.72 0.50 14.80
N TYR E 94 40.20 0.98 15.94
CA TYR E 94 39.33 1.34 17.04
C TYR E 94 38.97 2.82 16.96
N SER E 95 37.67 3.11 17.02
CA SER E 95 37.15 4.45 16.82
C SER E 95 36.44 4.92 18.08
N CYS E 96 36.49 6.23 18.30
CA CYS E 96 35.87 6.86 19.45
C CYS E 96 34.62 7.61 19.01
N ALA E 97 33.53 7.43 19.76
CA ALA E 97 32.25 8.04 19.40
C ALA E 97 31.66 8.73 20.62
N ALA E 98 30.88 9.77 20.36
CA ALA E 98 30.22 10.52 21.42
C ALA E 98 28.76 10.73 21.06
N ARG E 99 27.90 10.77 22.09
CA ARG E 99 26.43 10.94 21.87
C ARG E 99 25.80 11.48 23.15
N PRO E 100 24.60 12.09 23.12
CA PRO E 100 24.02 12.66 24.33
C PRO E 100 23.62 11.66 25.42
N TRP E 101 23.47 12.12 26.66
CA TRP E 101 23.19 11.22 27.82
C TRP E 101 22.43 9.97 27.42
N SER E 102 23.05 8.80 27.54
CA SER E 102 22.41 7.48 27.25
C SER E 102 23.50 6.47 26.95
N ILE E 103 23.16 5.40 26.23
CA ILE E 103 24.17 4.38 25.79
C ILE E 103 23.46 3.61 24.68
N ALA E 104 24.10 3.43 23.54
CA ALA E 104 23.48 2.85 22.35
C ALA E 104 24.44 1.89 21.67
N ASN E 105 23.88 0.95 20.92
CA ASN E 105 24.64 -0.05 20.18
C ASN E 105 24.79 0.29 18.71
N LEU E 106 23.73 0.76 18.06
CA LEU E 106 23.79 1.08 16.64
C LEU E 106 24.63 2.32 16.41
N ALA E 107 25.39 2.31 15.32
CA ALA E 107 26.36 3.38 15.06
C ALA E 107 25.72 4.64 14.49
N TYR E 108 24.47 4.56 14.02
CA TYR E 108 23.84 5.72 13.39
C TYR E 108 23.21 6.67 14.38
N THR E 109 23.23 6.35 15.68
CA THR E 109 22.66 7.20 16.71
C THR E 109 23.69 8.11 17.37
N TYR E 110 24.93 8.10 16.89
CA TYR E 110 26.01 8.86 17.52
C TYR E 110 26.28 10.14 16.76
N ASP E 111 26.63 11.19 17.50
CA ASP E 111 26.79 12.52 16.95
C ASP E 111 28.19 12.76 16.40
N SER E 112 29.20 12.62 17.25
CA SER E 112 30.57 12.94 16.91
C SER E 112 31.40 11.66 16.81
N TRP E 113 32.32 11.65 15.85
CA TRP E 113 33.21 10.51 15.64
C TRP E 113 34.65 10.99 15.55
N GLY E 114 35.57 10.13 15.97
CA GLY E 114 36.98 10.36 15.75
C GLY E 114 37.48 9.63 14.52
N GLN E 115 38.70 9.97 14.12
CA GLN E 115 39.28 9.33 12.93
C GLN E 115 39.74 7.90 13.20
N GLY E 116 39.93 7.53 14.46
CA GLY E 116 40.29 6.16 14.76
C GLY E 116 41.79 5.94 14.83
N THR E 117 42.16 4.87 15.50
CA THR E 117 43.56 4.47 15.66
C THR E 117 43.71 2.99 15.31
N GLN E 118 44.91 2.62 14.90
CA GLN E 118 45.18 1.27 14.45
C GLN E 118 45.80 0.44 15.58
N VAL E 119 45.20 -0.71 15.85
CA VAL E 119 45.73 -1.66 16.82
C VAL E 119 45.98 -2.97 16.11
N THR E 120 47.23 -3.42 16.10
CA THR E 120 47.63 -4.65 15.43
C THR E 120 48.35 -5.54 16.45
N VAL E 121 47.87 -6.76 16.61
CA VAL E 121 48.47 -7.73 17.51
C VAL E 121 49.05 -8.87 16.69
N SER E 122 50.28 -9.26 17.02
CA SER E 122 51.03 -10.24 16.26
C SER E 122 51.06 -11.57 17.01
N SER E 123 50.82 -12.66 16.28
CA SER E 123 50.84 -14.00 16.86
C SER E 123 52.25 -14.40 17.29
N GLN F 1 -14.11 13.27 -34.81
CA GLN F 1 -12.70 13.51 -35.15
C GLN F 1 -12.53 13.71 -36.66
N VAL F 2 -11.31 13.53 -37.15
CA VAL F 2 -10.99 13.77 -38.55
C VAL F 2 -10.46 12.48 -39.17
N GLN F 3 -10.55 12.40 -40.49
CA GLN F 3 -10.05 11.27 -41.26
C GLN F 3 -8.79 11.68 -42.00
N LEU F 4 -7.78 10.83 -41.97
CA LEU F 4 -6.47 11.14 -42.55
C LEU F 4 -6.14 10.16 -43.66
N GLN F 5 -5.38 10.63 -44.63
CA GLN F 5 -5.04 9.85 -45.83
C GLN F 5 -3.67 10.29 -46.32
N GLU F 6 -2.67 9.43 -46.15
CA GLU F 6 -1.33 9.74 -46.62
C GLU F 6 -1.16 9.38 -48.08
N SER F 7 -0.13 9.96 -48.69
CA SER F 7 0.22 9.66 -50.08
C SER F 7 1.65 10.15 -50.32
N GLY F 8 2.23 9.69 -51.42
CA GLY F 8 3.55 10.12 -51.83
C GLY F 8 4.69 9.17 -51.51
N GLY F 9 4.41 8.05 -50.87
CA GLY F 9 5.47 7.09 -50.59
C GLY F 9 5.93 6.36 -51.83
N GLY F 10 7.08 5.72 -51.72
CA GLY F 10 7.65 5.00 -52.85
C GLY F 10 9.07 4.57 -52.58
N VAL F 11 9.79 4.31 -53.66
CA VAL F 11 11.18 3.84 -53.61
C VAL F 11 12.07 4.96 -54.14
N VAL F 12 13.13 5.28 -53.38
CA VAL F 12 14.05 6.34 -53.71
C VAL F 12 15.47 5.84 -53.48
N GLN F 13 16.43 6.45 -54.17
CA GLN F 13 17.83 6.15 -53.99
C GLN F 13 18.40 6.94 -52.81
N ALA F 14 19.53 6.46 -52.30
CA ALA F 14 20.19 7.14 -51.19
C ALA F 14 20.64 8.53 -51.61
N GLY F 15 20.44 9.50 -50.72
CA GLY F 15 20.76 10.88 -51.02
C GLY F 15 19.70 11.62 -51.81
N GLY F 16 18.58 10.97 -52.15
CA GLY F 16 17.53 11.61 -52.90
C GLY F 16 16.57 12.37 -52.02
N SER F 17 15.49 12.86 -52.65
CA SER F 17 14.49 13.66 -51.96
C SER F 17 13.11 13.05 -52.17
N LEU F 18 12.25 13.24 -51.17
CA LEU F 18 10.90 12.71 -51.21
C LEU F 18 10.00 13.63 -50.40
N ARG F 19 8.73 13.70 -50.79
CA ARG F 19 7.76 14.56 -50.12
C ARG F 19 6.46 13.78 -49.90
N LEU F 20 5.94 13.83 -48.68
CA LEU F 20 4.71 13.15 -48.32
C LEU F 20 3.59 14.16 -48.14
N SER F 21 2.36 13.64 -48.07
CA SER F 21 1.18 14.47 -47.89
C SER F 21 0.21 13.78 -46.96
N CYS F 22 -0.69 14.56 -46.36
CA CYS F 22 -1.69 14.02 -45.45
C CYS F 22 -2.88 14.98 -45.45
N SER F 23 -3.95 14.57 -46.12
CA SER F 23 -5.16 15.37 -46.22
C SER F 23 -6.16 14.95 -45.14
N ALA F 24 -6.74 15.92 -44.47
CA ALA F 24 -7.66 15.68 -43.37
C ALA F 24 -9.06 16.15 -43.74
N SER F 25 -10.07 15.37 -43.36
CA SER F 25 -11.45 15.72 -43.60
C SER F 25 -11.93 16.70 -42.54
N GLY F 26 -13.23 16.97 -42.51
CA GLY F 26 -13.78 17.91 -41.57
C GLY F 26 -13.55 19.35 -41.98
N ARG F 27 -14.01 20.27 -41.11
CA ARG F 27 -13.87 21.70 -41.37
C ARG F 27 -13.23 22.43 -40.20
N THR F 28 -12.65 21.69 -39.25
CA THR F 28 -11.95 22.27 -38.11
C THR F 28 -10.47 21.89 -38.14
N PHE F 29 -9.88 21.93 -39.33
CA PHE F 29 -8.48 21.53 -39.46
C PHE F 29 -7.55 22.49 -38.73
N SER F 30 -7.89 23.78 -38.71
CA SER F 30 -7.02 24.77 -38.10
C SER F 30 -6.98 24.65 -36.58
N ASN F 31 -7.85 23.86 -35.97
CA ASN F 31 -7.84 23.63 -34.53
C ASN F 31 -7.05 22.41 -34.12
N TYR F 32 -6.44 21.70 -35.06
CA TYR F 32 -5.75 20.46 -34.79
C TYR F 32 -4.27 20.59 -35.11
N ALA F 33 -3.45 19.86 -34.35
CA ALA F 33 -2.02 19.75 -34.62
C ALA F 33 -1.73 18.40 -35.27
N MET F 34 -0.78 18.42 -36.20
CA MET F 34 -0.46 17.24 -36.99
C MET F 34 1.01 16.87 -36.78
N ALA F 35 1.26 15.57 -36.65
CA ALA F 35 2.60 15.05 -36.44
C ALA F 35 2.80 13.81 -37.29
N TRP F 36 4.06 13.50 -37.58
CA TRP F 36 4.42 12.35 -38.38
C TRP F 36 5.16 11.34 -37.51
N PHE F 37 4.74 10.08 -37.59
CA PHE F 37 5.38 8.99 -36.88
C PHE F 37 5.92 7.98 -37.88
N ARG F 38 7.05 7.37 -37.54
CA ARG F 38 7.65 6.35 -38.37
C ARG F 38 7.96 5.12 -37.52
N GLN F 39 7.85 3.95 -38.15
CA GLN F 39 8.05 2.68 -37.46
C GLN F 39 9.00 1.82 -38.30
N ALA F 40 10.22 1.65 -37.82
CA ALA F 40 11.19 0.81 -38.51
C ALA F 40 10.79 -0.66 -38.35
N PRO F 41 11.20 -1.52 -39.28
CA PRO F 41 10.87 -2.94 -39.16
C PRO F 41 11.44 -3.52 -37.87
N GLY F 42 10.57 -4.20 -37.12
CA GLY F 42 10.98 -4.77 -35.85
C GLY F 42 11.20 -3.76 -34.75
N LYS F 43 10.64 -2.55 -34.88
CA LYS F 43 10.81 -1.49 -33.90
C LYS F 43 9.45 -0.87 -33.58
N ASP F 44 9.42 -0.10 -32.50
CA ASP F 44 8.19 0.56 -32.09
C ASP F 44 8.02 1.89 -32.81
N ARG F 45 6.80 2.42 -32.74
CA ARG F 45 6.49 3.70 -33.36
C ARG F 45 7.19 4.82 -32.60
N GLU F 46 7.73 5.79 -33.35
CA GLU F 46 8.49 6.88 -32.76
C GLU F 46 8.15 8.19 -33.44
N PHE F 47 8.39 9.28 -32.71
CA PHE F 47 8.07 10.62 -33.18
C PHE F 47 9.10 11.10 -34.20
N ALA F 48 8.62 11.80 -35.23
CA ALA F 48 9.48 12.34 -36.27
C ALA F 48 9.43 13.86 -36.36
N ALA F 49 8.23 14.44 -36.51
CA ALA F 49 8.09 15.88 -36.65
C ALA F 49 6.67 16.28 -36.27
N GLY F 50 6.45 17.59 -36.17
CA GLY F 50 5.15 18.07 -35.77
C GLY F 50 5.01 19.56 -36.02
N ILE F 51 3.79 20.06 -35.81
CA ILE F 51 3.45 21.46 -36.02
C ILE F 51 2.23 21.80 -35.19
N ASN F 52 2.04 23.09 -34.91
CA ASN F 52 0.94 23.56 -34.09
C ASN F 52 -0.33 23.68 -34.91
N TYR F 53 -1.34 24.33 -34.31
CA TYR F 53 -2.57 24.67 -34.96
C TYR F 53 -2.47 25.95 -35.80
N ASN F 54 -1.35 26.67 -35.70
CA ASN F 54 -1.16 27.88 -36.49
C ASN F 54 0.24 28.00 -37.07
N GLY F 55 1.00 26.91 -37.17
CA GLY F 55 2.37 26.97 -37.59
C GLY F 55 3.30 27.25 -36.44
N GLU F 56 3.78 28.50 -36.35
CA GLU F 56 4.66 28.97 -35.29
C GLU F 56 5.70 27.93 -34.86
N ARG F 57 5.44 27.22 -33.76
CA ARG F 57 6.41 26.27 -33.23
C ARG F 57 6.33 24.95 -33.97
N THR F 58 7.47 24.46 -34.44
CA THR F 58 7.62 23.15 -35.05
C THR F 58 8.73 22.40 -34.35
N ALA F 59 8.51 21.12 -34.06
CA ALA F 59 9.48 20.31 -33.35
C ALA F 59 9.94 19.16 -34.23
N TYR F 60 11.21 18.78 -34.10
CA TYR F 60 11.81 17.70 -34.86
C TYR F 60 12.57 16.78 -33.92
N ALA F 61 12.65 15.51 -34.30
CA ALA F 61 13.48 14.57 -33.57
C ALA F 61 14.95 14.83 -33.83
N ASP F 62 15.80 14.34 -32.93
CA ASP F 62 17.23 14.56 -33.06
C ASP F 62 17.80 13.87 -34.30
N SER F 63 17.27 12.69 -34.63
CA SER F 63 17.80 11.92 -35.75
C SER F 63 17.55 12.61 -37.09
N VAL F 64 16.48 13.39 -37.19
CA VAL F 64 16.06 13.97 -38.45
C VAL F 64 16.16 15.48 -38.47
N LYS F 65 16.69 16.10 -37.42
CA LYS F 65 16.78 17.55 -37.37
C LYS F 65 17.73 18.07 -38.44
N GLY F 66 17.28 19.06 -39.19
CA GLY F 66 18.06 19.67 -40.24
C GLY F 66 17.83 19.08 -41.62
N ARG F 67 17.28 17.87 -41.69
CA ARG F 67 17.00 17.22 -42.96
C ARG F 67 15.52 17.24 -43.33
N PHE F 68 14.63 17.22 -42.35
CA PHE F 68 13.19 17.21 -42.59
C PHE F 68 12.60 18.56 -42.27
N THR F 69 11.70 19.03 -43.13
CA THR F 69 10.92 20.24 -42.88
C THR F 69 9.45 19.92 -43.01
N ILE F 70 8.64 20.42 -42.09
CA ILE F 70 7.22 20.15 -42.04
C ILE F 70 6.46 21.47 -42.20
N SER F 71 5.39 21.44 -42.99
CA SER F 71 4.58 22.62 -43.22
C SER F 71 3.13 22.20 -43.42
N ARG F 72 2.23 23.16 -43.26
CA ARG F 72 0.81 22.90 -43.39
C ARG F 72 0.16 23.99 -44.23
N ASP F 73 -0.96 23.63 -44.86
CA ASP F 73 -1.73 24.55 -45.70
C ASP F 73 -3.18 24.45 -45.27
N ASP F 74 -3.64 25.42 -44.47
CA ASP F 74 -4.99 25.38 -43.94
C ASP F 74 -6.05 25.52 -45.01
N ALA F 75 -5.71 26.10 -46.17
CA ALA F 75 -6.69 26.26 -47.24
C ALA F 75 -6.99 24.95 -47.96
N LYS F 76 -6.11 23.95 -47.85
CA LYS F 76 -6.32 22.67 -48.51
C LYS F 76 -6.44 21.51 -47.53
N ASN F 77 -6.36 21.78 -46.23
CA ASN F 77 -6.47 20.74 -45.19
C ASN F 77 -5.44 19.64 -45.39
N THR F 78 -4.20 20.04 -45.70
CA THR F 78 -3.12 19.10 -45.93
C THR F 78 -1.87 19.54 -45.17
N VAL F 79 -1.04 18.57 -44.81
CA VAL F 79 0.27 18.82 -44.25
C VAL F 79 1.30 18.07 -45.08
N TYR F 80 2.53 18.56 -45.06
CA TYR F 80 3.59 18.01 -45.87
C TYR F 80 4.82 17.73 -45.02
N LEU F 81 5.63 16.78 -45.48
CA LEU F 81 6.90 16.46 -44.84
C LEU F 81 7.95 16.34 -45.95
N GLN F 82 8.76 17.39 -46.11
CA GLN F 82 9.81 17.40 -47.11
C GLN F 82 11.02 16.64 -46.57
N MET F 83 11.43 15.61 -47.29
CA MET F 83 12.49 14.72 -46.85
C MET F 83 13.70 14.88 -47.76
N ASN F 84 14.83 15.26 -47.18
CA ASN F 84 16.04 15.55 -47.94
C ASN F 84 17.23 14.80 -47.35
N SER F 85 18.19 14.49 -48.22
CA SER F 85 19.41 13.77 -47.84
C SER F 85 19.06 12.47 -47.13
N LEU F 86 18.29 11.64 -47.84
CA LEU F 86 17.81 10.39 -47.26
C LEU F 86 18.97 9.42 -47.03
N LYS F 87 18.80 8.58 -46.02
CA LYS F 87 19.82 7.65 -45.57
C LYS F 87 19.22 6.25 -45.43
N PRO F 88 20.04 5.21 -45.53
CA PRO F 88 19.48 3.84 -45.56
C PRO F 88 18.65 3.47 -44.35
N GLU F 89 18.94 4.03 -43.17
CA GLU F 89 18.20 3.70 -41.97
C GLU F 89 16.92 4.52 -41.81
N ASP F 90 16.48 5.19 -42.87
CA ASP F 90 15.20 5.89 -42.87
C ASP F 90 14.06 5.04 -43.39
N THR F 91 14.32 3.79 -43.74
CA THR F 91 13.26 2.90 -44.22
C THR F 91 12.31 2.57 -43.08
N ALA F 92 11.05 2.95 -43.22
CA ALA F 92 10.05 2.72 -42.20
C ALA F 92 8.68 2.97 -42.81
N VAL F 93 7.64 2.78 -42.01
CA VAL F 93 6.27 3.09 -42.40
C VAL F 93 5.90 4.41 -41.74
N TYR F 94 5.72 5.45 -42.54
CA TYR F 94 5.45 6.78 -42.02
C TYR F 94 3.94 6.96 -41.83
N SER F 95 3.55 7.37 -40.63
CA SER F 95 2.16 7.48 -40.25
C SER F 95 1.82 8.93 -39.93
N CYS F 96 0.58 9.31 -40.23
CA CYS F 96 0.09 10.65 -40.00
C CYS F 96 -0.88 10.65 -38.82
N ALA F 97 -0.67 11.57 -37.89
CA ALA F 97 -1.48 11.64 -36.68
C ALA F 97 -1.97 13.07 -36.48
N ALA F 98 -3.05 13.20 -35.70
CA ALA F 98 -3.59 14.55 -35.37
C ALA F 98 -4.12 14.59 -33.94
N ARG F 99 -4.00 15.73 -33.26
CA ARG F 99 -4.48 15.87 -31.86
C ARG F 99 -4.92 17.32 -31.64
N PRO F 100 -5.74 17.63 -30.63
CA PRO F 100 -6.24 18.99 -30.44
C PRO F 100 -5.29 19.89 -29.69
N TRP F 101 -4.71 20.92 -30.34
CA TRP F 101 -3.81 21.92 -29.71
C TRP F 101 -2.45 21.33 -29.33
N SER F 102 -1.36 22.01 -29.68
CA SER F 102 0.00 21.60 -29.19
C SER F 102 0.53 20.31 -29.83
N ILE F 103 1.84 20.26 -30.04
CA ILE F 103 2.48 19.03 -30.57
C ILE F 103 2.90 18.19 -29.37
N ALA F 104 2.73 16.86 -29.43
CA ALA F 104 3.09 15.99 -28.31
C ALA F 104 4.01 14.88 -28.81
N ASN F 105 4.88 14.36 -27.96
CA ASN F 105 5.81 13.33 -28.40
C ASN F 105 5.25 11.93 -28.25
N LEU F 106 4.61 11.64 -27.12
CA LEU F 106 4.08 10.31 -26.87
C LEU F 106 2.91 10.00 -27.80
N ALA F 107 2.84 8.77 -28.26
CA ALA F 107 1.87 8.38 -29.27
C ALA F 107 0.48 8.11 -28.72
N TYR F 108 0.33 7.96 -27.40
CA TYR F 108 -0.98 7.63 -26.85
C TYR F 108 -1.87 8.85 -26.65
N THR F 109 -1.38 10.06 -26.90
CA THR F 109 -2.15 11.28 -26.70
C THR F 109 -2.89 11.73 -27.96
N TYR F 110 -2.73 11.03 -29.08
CA TYR F 110 -3.28 11.46 -30.35
C TYR F 110 -4.63 10.80 -30.59
N ASP F 111 -5.55 11.57 -31.20
CA ASP F 111 -6.91 11.11 -31.41
C ASP F 111 -7.08 10.35 -32.72
N SER F 112 -6.62 10.90 -33.83
CA SER F 112 -6.83 10.33 -35.15
C SER F 112 -5.51 9.84 -35.71
N TRP F 113 -5.56 8.69 -36.40
CA TRP F 113 -4.39 8.11 -37.03
C TRP F 113 -4.73 7.73 -38.46
N GLY F 114 -3.72 7.80 -39.32
CA GLY F 114 -3.84 7.28 -40.67
C GLY F 114 -3.30 5.87 -40.79
N GLN F 115 -3.57 5.26 -41.95
CA GLN F 115 -3.11 3.89 -42.19
C GLN F 115 -1.61 3.82 -42.45
N GLY F 116 -0.99 4.93 -42.83
CA GLY F 116 0.44 4.94 -43.06
C GLY F 116 0.82 4.61 -44.49
N THR F 117 2.03 5.03 -44.85
CA THR F 117 2.58 4.78 -46.17
C THR F 117 3.99 4.21 -46.02
N GLN F 118 4.42 3.48 -47.05
CA GLN F 118 5.71 2.80 -47.02
C GLN F 118 6.75 3.63 -47.77
N VAL F 119 7.84 3.93 -47.09
CA VAL F 119 8.99 4.62 -47.69
C VAL F 119 10.21 3.75 -47.50
N THR F 120 10.81 3.32 -48.60
CA THR F 120 12.02 2.53 -48.56
C THR F 120 13.06 3.15 -49.48
N VAL F 121 14.32 3.15 -49.02
CA VAL F 121 15.42 3.74 -49.76
C VAL F 121 16.47 2.66 -49.98
N SER F 122 16.97 2.58 -51.22
CA SER F 122 17.94 1.55 -51.59
C SER F 122 19.35 2.10 -51.52
N SER F 123 20.26 1.28 -51.01
CA SER F 123 21.67 1.66 -50.89
C SER F 123 22.33 1.73 -52.26
C1 NAG G . -24.21 -18.72 1.30
C2 NAG G . -24.68 -17.67 2.32
C3 NAG G . -25.40 -18.37 3.48
C4 NAG G . -26.45 -19.35 2.98
C5 NAG G . -25.83 -20.30 1.95
C6 NAG G . -26.84 -21.24 1.34
C7 NAG G . -23.56 -15.55 2.76
C8 NAG G . -24.81 -14.89 2.27
N2 NAG G . -23.58 -16.87 2.82
O3 NAG G . -25.98 -17.38 4.31
O4 NAG G . -26.91 -20.16 4.06
O5 NAG G . -25.29 -19.52 0.88
O6 NAG G . -27.59 -20.60 0.30
O7 NAG G . -22.57 -14.90 3.10
C1 NAG G . -28.00 -19.72 4.81
C2 NAG G . -29.06 -20.81 4.88
C3 NAG G . -30.22 -20.38 5.78
C4 NAG G . -29.74 -19.81 7.11
C5 NAG G . -28.62 -18.80 6.88
C6 NAG G . -28.00 -18.31 8.17
C7 NAG G . -29.85 -22.36 3.15
C8 NAG G . -30.41 -22.48 1.77
N2 NAG G . -29.56 -21.12 3.56
O3 NAG G . -31.07 -21.49 5.99
O4 NAG G . -30.83 -19.12 7.70
O5 NAG G . -27.57 -19.41 6.12
O6 NAG G . -27.45 -19.41 8.90
O7 NAG G . -29.66 -23.33 3.87
C1 MAN G . -31.60 -19.67 8.72
C2 MAN G . -31.14 -19.08 10.02
C3 MAN G . -31.85 -19.77 11.17
C4 MAN G . -32.99 -20.62 10.66
C5 MAN G . -32.52 -21.66 9.64
C6 MAN G . -33.64 -22.13 8.73
O2 MAN G . -31.39 -17.68 10.01
O3 MAN G . -32.36 -18.78 12.04
O4 MAN G . -33.60 -21.30 11.76
O5 MAN G . -31.52 -21.09 8.78
O6 MAN G . -34.82 -22.44 9.47
C1 MAN G . -35.85 -21.50 9.31
C2 MAN G . -36.83 -21.65 10.45
C3 MAN G . -38.04 -22.48 10.07
C4 MAN G . -37.71 -23.47 8.96
C5 MAN G . -37.13 -22.78 7.71
C6 MAN G . -38.17 -22.44 6.66
O2 MAN G . -37.23 -20.36 10.90
O3 MAN G . -39.12 -21.64 9.69
O4 MAN G . -36.79 -24.46 9.44
O5 MAN G . -36.46 -21.55 8.04
O6 MAN G . -39.06 -21.38 7.08
C1 MAN G . -37.18 -25.32 10.47
C2 MAN G . -36.38 -25.06 11.73
C3 MAN G . -34.97 -25.62 11.65
C4 MAN G . -34.97 -27.05 11.16
C5 MAN G . -35.73 -27.14 9.85
C6 MAN G . -35.82 -28.54 9.31
O2 MAN G . -37.07 -25.61 12.86
O3 MAN G . -34.35 -25.54 12.93
O4 MAN G . -33.64 -27.50 10.97
O5 MAN G . -37.09 -26.69 10.06
O6 MAN G . -36.47 -28.57 8.05
C1 MAN G . -38.69 -20.09 6.69
C2 MAN G . -39.29 -19.13 7.69
C3 MAN G . -39.50 -17.77 7.04
C4 MAN G . -38.45 -17.52 5.98
C5 MAN G . -38.55 -18.56 4.86
C6 MAN G . -37.21 -18.93 4.29
O2 MAN G . -38.42 -19.03 8.82
O3 MAN G . -39.46 -16.75 8.04
O4 MAN G . -38.62 -16.23 5.43
O5 MAN G . -39.14 -19.77 5.38
O6 MAN G . -37.31 -20.07 3.44
C1 MAN G . -32.04 -18.91 13.39
C2 MAN G . -32.86 -17.88 14.12
C3 MAN G . -32.48 -16.49 13.65
C4 MAN G . -30.98 -16.26 13.81
C5 MAN G . -30.20 -17.38 13.14
C6 MAN G . -28.71 -17.32 13.41
O2 MAN G . -32.67 -18.01 15.53
O3 MAN G . -33.20 -15.53 14.40
O4 MAN G . -30.62 -15.03 13.20
O5 MAN G . -30.65 -18.67 13.62
O6 MAN G . -28.42 -17.68 14.76
C1 NAG H . 0.90 20.96 -21.90
C2 NAG H . -0.31 21.52 -21.15
C3 NAG H . -1.34 22.04 -22.15
C4 NAG H . -0.73 22.96 -23.19
C5 NAG H . 0.49 22.30 -23.81
C6 NAG H . 1.25 23.20 -24.76
C7 NAG H . -1.27 20.80 -19.04
C8 NAG H . -2.02 19.72 -18.32
N2 NAG H . -0.90 20.52 -20.28
O3 NAG H . -2.36 22.71 -21.41
O4 NAG H . -1.66 23.19 -24.25
O5 NAG H . 1.42 21.96 -22.76
O6 NAG H . 1.99 24.19 -24.06
O7 NAG H . -1.02 21.89 -18.52
C1 NAG H . -2.51 24.29 -24.19
C2 NAG H . -2.36 25.13 -25.46
C3 NAG H . -3.37 26.26 -25.46
C4 NAG H . -4.78 25.75 -25.18
C5 NAG H . -4.78 24.90 -23.91
C6 NAG H . -6.11 24.25 -23.64
C7 NAG H . -0.42 25.86 -26.75
C8 NAG H . 0.66 26.91 -26.77
N2 NAG H . -1.02 25.67 -25.58
O3 NAG H . -3.34 26.91 -26.73
O4 NAG H . -5.64 26.86 -25.00
O5 NAG H . -3.83 23.83 -24.07
O6 NAG H . -6.42 23.28 -24.64
O7 NAG H . -0.72 25.22 -27.75
C1 BMA H . -6.63 26.99 -25.96
C2 BMA H . -8.01 27.20 -25.42
C3 BMA H . -9.02 26.95 -26.53
C4 BMA H . -8.70 27.82 -27.74
C5 BMA H . -7.26 27.61 -28.16
C6 BMA H . -6.82 28.52 -29.29
O2 BMA H . -8.11 28.52 -24.89
O3 BMA H . -10.34 27.13 -26.03
O4 BMA H . -9.53 27.46 -28.83
O5 BMA H . -6.38 27.87 -27.06
O6 BMA H . -7.87 29.36 -29.74
C1 MAN H . -7.56 30.71 -29.62
C2 MAN H . -8.37 31.51 -30.60
C3 MAN H . -8.13 32.99 -30.39
C4 MAN H . -6.64 33.34 -30.21
C5 MAN H . -5.80 32.25 -29.52
C6 MAN H . -5.96 32.20 -28.02
O2 MAN H . -9.75 31.18 -30.50
O3 MAN H . -8.88 33.44 -29.26
O4 MAN H . -6.06 33.59 -31.50
O5 MAN H . -6.20 30.96 -29.96
O6 MAN H . -6.17 33.47 -27.39
C1 MAN H . -10.50 31.24 -31.66
C2 MAN H . -11.67 30.31 -31.48
C3 MAN H . -11.19 28.88 -31.30
C4 MAN H . -10.29 28.46 -32.44
C5 MAN H . -9.20 29.50 -32.72
C6 MAN H . -8.46 29.24 -34.01
O2 MAN H . -12.56 30.41 -32.58
O3 MAN H . -12.32 28.01 -31.20
O4 MAN H . -9.66 27.23 -32.11
O5 MAN H . -9.77 30.83 -32.82
O6 MAN H . -7.83 27.97 -34.00
C1 BMA H . -7.29 33.54 -26.54
C2 BMA H . -6.87 33.31 -25.10
C3 BMA H . -6.46 34.60 -24.43
C4 BMA H . -7.65 35.55 -24.37
C5 BMA H . -8.61 35.26 -25.50
C6 BMA H . -9.41 36.47 -25.92
O2 BMA H . -5.80 32.35 -25.05
O3 BMA H . -5.39 35.20 -25.14
O4 BMA H . -8.34 35.39 -23.13
O5 BMA H . -7.86 34.85 -26.66
O6 BMA H . -8.55 37.54 -26.31
C1 MAN H . -11.01 28.34 -26.26
C2 MAN H . -11.71 28.67 -24.96
C3 MAN H . -12.65 27.55 -24.57
C4 MAN H . -13.61 27.25 -25.71
C5 MAN H . -12.83 26.98 -26.99
C6 MAN H . -13.73 26.81 -28.20
O2 MAN H . -12.41 29.90 -25.08
O3 MAN H . -13.36 27.92 -23.40
O4 MAN H . -14.39 26.11 -25.40
O5 MAN H . -11.98 28.11 -27.27
O6 MAN H . -14.80 27.74 -28.18
C1 NAG I . 16.79 4.70 25.83
C2 NAG I . 15.74 5.80 26.05
C3 NAG I . 16.40 7.05 26.61
C4 NAG I . 17.20 6.73 27.86
C5 NAG I . 18.18 5.59 27.56
C6 NAG I . 18.88 5.11 28.79
C7 NAG I . 13.72 6.47 24.82
C8 NAG I . 13.13 6.76 23.47
N2 NAG I . 15.02 6.17 24.85
O3 NAG I . 15.38 8.00 26.87
O4 NAG I . 17.98 7.86 28.24
O5 NAG I . 17.45 4.46 27.05
O6 NAG I . 17.94 4.62 29.73
O7 NAG I . 13.04 6.51 25.85
C1 NAG I . 17.38 8.86 29.01
C2 NAG I . 18.30 9.20 30.19
C3 NAG I . 17.76 10.41 30.94
C4 NAG I . 17.45 11.55 29.98
C5 NAG I . 16.50 11.07 28.90
C6 NAG I . 16.17 12.12 27.88
C7 NAG I . 19.59 7.47 31.32
C8 NAG I . 19.60 6.47 32.42
N2 NAG I . 18.43 8.08 31.09
O3 NAG I . 18.73 10.80 31.90
O4 NAG I . 16.85 12.63 30.69
O5 NAG I . 17.14 9.99 28.19
O6 NAG I . 17.29 12.37 27.02
O7 NAG I . 20.60 7.72 30.66
C1 BMA I . 17.69 13.73 30.85
C2 BMA I . 16.94 15.03 30.89
C3 BMA I . 17.91 16.19 31.06
C4 BMA I . 18.82 15.94 32.24
C5 BMA I . 19.53 14.62 32.06
C6 BMA I . 20.44 14.27 33.20
O2 BMA I . 15.99 15.03 31.95
O3 BMA I . 17.18 17.40 31.25
O4 BMA I . 19.78 16.98 32.35
O5 BMA I . 18.54 13.58 31.98
O6 BMA I . 19.90 14.80 34.41
C1 MAN I . 20.27 14.08 35.55
C2 MAN I . 19.00 13.63 36.23
C3 MAN I . 18.17 14.81 36.66
C4 MAN I . 18.99 15.78 37.47
C5 MAN I . 20.25 16.17 36.70
C6 MAN I . 21.17 17.07 37.49
O2 MAN I . 19.30 12.80 37.34
O3 MAN I . 17.07 14.35 37.45
O4 MAN I . 18.24 16.95 37.75
O5 MAN I . 20.99 14.98 36.40
O6 MAN I . 21.78 18.04 36.64
C1 MAN I . 15.85 14.35 36.78
C2 MAN I . 15.03 15.49 37.33
C3 MAN I . 14.74 15.29 38.81
C4 MAN I . 14.13 13.92 39.04
C5 MAN I . 15.02 12.83 38.43
C6 MAN I . 14.42 11.45 38.54
O2 MAN I . 13.83 15.63 36.59
O3 MAN I . 13.86 16.30 39.26
O4 MAN I . 14.01 13.68 40.44
O5 MAN I . 15.18 13.11 37.04
O6 MAN I . 15.18 10.51 37.77
C1 MAN I . 17.24 18.26 30.16
C2 MAN I . 17.16 19.67 30.70
C3 MAN I . 15.98 20.41 30.11
C4 MAN I . 14.70 19.64 30.34
C5 MAN I . 14.86 18.20 29.87
C6 MAN I . 13.83 17.81 28.83
O2 MAN I . 18.38 20.36 30.42
O3 MAN I . 16.20 20.61 28.71
O4 MAN I . 14.38 19.64 31.72
O5 MAN I . 16.15 18.03 29.26
O6 MAN I . 14.15 16.56 28.24
C1 MAN J . 25.30 16.05 35.69
C2 MAN J . 24.70 15.20 36.78
C3 MAN J . 23.71 15.98 37.62
C4 MAN J . 23.26 17.21 36.86
C5 MAN J . 23.03 16.85 35.40
C6 MAN J . 22.42 17.98 34.60
O1 MAN J . 26.22 15.29 34.98
O2 MAN J . 25.74 14.63 37.58
O3 MAN J . 24.31 16.36 38.86
O5 MAN J . 24.30 16.55 34.78
O6 MAN J . 22.40 19.19 35.36
#